data_2LL8
#
_entry.id   2LL8
#
loop_
_entity.id
_entity.type
_entity.pdbx_description
1 polymer 'Specialized acyl carrier protein'
2 non-polymer "4'-PHOSPHOPANTETHEINE"
#
_entity_poly.entity_id   1
_entity_poly.type   'polypeptide(L)'
_entity_poly.pdbx_seq_one_letter_code
;MTSTFDRVATIIAETCDIPRETITPESHAIDDLGIDSLDFLDIAFAIDKAFGIKLPLEKWTQEVNDGKATTEQYFVLKNL
AARIDELVAAKGALEHHHHHH
;
_entity_poly.pdbx_strand_id   A
#
loop_
_chem_comp.id
_chem_comp.type
_chem_comp.name
_chem_comp.formula
PNS non-polymer 4'-PHOSPHOPANTETHEINE 'C11 H23 N2 O7 P S'
#
# COMPACT_ATOMS: atom_id res chain seq x y z
N MET A 1 -3.85 -10.34 -16.62
CA MET A 1 -4.20 -8.93 -16.35
C MET A 1 -4.54 -8.76 -14.87
N THR A 2 -3.61 -8.15 -14.12
CA THR A 2 -3.75 -7.85 -12.69
C THR A 2 -2.88 -6.62 -12.35
N SER A 3 -3.52 -5.53 -11.88
CA SER A 3 -2.83 -4.27 -11.55
C SER A 3 -2.21 -4.33 -10.15
N THR A 4 -1.47 -3.26 -9.75
CA THR A 4 -0.87 -3.12 -8.42
C THR A 4 -1.94 -3.26 -7.32
N PHE A 5 -3.10 -2.63 -7.55
CA PHE A 5 -4.27 -2.72 -6.65
C PHE A 5 -4.71 -4.18 -6.47
N ASP A 6 -4.81 -4.92 -7.58
CA ASP A 6 -5.30 -6.31 -7.60
C ASP A 6 -4.33 -7.24 -6.86
N ARG A 7 -3.02 -6.95 -6.99
CA ARG A 7 -1.95 -7.66 -6.25
C ARG A 7 -2.13 -7.45 -4.74
N VAL A 8 -2.28 -6.17 -4.36
CA VAL A 8 -2.53 -5.74 -2.96
C VAL A 8 -3.79 -6.43 -2.39
N ALA A 9 -4.86 -6.44 -3.20
CA ALA A 9 -6.18 -6.97 -2.83
C ALA A 9 -6.12 -8.50 -2.60
N THR A 10 -5.32 -9.19 -3.43
CA THR A 10 -5.02 -10.62 -3.25
C THR A 10 -4.29 -10.84 -1.92
N ILE A 11 -3.27 -10.00 -1.67
CA ILE A 11 -2.44 -10.03 -0.44
C ILE A 11 -3.29 -9.74 0.82
N ILE A 12 -4.32 -8.88 0.68
CA ILE A 12 -5.24 -8.55 1.78
C ILE A 12 -6.11 -9.79 2.12
N ALA A 13 -6.59 -10.47 1.05
CA ALA A 13 -7.34 -11.73 1.16
C ALA A 13 -6.49 -12.86 1.81
N GLU A 14 -5.19 -12.93 1.44
CA GLU A 14 -4.25 -13.92 1.99
C GLU A 14 -4.03 -13.70 3.50
N THR A 15 -3.77 -12.43 3.86
CA THR A 15 -3.29 -12.06 5.19
C THR A 15 -4.43 -11.94 6.23
N CYS A 16 -5.42 -11.07 5.95
CA CYS A 16 -6.45 -10.68 6.93
C CYS A 16 -7.83 -11.28 6.57
N ASP A 17 -7.87 -12.09 5.49
CA ASP A 17 -9.09 -12.72 4.94
C ASP A 17 -10.22 -11.69 4.72
N ILE A 18 -10.01 -10.82 3.73
CA ILE A 18 -11.01 -9.82 3.31
C ILE A 18 -11.41 -10.18 1.85
N PRO A 19 -12.75 -10.38 1.57
CA PRO A 19 -13.24 -10.87 0.25
C PRO A 19 -12.90 -9.90 -0.88
N ARG A 20 -12.25 -10.43 -1.94
CA ARG A 20 -11.81 -9.67 -3.12
C ARG A 20 -12.97 -8.85 -3.75
N GLU A 21 -14.19 -9.43 -3.71
CA GLU A 21 -15.42 -8.80 -4.24
C GLU A 21 -15.74 -7.50 -3.48
N THR A 22 -15.52 -7.52 -2.15
CA THR A 22 -15.82 -6.39 -1.26
C THR A 22 -14.58 -5.49 -1.06
N ILE A 23 -13.59 -5.61 -1.98
CA ILE A 23 -12.39 -4.76 -2.02
C ILE A 23 -12.47 -3.89 -3.31
N THR A 24 -12.83 -2.61 -3.15
CA THR A 24 -12.88 -1.62 -4.26
C THR A 24 -11.57 -0.81 -4.29
N PRO A 25 -11.15 -0.23 -5.47
CA PRO A 25 -9.93 0.62 -5.55
C PRO A 25 -10.04 1.88 -4.66
N GLU A 26 -11.27 2.35 -4.45
CA GLU A 26 -11.55 3.59 -3.71
C GLU A 26 -11.91 3.28 -2.23
N SER A 27 -11.59 2.05 -1.79
CA SER A 27 -11.83 1.59 -0.42
C SER A 27 -10.70 2.04 0.49
N HIS A 28 -11.04 2.39 1.73
CA HIS A 28 -10.06 2.71 2.77
C HIS A 28 -9.76 1.42 3.55
N ALA A 29 -8.51 0.92 3.48
CA ALA A 29 -8.08 -0.33 4.13
C ALA A 29 -8.45 -0.40 5.62
N ILE A 30 -8.41 0.75 6.33
CA ILE A 30 -8.56 0.77 7.79
C ILE A 30 -10.04 1.06 8.15
N ASP A 31 -10.64 2.07 7.48
CA ASP A 31 -12.00 2.56 7.81
C ASP A 31 -13.08 1.67 7.17
N ASP A 32 -12.93 1.40 5.87
CA ASP A 32 -13.94 0.69 5.06
C ASP A 32 -13.79 -0.84 5.19
N LEU A 33 -12.57 -1.36 4.95
CA LEU A 33 -12.29 -2.83 5.02
C LEU A 33 -12.21 -3.32 6.48
N GLY A 34 -12.08 -2.38 7.44
CA GLY A 34 -11.97 -2.70 8.86
C GLY A 34 -10.71 -3.49 9.20
N ILE A 35 -9.56 -3.00 8.72
CA ILE A 35 -8.25 -3.61 8.98
C ILE A 35 -7.46 -2.67 9.91
N ASP A 36 -6.98 -3.17 11.07
CA ASP A 36 -6.17 -2.35 12.01
C ASP A 36 -4.79 -2.10 11.39
N SER A 37 -4.10 -1.04 11.84
CA SER A 37 -2.77 -0.65 11.32
C SER A 37 -1.71 -1.75 11.53
N LEU A 38 -1.88 -2.58 12.59
CA LEU A 38 -1.01 -3.74 12.88
C LEU A 38 -1.24 -4.85 11.84
N ASP A 39 -2.52 -5.14 11.56
CA ASP A 39 -2.94 -6.10 10.52
C ASP A 39 -2.53 -5.60 9.13
N PHE A 40 -2.49 -4.27 9.00
CA PHE A 40 -2.09 -3.59 7.76
C PHE A 40 -0.57 -3.66 7.60
N LEU A 41 0.19 -3.78 8.73
CA LEU A 41 1.64 -4.04 8.69
C LEU A 41 1.90 -5.40 8.02
N ASP A 42 1.16 -6.43 8.44
CA ASP A 42 1.26 -7.80 7.86
C ASP A 42 0.95 -7.77 6.35
N ILE A 43 -0.06 -6.99 5.97
CA ILE A 43 -0.42 -6.78 4.56
C ILE A 43 0.71 -6.02 3.83
N ALA A 44 1.27 -4.98 4.47
CA ALA A 44 2.19 -4.01 3.82
C ALA A 44 3.59 -4.60 3.67
N PHE A 45 3.96 -5.51 4.61
CA PHE A 45 5.24 -6.26 4.56
C PHE A 45 5.13 -7.38 3.52
N ALA A 46 3.92 -7.95 3.35
CA ALA A 46 3.64 -8.95 2.31
C ALA A 46 3.71 -8.29 0.91
N ILE A 47 3.20 -7.04 0.82
CA ILE A 47 3.31 -6.19 -0.39
C ILE A 47 4.79 -5.83 -0.64
N ASP A 48 5.45 -5.40 0.43
CA ASP A 48 6.86 -4.92 0.43
C ASP A 48 7.78 -5.93 -0.25
N LYS A 49 7.71 -7.17 0.23
CA LYS A 49 8.54 -8.29 -0.23
C LYS A 49 8.09 -8.78 -1.62
N ALA A 50 6.76 -8.74 -1.88
CA ALA A 50 6.18 -9.15 -3.18
C ALA A 50 6.74 -8.32 -4.35
N PHE A 51 6.60 -6.99 -4.25
CA PHE A 51 7.05 -6.02 -5.30
C PHE A 51 8.58 -5.78 -5.23
N GLY A 52 9.24 -6.32 -4.18
CA GLY A 52 10.68 -6.12 -3.95
C GLY A 52 11.05 -4.67 -3.62
N ILE A 53 10.12 -3.93 -2.99
CA ILE A 53 10.31 -2.51 -2.64
C ILE A 53 10.37 -2.33 -1.12
N LYS A 54 10.33 -1.07 -0.66
CA LYS A 54 10.28 -0.73 0.76
C LYS A 54 9.26 0.38 0.99
N LEU A 55 8.15 0.04 1.68
CA LEU A 55 7.14 1.01 2.11
C LEU A 55 7.61 1.66 3.44
N PRO A 56 7.74 3.02 3.50
CA PRO A 56 7.96 3.74 4.77
C PRO A 56 6.63 3.87 5.53
N LEU A 57 6.12 2.73 6.02
CA LEU A 57 4.79 2.62 6.65
C LEU A 57 4.72 3.45 7.93
N GLU A 58 5.82 3.42 8.69
CA GLU A 58 5.95 4.14 9.96
C GLU A 58 5.88 5.66 9.71
N LYS A 59 6.54 6.07 8.63
CA LYS A 59 6.52 7.47 8.16
C LYS A 59 5.11 7.88 7.75
N TRP A 60 4.46 7.05 6.93
CA TRP A 60 3.11 7.30 6.40
C TRP A 60 2.09 7.43 7.54
N THR A 61 2.20 6.53 8.53
CA THR A 61 1.29 6.45 9.67
C THR A 61 1.55 7.60 10.65
N GLN A 62 2.82 8.08 10.75
CA GLN A 62 3.17 9.18 11.68
C GLN A 62 2.66 10.50 11.09
N GLU A 63 2.74 10.64 9.74
CA GLU A 63 2.24 11.81 9.01
C GLU A 63 0.70 11.91 9.13
N VAL A 64 0.06 10.76 8.94
CA VAL A 64 -1.40 10.60 9.08
C VAL A 64 -1.88 11.06 10.48
N ASN A 65 -1.30 10.47 11.55
CA ASN A 65 -1.70 10.78 12.94
C ASN A 65 -1.06 12.08 13.48
N ASP A 66 -0.16 12.73 12.71
CA ASP A 66 0.39 14.07 13.07
C ASP A 66 -0.42 15.19 12.38
N GLY A 67 -1.36 14.79 11.50
CA GLY A 67 -2.10 15.74 10.66
C GLY A 67 -1.29 16.36 9.52
N LYS A 68 -0.12 15.76 9.20
CA LYS A 68 0.68 16.15 8.01
C LYS A 68 -0.03 15.72 6.72
N ALA A 69 -0.62 14.51 6.76
CA ALA A 69 -1.35 13.90 5.64
C ALA A 69 -2.70 13.40 6.14
N THR A 70 -3.68 13.40 5.24
CA THR A 70 -4.99 12.76 5.47
C THR A 70 -4.82 11.23 5.42
N THR A 71 -5.66 10.50 6.17
CA THR A 71 -5.61 9.02 6.26
C THR A 71 -5.70 8.37 4.87
N GLU A 72 -6.78 8.73 4.14
CA GLU A 72 -7.07 8.28 2.76
C GLU A 72 -5.91 8.44 1.75
N GLN A 73 -5.03 9.44 1.97
CA GLN A 73 -3.91 9.75 1.06
C GLN A 73 -2.97 8.53 0.89
N TYR A 74 -2.83 7.73 1.96
CA TYR A 74 -1.99 6.52 1.98
C TYR A 74 -2.84 5.25 2.08
N PHE A 75 -4.01 5.33 2.75
CA PHE A 75 -4.77 4.13 3.14
C PHE A 75 -6.01 3.88 2.24
N VAL A 76 -6.17 4.63 1.14
CA VAL A 76 -7.18 4.27 0.10
C VAL A 76 -6.44 3.47 -0.98
N LEU A 77 -6.94 2.27 -1.26
CA LEU A 77 -6.23 1.20 -2.01
C LEU A 77 -5.67 1.61 -3.39
N LYS A 78 -6.31 2.58 -4.06
CA LYS A 78 -5.80 3.11 -5.36
C LYS A 78 -4.61 4.07 -5.12
N ASN A 79 -4.71 4.85 -4.03
CA ASN A 79 -3.64 5.79 -3.58
C ASN A 79 -2.46 4.99 -3.04
N LEU A 80 -2.77 3.93 -2.28
CA LEU A 80 -1.81 2.96 -1.73
C LEU A 80 -1.07 2.28 -2.86
N ALA A 81 -1.84 1.76 -3.85
CA ALA A 81 -1.29 1.09 -5.05
C ALA A 81 -0.42 2.06 -5.87
N ALA A 82 -0.81 3.34 -5.87
CA ALA A 82 -0.04 4.40 -6.53
C ALA A 82 1.25 4.69 -5.76
N ARG A 83 1.20 4.63 -4.42
CA ARG A 83 2.38 4.85 -3.55
C ARG A 83 3.42 3.72 -3.74
N ILE A 84 2.91 2.48 -3.80
CA ILE A 84 3.73 1.27 -4.00
C ILE A 84 4.41 1.34 -5.37
N ASP A 85 3.60 1.65 -6.41
CA ASP A 85 4.06 1.79 -7.81
C ASP A 85 5.09 2.92 -7.96
N GLU A 86 4.88 3.99 -7.19
CA GLU A 86 5.78 5.15 -7.12
C GLU A 86 7.15 4.74 -6.56
N LEU A 87 7.12 3.79 -5.61
CA LEU A 87 8.32 3.23 -4.96
C LEU A 87 8.93 2.08 -5.81
N VAL A 88 8.13 1.45 -6.71
CA VAL A 88 8.65 0.48 -7.72
C VAL A 88 9.40 1.26 -8.82
N ALA A 89 8.90 2.48 -9.10
CA ALA A 89 9.54 3.42 -10.03
C ALA A 89 10.85 3.97 -9.41
N ALA A 90 10.78 4.26 -8.09
CA ALA A 90 11.94 4.65 -7.29
C ALA A 90 12.95 3.49 -7.11
N LYS A 91 12.43 2.24 -7.14
CA LYS A 91 13.25 1.00 -7.12
C LYS A 91 14.08 0.89 -8.40
N GLY A 92 13.51 1.32 -9.53
CA GLY A 92 14.23 1.36 -10.79
C GLY A 92 15.06 2.63 -10.96
N ALA A 93 15.10 3.46 -9.88
CA ALA A 93 15.84 4.74 -9.81
C ALA A 93 15.34 5.82 -10.81
N LEU A 94 14.24 5.53 -11.55
CA LEU A 94 13.74 6.37 -12.67
C LEU A 94 14.86 6.79 -13.67
N GLU A 95 14.53 7.74 -14.53
CA GLU A 95 15.49 8.36 -15.46
C GLU A 95 15.25 9.88 -15.55
N HIS A 96 14.10 10.34 -15.02
CA HIS A 96 13.75 11.77 -14.91
C HIS A 96 13.88 12.23 -13.44
N HIS A 97 14.56 11.39 -12.61
CA HIS A 97 14.71 11.58 -11.15
C HIS A 97 13.36 11.41 -10.41
N HIS A 98 13.45 11.27 -9.06
CA HIS A 98 12.26 11.00 -8.22
C HIS A 98 11.40 12.27 -8.12
N HIS A 99 11.79 13.23 -7.25
CA HIS A 99 11.15 14.56 -7.17
C HIS A 99 11.88 15.51 -8.14
N HIS A 100 13.15 15.83 -7.82
CA HIS A 100 14.06 16.56 -8.71
C HIS A 100 15.42 15.83 -8.72
N HIS A 101 15.75 15.17 -7.61
CA HIS A 101 16.94 14.33 -7.46
C HIS A 101 16.50 12.96 -6.88
P24 PNS B . -1.82 1.75 14.34
O25 PNS B . -2.42 3.01 13.88
O26 PNS B . -0.35 1.67 14.33
O27 PNS B . -2.36 1.34 15.81
C28 PNS B . -3.71 0.89 16.11
C29 PNS B . -4.81 2.02 16.11
C30 PNS B . -5.34 2.29 14.66
C31 PNS B . -4.20 3.33 16.70
C32 PNS B . -6.04 1.51 16.99
O33 PNS B . -5.61 1.34 18.36
C34 PNS B . -7.26 2.47 16.97
O35 PNS B . -8.30 2.14 16.40
N36 PNS B . -7.12 3.64 17.61
C37 PNS B . -8.18 4.65 17.67
C38 PNS B . -7.79 5.85 18.53
C39 PNS B . -8.94 6.85 18.76
O40 PNS B . -8.82 8.04 18.45
N41 PNS B . -10.05 6.34 19.31
C42 PNS B . -11.25 7.14 19.58
C43 PNS B . -12.36 6.29 20.20
S44 PNS B . -12.79 4.90 19.14
H282 PNS B . -3.97 0.13 15.37
H281 PNS B . -3.68 0.41 17.09
H303 PNS B . -6.10 3.05 14.68
H302 PNS B . -4.52 2.63 14.03
H301 PNS B . -5.75 1.38 14.25
H313 PNS B . -4.93 4.13 16.71
H312 PNS B . -3.86 3.16 17.72
H311 PNS B . -3.34 3.64 16.11
H32 PNS B . -6.36 0.54 16.63
H33 PNS B . -6.00 2.03 18.91
H36 PNS B . -6.27 3.85 18.05
H372 PNS B . -8.40 4.99 16.67
H371 PNS B . -9.08 4.20 18.10
H382 PNS B . -7.45 5.50 19.51
H381 PNS B . -6.97 6.38 18.04
H41 PNS B . -10.07 5.37 19.53
H422 PNS B . -11.00 7.94 20.27
H421 PNS B . -11.61 7.57 18.65
H431 PNS B . -13.24 6.90 20.33
H432 PNS B . -12.03 5.89 21.15
H44 PNS B . -13.60 5.35 18.17
N MET A 1 -5.59 -7.56 -15.67
CA MET A 1 -4.99 -8.88 -15.41
C MET A 1 -4.13 -8.83 -14.14
N THR A 2 -3.00 -8.08 -14.21
CA THR A 2 -2.04 -8.03 -13.09
C THR A 2 -1.40 -6.63 -12.99
N SER A 3 -2.05 -5.74 -12.22
CA SER A 3 -1.51 -4.40 -11.86
C SER A 3 -1.06 -4.42 -10.38
N THR A 4 -0.53 -3.27 -9.89
CA THR A 4 -0.16 -3.08 -8.48
C THR A 4 -1.38 -3.30 -7.58
N PHE A 5 -2.54 -2.75 -8.00
CA PHE A 5 -3.81 -2.90 -7.27
C PHE A 5 -4.19 -4.38 -7.15
N ASP A 6 -4.11 -5.13 -8.26
CA ASP A 6 -4.48 -6.58 -8.29
C ASP A 6 -3.64 -7.39 -7.29
N ARG A 7 -2.33 -7.05 -7.24
CA ARG A 7 -1.38 -7.71 -6.33
C ARG A 7 -1.74 -7.44 -4.86
N VAL A 8 -1.85 -6.14 -4.52
CA VAL A 8 -2.19 -5.66 -3.17
C VAL A 8 -3.55 -6.22 -2.70
N ALA A 9 -4.50 -6.30 -3.64
CA ALA A 9 -5.86 -6.80 -3.40
C ALA A 9 -5.83 -8.30 -3.02
N THR A 10 -5.05 -9.10 -3.77
CA THR A 10 -4.85 -10.54 -3.49
C THR A 10 -4.16 -10.73 -2.13
N ILE A 11 -3.16 -9.86 -1.85
CA ILE A 11 -2.42 -9.85 -0.58
C ILE A 11 -3.38 -9.62 0.61
N ILE A 12 -4.22 -8.59 0.52
CA ILE A 12 -5.14 -8.21 1.62
C ILE A 12 -6.17 -9.32 1.88
N ALA A 13 -6.70 -9.86 0.78
CA ALA A 13 -7.65 -10.98 0.80
C ALA A 13 -7.09 -12.22 1.53
N GLU A 14 -5.85 -12.61 1.18
CA GLU A 14 -5.17 -13.80 1.76
C GLU A 14 -4.63 -13.54 3.19
N THR A 15 -4.25 -12.28 3.49
CA THR A 15 -3.62 -11.91 4.77
C THR A 15 -4.67 -11.80 5.90
N CYS A 16 -5.73 -11.01 5.67
CA CYS A 16 -6.69 -10.64 6.72
C CYS A 16 -8.09 -11.24 6.48
N ASP A 17 -8.19 -12.15 5.46
CA ASP A 17 -9.46 -12.82 5.08
C ASP A 17 -10.56 -11.79 4.74
N ILE A 18 -10.20 -10.86 3.86
CA ILE A 18 -11.11 -9.80 3.39
C ILE A 18 -11.71 -10.23 2.04
N PRO A 19 -13.08 -10.17 1.87
CA PRO A 19 -13.74 -10.50 0.58
C PRO A 19 -13.17 -9.64 -0.58
N ARG A 20 -12.60 -10.31 -1.59
CA ARG A 20 -12.05 -9.69 -2.81
C ARG A 20 -13.06 -8.69 -3.47
N GLU A 21 -14.36 -9.03 -3.39
CA GLU A 21 -15.46 -8.22 -3.96
C GLU A 21 -15.62 -6.85 -3.26
N THR A 22 -15.28 -6.79 -1.95
CA THR A 22 -15.35 -5.53 -1.17
C THR A 22 -14.07 -4.71 -1.37
N ILE A 23 -13.00 -5.39 -1.82
CA ILE A 23 -11.70 -4.76 -2.10
C ILE A 23 -11.78 -4.04 -3.46
N THR A 24 -12.10 -2.74 -3.43
CA THR A 24 -12.22 -1.89 -4.63
C THR A 24 -11.24 -0.69 -4.51
N PRO A 25 -10.89 0.00 -5.64
CA PRO A 25 -10.00 1.20 -5.61
C PRO A 25 -10.45 2.29 -4.60
N GLU A 26 -11.77 2.37 -4.33
CA GLU A 26 -12.36 3.41 -3.45
C GLU A 26 -12.41 2.98 -1.97
N SER A 27 -11.97 1.74 -1.69
CA SER A 27 -12.06 1.16 -0.35
C SER A 27 -10.91 1.67 0.52
N HIS A 28 -11.26 2.15 1.71
CA HIS A 28 -10.29 2.56 2.71
C HIS A 28 -9.94 1.33 3.56
N ALA A 29 -8.66 0.91 3.56
CA ALA A 29 -8.19 -0.26 4.32
C ALA A 29 -8.64 -0.26 5.80
N ILE A 30 -8.66 0.93 6.44
CA ILE A 30 -8.90 1.05 7.89
C ILE A 30 -10.41 1.28 8.16
N ASP A 31 -11.02 2.20 7.39
CA ASP A 31 -12.42 2.65 7.59
C ASP A 31 -13.41 1.65 6.94
N ASP A 32 -13.17 1.32 5.67
CA ASP A 32 -14.10 0.49 4.84
C ASP A 32 -13.86 -1.02 5.12
N LEU A 33 -12.63 -1.50 4.84
CA LEU A 33 -12.28 -2.94 4.95
C LEU A 33 -12.16 -3.38 6.44
N GLY A 34 -12.01 -2.40 7.35
CA GLY A 34 -11.88 -2.69 8.78
C GLY A 34 -10.59 -3.41 9.15
N ILE A 35 -9.46 -2.79 8.76
CA ILE A 35 -8.10 -3.31 9.00
C ILE A 35 -7.28 -2.24 9.75
N ASP A 36 -6.80 -2.56 10.95
CA ASP A 36 -5.95 -1.63 11.73
C ASP A 36 -4.46 -2.00 11.56
N SER A 37 -3.59 -1.18 12.15
CA SER A 37 -2.12 -1.30 12.07
C SER A 37 -1.61 -2.73 12.38
N LEU A 38 -2.26 -3.41 13.36
CA LEU A 38 -1.94 -4.81 13.76
C LEU A 38 -1.84 -5.73 12.54
N ASP A 39 -2.87 -5.63 11.69
CA ASP A 39 -3.03 -6.43 10.47
C ASP A 39 -2.34 -5.77 9.27
N PHE A 40 -2.32 -4.42 9.25
CA PHE A 40 -1.91 -3.63 8.08
C PHE A 40 -0.38 -3.65 7.90
N LEU A 41 0.36 -3.84 9.01
CA LEU A 41 1.83 -4.03 8.97
C LEU A 41 2.17 -5.37 8.30
N ASP A 42 1.36 -6.41 8.61
CA ASP A 42 1.50 -7.76 8.01
C ASP A 42 1.25 -7.67 6.49
N ILE A 43 0.19 -6.93 6.12
CA ILE A 43 -0.14 -6.64 4.71
C ILE A 43 1.03 -5.91 4.02
N ALA A 44 1.61 -4.92 4.73
CA ALA A 44 2.65 -4.04 4.18
C ALA A 44 3.98 -4.79 4.01
N PHE A 45 4.21 -5.81 4.87
CA PHE A 45 5.38 -6.71 4.80
C PHE A 45 5.24 -7.67 3.60
N ALA A 46 4.01 -8.13 3.36
CA ALA A 46 3.71 -9.02 2.23
C ALA A 46 3.88 -8.28 0.89
N ILE A 47 3.47 -6.99 0.88
CA ILE A 47 3.66 -6.07 -0.26
C ILE A 47 5.16 -5.75 -0.46
N ASP A 48 5.83 -5.48 0.66
CA ASP A 48 7.25 -5.08 0.75
C ASP A 48 8.14 -6.07 -0.05
N LYS A 49 7.96 -7.35 0.30
CA LYS A 49 8.74 -8.47 -0.24
C LYS A 49 8.30 -8.82 -1.68
N ALA A 50 6.98 -8.79 -1.93
CA ALA A 50 6.39 -9.10 -3.26
C ALA A 50 6.95 -8.18 -4.36
N PHE A 51 6.89 -6.86 -4.13
CA PHE A 51 7.38 -5.85 -5.07
C PHE A 51 8.91 -5.59 -4.90
N GLY A 52 9.54 -6.29 -3.93
CA GLY A 52 11.01 -6.20 -3.71
C GLY A 52 11.49 -4.82 -3.26
N ILE A 53 10.55 -4.02 -2.74
CA ILE A 53 10.80 -2.62 -2.32
C ILE A 53 10.75 -2.51 -0.79
N LYS A 54 10.76 -1.27 -0.28
CA LYS A 54 10.56 -1.01 1.15
C LYS A 54 9.55 0.14 1.28
N LEU A 55 8.39 -0.14 1.89
CA LEU A 55 7.40 0.89 2.23
C LEU A 55 7.84 1.64 3.51
N PRO A 56 7.97 3.01 3.49
CA PRO A 56 8.04 3.81 4.72
C PRO A 56 6.65 3.94 5.38
N LEU A 57 6.05 2.75 5.70
CA LEU A 57 4.67 2.62 6.19
C LEU A 57 4.54 3.35 7.54
N GLU A 58 5.58 3.21 8.38
CA GLU A 58 5.65 3.84 9.71
C GLU A 58 5.59 5.37 9.57
N LYS A 59 6.35 5.91 8.59
CA LYS A 59 6.37 7.35 8.29
C LYS A 59 4.95 7.80 7.91
N TRP A 60 4.33 7.04 7.00
CA TRP A 60 2.99 7.31 6.46
C TRP A 60 1.92 7.38 7.57
N THR A 61 2.00 6.43 8.52
CA THR A 61 1.07 6.32 9.64
C THR A 61 1.17 7.55 10.56
N GLN A 62 2.41 8.03 10.77
CA GLN A 62 2.70 9.14 11.70
C GLN A 62 2.32 10.49 11.07
N GLU A 63 2.51 10.60 9.74
CA GLU A 63 2.14 11.81 8.96
C GLU A 63 0.61 12.01 8.99
N VAL A 64 -0.12 10.90 8.84
CA VAL A 64 -1.58 10.86 9.01
C VAL A 64 -1.97 11.39 10.41
N ASN A 65 -1.33 10.82 11.45
CA ASN A 65 -1.58 11.18 12.86
C ASN A 65 -1.19 12.63 13.19
N ASP A 66 -0.19 13.18 12.48
CA ASP A 66 0.38 14.53 12.75
C ASP A 66 -0.35 15.64 11.93
N GLY A 67 -1.36 15.23 11.13
CA GLY A 67 -2.09 16.17 10.27
C GLY A 67 -1.32 16.59 9.02
N LYS A 68 -0.16 15.94 8.78
CA LYS A 68 0.65 16.14 7.56
C LYS A 68 -0.05 15.51 6.35
N ALA A 69 -0.90 14.51 6.64
CA ALA A 69 -1.75 13.83 5.67
C ALA A 69 -3.07 13.43 6.35
N THR A 70 -4.08 13.08 5.53
CA THR A 70 -5.31 12.44 5.98
C THR A 70 -5.13 10.90 5.85
N THR A 71 -5.95 10.12 6.57
CA THR A 71 -5.91 8.64 6.49
C THR A 71 -5.95 8.14 5.04
N GLU A 72 -6.97 8.61 4.30
CA GLU A 72 -7.19 8.29 2.86
C GLU A 72 -5.92 8.37 1.99
N GLN A 73 -5.06 9.36 2.30
CA GLN A 73 -3.86 9.72 1.49
C GLN A 73 -2.93 8.51 1.30
N TYR A 74 -2.88 7.64 2.32
CA TYR A 74 -2.05 6.42 2.31
C TYR A 74 -2.89 5.13 2.46
N PHE A 75 -4.16 5.25 2.93
CA PHE A 75 -4.94 4.07 3.37
C PHE A 75 -6.20 3.83 2.49
N VAL A 76 -6.32 4.48 1.32
CA VAL A 76 -7.30 4.09 0.28
C VAL A 76 -6.56 3.27 -0.78
N LEU A 77 -7.15 2.15 -1.21
CA LEU A 77 -6.44 1.12 -2.00
C LEU A 77 -5.82 1.64 -3.31
N LYS A 78 -6.46 2.62 -3.97
CA LYS A 78 -5.90 3.24 -5.20
C LYS A 78 -4.71 4.17 -4.84
N ASN A 79 -4.83 4.88 -3.68
CA ASN A 79 -3.78 5.78 -3.16
C ASN A 79 -2.55 4.97 -2.73
N LEU A 80 -2.80 3.94 -1.91
CA LEU A 80 -1.80 3.00 -1.40
C LEU A 80 -1.08 2.32 -2.56
N ALA A 81 -1.85 1.81 -3.55
CA ALA A 81 -1.31 1.13 -4.74
C ALA A 81 -0.40 2.08 -5.54
N ALA A 82 -0.79 3.37 -5.57
CA ALA A 82 -0.01 4.43 -6.24
C ALA A 82 1.31 4.68 -5.47
N ARG A 83 1.24 4.73 -4.13
CA ARG A 83 2.41 4.96 -3.25
C ARG A 83 3.47 3.86 -3.47
N ILE A 84 3.00 2.61 -3.47
CA ILE A 84 3.82 1.41 -3.66
C ILE A 84 4.45 1.42 -5.06
N ASP A 85 3.59 1.69 -6.05
CA ASP A 85 3.96 1.74 -7.48
C ASP A 85 5.03 2.81 -7.77
N GLU A 86 4.98 3.92 -7.00
CA GLU A 86 5.97 5.00 -7.06
C GLU A 86 7.34 4.53 -6.53
N LEU A 87 7.32 3.69 -5.48
CA LEU A 87 8.54 3.11 -4.87
C LEU A 87 9.13 2.01 -5.79
N VAL A 88 8.26 1.37 -6.58
CA VAL A 88 8.66 0.36 -7.60
C VAL A 88 9.15 1.11 -8.86
N ALA A 89 8.55 2.28 -9.09
CA ALA A 89 8.94 3.21 -10.17
C ALA A 89 10.31 3.81 -9.85
N ALA A 90 10.64 3.90 -8.55
CA ALA A 90 11.98 4.31 -8.07
C ALA A 90 13.02 3.22 -8.41
N LYS A 91 12.71 1.95 -8.03
CA LYS A 91 13.44 0.74 -8.48
C LYS A 91 13.66 0.70 -10.01
N GLY A 92 12.74 1.31 -10.77
CA GLY A 92 12.85 1.38 -12.23
C GLY A 92 13.67 2.60 -12.68
N ALA A 93 13.46 3.73 -11.98
CA ALA A 93 13.97 5.07 -12.38
C ALA A 93 15.47 5.26 -12.09
N LEU A 94 15.98 4.61 -11.03
CA LEU A 94 17.36 4.81 -10.58
C LEU A 94 18.29 3.89 -11.36
N GLU A 95 18.69 4.38 -12.53
CA GLU A 95 19.67 3.70 -13.40
C GLU A 95 21.08 4.19 -13.02
N HIS A 96 22.08 3.75 -13.79
CA HIS A 96 23.51 4.05 -13.52
C HIS A 96 23.75 5.57 -13.66
N HIS A 97 23.76 6.26 -12.49
CA HIS A 97 23.97 7.71 -12.33
C HIS A 97 22.72 8.53 -12.79
N HIS A 98 21.66 7.81 -13.23
CA HIS A 98 20.40 8.42 -13.69
C HIS A 98 19.36 8.37 -12.57
N HIS A 99 18.69 9.51 -12.32
CA HIS A 99 17.60 9.61 -11.34
C HIS A 99 16.33 10.04 -12.10
N HIS A 100 15.67 9.03 -12.71
CA HIS A 100 14.43 9.16 -13.51
C HIS A 100 14.69 9.69 -14.93
N HIS A 101 15.51 10.76 -15.07
CA HIS A 101 15.78 11.43 -16.37
C HIS A 101 14.49 12.15 -16.86
P24 PNS B . -3.07 0.77 14.96
O25 PNS B . -4.15 1.04 13.99
O26 PNS B . -2.18 1.90 15.32
O27 PNS B . -3.72 0.13 16.28
C28 PNS B . -2.90 -0.35 17.36
C29 PNS B . -3.76 -0.55 18.65
C30 PNS B . -4.89 -1.60 18.37
C31 PNS B . -4.43 0.80 19.05
C32 PNS B . -2.85 -1.11 19.82
O33 PNS B . -2.39 -2.43 19.48
C34 PNS B . -1.63 -0.20 20.13
O35 PNS B . -0.49 -0.54 19.76
N36 PNS B . -1.89 0.94 20.79
C37 PNS B . -0.86 1.92 21.17
C38 PNS B . 0.08 1.40 22.29
C39 PNS B . -0.62 0.46 23.32
O40 PNS B . -0.33 -0.75 23.32
N41 PNS B . -1.50 0.96 24.23
C42 PNS B . -1.89 2.38 24.34
C43 PNS B . -2.92 2.59 25.45
S44 PNS B . -3.48 4.31 25.55
H282 PNS B . -2.46 -1.30 17.07
H281 PNS B . -2.11 0.37 17.57
H303 PNS B . -5.47 -1.76 19.27
H302 PNS B . -5.54 -1.24 17.59
H301 PNS B . -4.44 -2.53 18.06
H313 PNS B . -3.67 1.54 19.22
H312 PNS B . -5.08 1.15 18.24
H311 PNS B . -5.02 0.68 19.94
H32 PNS B . -3.44 -1.19 20.71
H33 PNS B . -1.46 -2.38 19.19
H36 PNS B . -2.82 1.14 21.04
H372 PNS B . -0.27 2.18 20.29
H371 PNS B . -1.37 2.82 21.52
H382 PNS B . 0.89 0.86 21.83
H381 PNS B . 0.49 2.25 22.82
H41 PNS B . -1.93 0.33 24.82
H422 PNS B . -1.01 2.98 24.56
H421 PNS B . -2.33 2.71 23.40
H431 PNS B . -2.48 2.31 26.40
H432 PNS B . -3.77 1.97 25.26
H44 PNS B . -3.64 4.76 24.32
N MET A 1 1.42 -7.06 -17.50
CA MET A 1 1.44 -7.99 -16.35
C MET A 1 1.59 -7.21 -15.03
N THR A 2 1.25 -7.89 -13.91
CA THR A 2 1.34 -7.37 -12.53
C THR A 2 0.73 -5.96 -12.37
N SER A 3 -0.61 -5.91 -12.21
CA SER A 3 -1.32 -4.70 -11.79
C SER A 3 -1.13 -4.55 -10.28
N THR A 4 -0.64 -3.37 -9.84
CA THR A 4 -0.28 -3.14 -8.43
C THR A 4 -1.48 -3.36 -7.49
N PHE A 5 -2.65 -2.76 -7.81
CA PHE A 5 -3.88 -2.94 -7.03
C PHE A 5 -4.30 -4.44 -7.00
N ASP A 6 -4.23 -5.12 -8.16
CA ASP A 6 -4.63 -6.55 -8.27
C ASP A 6 -3.77 -7.42 -7.33
N ARG A 7 -2.47 -7.14 -7.33
CA ARG A 7 -1.49 -7.80 -6.45
C ARG A 7 -1.85 -7.59 -4.98
N VAL A 8 -2.05 -6.32 -4.60
CA VAL A 8 -2.37 -5.90 -3.21
C VAL A 8 -3.70 -6.50 -2.73
N ALA A 9 -4.69 -6.50 -3.62
CA ALA A 9 -6.05 -7.02 -3.35
C ALA A 9 -6.01 -8.53 -3.04
N THR A 10 -5.23 -9.25 -3.87
CA THR A 10 -4.96 -10.69 -3.69
C THR A 10 -4.21 -10.93 -2.35
N ILE A 11 -3.22 -10.05 -2.07
CA ILE A 11 -2.44 -10.07 -0.81
C ILE A 11 -3.34 -9.97 0.42
N ILE A 12 -4.26 -8.99 0.43
CA ILE A 12 -5.14 -8.73 1.60
C ILE A 12 -6.11 -9.91 1.83
N ALA A 13 -6.60 -10.47 0.71
CA ALA A 13 -7.42 -11.69 0.71
C ALA A 13 -6.68 -12.89 1.36
N GLU A 14 -5.35 -12.98 1.15
CA GLU A 14 -4.51 -14.03 1.76
C GLU A 14 -4.07 -13.69 3.19
N THR A 15 -3.91 -12.38 3.49
CA THR A 15 -3.37 -11.89 4.77
C THR A 15 -4.44 -11.92 5.88
N CYS A 16 -5.51 -11.12 5.72
CA CYS A 16 -6.54 -10.92 6.76
C CYS A 16 -7.86 -11.59 6.36
N ASP A 17 -7.83 -12.35 5.23
CA ASP A 17 -9.01 -12.97 4.59
C ASP A 17 -10.17 -11.97 4.39
N ILE A 18 -9.98 -11.07 3.42
CA ILE A 18 -11.01 -10.09 3.01
C ILE A 18 -11.42 -10.42 1.57
N PRO A 19 -12.76 -10.63 1.28
CA PRO A 19 -13.24 -10.99 -0.09
C PRO A 19 -12.87 -9.93 -1.15
N ARG A 20 -12.40 -10.40 -2.32
CA ARG A 20 -12.03 -9.55 -3.46
C ARG A 20 -13.21 -8.65 -3.92
N GLU A 21 -14.46 -9.12 -3.70
CA GLU A 21 -15.69 -8.37 -4.05
C GLU A 21 -15.85 -7.14 -3.13
N THR A 22 -15.39 -7.26 -1.87
CA THR A 22 -15.40 -6.14 -0.90
C THR A 22 -14.04 -5.41 -0.90
N ILE A 23 -13.19 -5.69 -1.90
CA ILE A 23 -11.92 -4.99 -2.10
C ILE A 23 -12.01 -4.19 -3.41
N THR A 24 -12.39 -2.92 -3.31
CA THR A 24 -12.42 -1.99 -4.45
C THR A 24 -11.20 -1.04 -4.35
N PRO A 25 -10.75 -0.37 -5.45
CA PRO A 25 -9.66 0.63 -5.39
C PRO A 25 -10.06 1.86 -4.52
N GLU A 26 -11.37 2.05 -4.29
CA GLU A 26 -11.91 3.18 -3.51
C GLU A 26 -12.15 2.76 -2.04
N SER A 27 -11.67 1.56 -1.66
CA SER A 27 -11.78 1.03 -0.28
C SER A 27 -10.68 1.63 0.60
N HIS A 28 -11.06 2.04 1.82
CA HIS A 28 -10.12 2.46 2.86
C HIS A 28 -9.81 1.27 3.77
N ALA A 29 -8.52 0.99 4.01
CA ALA A 29 -8.04 -0.11 4.87
C ALA A 29 -8.77 -0.22 6.21
N ILE A 30 -9.01 0.92 6.87
CA ILE A 30 -9.49 0.96 8.27
C ILE A 30 -11.00 1.30 8.30
N ASP A 31 -11.39 2.31 7.49
CA ASP A 31 -12.75 2.88 7.50
C ASP A 31 -13.75 1.97 6.75
N ASP A 32 -13.30 1.32 5.67
CA ASP A 32 -14.17 0.47 4.82
C ASP A 32 -13.93 -1.03 5.11
N LEU A 33 -12.70 -1.50 4.87
CA LEU A 33 -12.31 -2.92 4.98
C LEU A 33 -12.39 -3.42 6.44
N GLY A 34 -12.35 -2.47 7.40
CA GLY A 34 -12.37 -2.78 8.84
C GLY A 34 -11.12 -3.53 9.30
N ILE A 35 -9.98 -3.11 8.77
CA ILE A 35 -8.66 -3.67 9.09
C ILE A 35 -7.91 -2.64 9.92
N ASP A 36 -7.38 -3.02 11.10
CA ASP A 36 -6.57 -2.10 11.91
C ASP A 36 -5.18 -1.95 11.30
N SER A 37 -4.51 -0.84 11.65
CA SER A 37 -3.14 -0.53 11.24
C SER A 37 -2.16 -1.65 11.68
N LEU A 38 -2.52 -2.38 12.76
CA LEU A 38 -1.75 -3.53 13.28
C LEU A 38 -1.71 -4.68 12.24
N ASP A 39 -2.87 -4.97 11.64
CA ASP A 39 -3.01 -6.00 10.58
C ASP A 39 -2.41 -5.47 9.27
N PHE A 40 -2.54 -4.13 9.08
CA PHE A 40 -2.09 -3.42 7.88
C PHE A 40 -0.54 -3.37 7.82
N LEU A 41 0.12 -3.56 9.01
CA LEU A 41 1.58 -3.77 9.10
C LEU A 41 1.98 -5.01 8.26
N ASP A 42 1.29 -6.14 8.54
CA ASP A 42 1.57 -7.44 7.91
C ASP A 42 1.17 -7.43 6.42
N ILE A 43 0.09 -6.68 6.11
CA ILE A 43 -0.34 -6.43 4.71
C ILE A 43 0.79 -5.71 3.95
N ALA A 44 1.40 -4.68 4.59
CA ALA A 44 2.43 -3.85 3.99
C ALA A 44 3.72 -4.65 3.78
N PHE A 45 4.06 -5.54 4.74
CA PHE A 45 5.26 -6.41 4.70
C PHE A 45 5.15 -7.43 3.55
N ALA A 46 3.93 -7.94 3.31
CA ALA A 46 3.64 -8.88 2.22
C ALA A 46 3.80 -8.18 0.86
N ILE A 47 3.39 -6.91 0.82
CA ILE A 47 3.57 -6.01 -0.34
C ILE A 47 5.08 -5.75 -0.59
N ASP A 48 5.81 -5.47 0.49
CA ASP A 48 7.25 -5.15 0.45
C ASP A 48 8.03 -6.28 -0.24
N LYS A 49 7.80 -7.50 0.24
CA LYS A 49 8.44 -8.72 -0.27
C LYS A 49 8.07 -8.97 -1.74
N ALA A 50 6.76 -8.90 -2.04
CA ALA A 50 6.21 -9.19 -3.38
C ALA A 50 6.80 -8.26 -4.47
N PHE A 51 6.76 -6.95 -4.21
CA PHE A 51 7.20 -5.91 -5.17
C PHE A 51 8.72 -5.61 -5.07
N GLY A 52 9.39 -6.17 -4.02
CA GLY A 52 10.81 -5.94 -3.79
C GLY A 52 11.13 -4.57 -3.19
N ILE A 53 10.08 -3.84 -2.75
CA ILE A 53 10.18 -2.47 -2.23
C ILE A 53 10.05 -2.50 -0.70
N LYS A 54 10.00 -1.32 -0.08
CA LYS A 54 9.64 -1.18 1.34
C LYS A 54 8.81 0.09 1.48
N LEU A 55 7.57 -0.05 1.95
CA LEU A 55 6.66 1.07 2.24
C LEU A 55 7.12 1.78 3.52
N PRO A 56 7.40 3.13 3.47
CA PRO A 56 7.63 3.95 4.68
C PRO A 56 6.35 4.08 5.53
N LEU A 57 5.86 2.92 6.01
CA LEU A 57 4.53 2.78 6.63
C LEU A 57 4.48 3.57 7.94
N GLU A 58 5.52 3.36 8.79
CA GLU A 58 5.61 4.00 10.11
C GLU A 58 5.68 5.53 9.98
N LYS A 59 6.49 6.00 9.01
CA LYS A 59 6.66 7.44 8.73
C LYS A 59 5.32 8.07 8.31
N TRP A 60 4.65 7.40 7.33
CA TRP A 60 3.33 7.82 6.84
C TRP A 60 2.32 7.89 7.99
N THR A 61 2.40 6.89 8.89
CA THR A 61 1.50 6.79 10.06
C THR A 61 1.74 7.98 11.02
N GLN A 62 2.99 8.45 11.14
CA GLN A 62 3.34 9.57 12.05
C GLN A 62 2.83 10.90 11.46
N GLU A 63 3.00 11.04 10.14
CA GLU A 63 2.60 12.24 9.38
C GLU A 63 1.06 12.39 9.37
N VAL A 64 0.37 11.25 9.22
CA VAL A 64 -1.10 11.19 9.32
C VAL A 64 -1.56 11.61 10.73
N ASN A 65 -0.90 11.04 11.75
CA ASN A 65 -1.19 11.36 13.17
C ASN A 65 -0.74 12.78 13.58
N ASP A 66 0.20 13.38 12.83
CA ASP A 66 0.74 14.73 13.14
C ASP A 66 -0.09 15.85 12.47
N GLY A 67 -1.03 15.46 11.58
CA GLY A 67 -1.77 16.43 10.76
C GLY A 67 -0.96 17.02 9.62
N LYS A 68 0.06 16.26 9.17
CA LYS A 68 0.82 16.57 7.93
C LYS A 68 0.16 15.88 6.72
N ALA A 69 -0.49 14.76 7.00
CA ALA A 69 -1.23 13.96 6.00
C ALA A 69 -2.55 13.50 6.63
N THR A 70 -3.49 13.09 5.79
CA THR A 70 -4.78 12.50 6.22
C THR A 70 -4.76 10.97 5.98
N THR A 71 -5.72 10.25 6.60
CA THR A 71 -5.75 8.78 6.57
C THR A 71 -5.92 8.24 5.14
N GLU A 72 -7.06 8.57 4.50
CA GLU A 72 -7.42 8.06 3.14
C GLU A 72 -6.33 8.30 2.10
N GLN A 73 -5.64 9.44 2.22
CA GLN A 73 -4.57 9.89 1.30
C GLN A 73 -3.48 8.80 1.12
N TYR A 74 -3.26 7.95 2.14
CA TYR A 74 -2.32 6.81 2.07
C TYR A 74 -3.04 5.45 2.19
N PHE A 75 -4.16 5.40 2.93
CA PHE A 75 -4.78 4.13 3.38
C PHE A 75 -5.90 3.65 2.42
N VAL A 76 -6.15 4.36 1.30
CA VAL A 76 -7.13 3.90 0.28
C VAL A 76 -6.36 3.13 -0.78
N LEU A 77 -6.87 1.95 -1.15
CA LEU A 77 -6.15 0.94 -1.93
C LEU A 77 -5.64 1.42 -3.30
N LYS A 78 -6.29 2.44 -3.91
CA LYS A 78 -5.80 3.07 -5.16
C LYS A 78 -4.56 3.94 -4.88
N ASN A 79 -4.61 4.68 -3.75
CA ASN A 79 -3.55 5.59 -3.31
C ASN A 79 -2.35 4.76 -2.86
N LEU A 80 -2.61 3.79 -1.96
CA LEU A 80 -1.63 2.82 -1.47
C LEU A 80 -0.91 2.15 -2.64
N ALA A 81 -1.70 1.64 -3.61
CA ALA A 81 -1.15 0.98 -4.82
C ALA A 81 -0.25 1.92 -5.61
N ALA A 82 -0.64 3.20 -5.69
CA ALA A 82 0.13 4.23 -6.39
C ALA A 82 1.42 4.59 -5.62
N ARG A 83 1.41 4.43 -4.27
CA ARG A 83 2.61 4.66 -3.42
C ARG A 83 3.64 3.55 -3.68
N ILE A 84 3.13 2.32 -3.77
CA ILE A 84 3.94 1.12 -4.02
C ILE A 84 4.58 1.21 -5.41
N ASP A 85 3.74 1.54 -6.41
CA ASP A 85 4.13 1.68 -7.82
C ASP A 85 5.16 2.82 -8.00
N GLU A 86 5.01 3.88 -7.19
CA GLU A 86 5.94 5.01 -7.12
C GLU A 86 7.35 4.51 -6.70
N LEU A 87 7.37 3.58 -5.73
CA LEU A 87 8.62 2.96 -5.22
C LEU A 87 9.18 1.92 -6.23
N VAL A 88 8.30 1.30 -7.02
CA VAL A 88 8.70 0.36 -8.09
C VAL A 88 9.29 1.15 -9.28
N ALA A 89 8.82 2.40 -9.43
CA ALA A 89 9.38 3.37 -10.40
C ALA A 89 10.73 3.91 -9.89
N ALA A 90 10.84 4.11 -8.55
CA ALA A 90 12.12 4.46 -7.90
C ALA A 90 13.17 3.37 -8.13
N LYS A 91 12.69 2.12 -8.25
CA LYS A 91 13.51 0.93 -8.47
C LYS A 91 13.80 0.73 -9.97
N GLY A 92 12.78 1.00 -10.81
CA GLY A 92 12.79 0.61 -12.21
C GLY A 92 13.31 1.69 -13.14
N ALA A 93 12.79 2.90 -12.96
CA ALA A 93 13.12 4.07 -13.81
C ALA A 93 14.44 4.73 -13.37
N LEU A 94 14.98 4.30 -12.20
CA LEU A 94 16.26 4.80 -11.65
C LEU A 94 16.23 6.33 -11.38
N GLU A 95 17.41 6.91 -11.15
CA GLU A 95 17.58 8.38 -11.12
C GLU A 95 17.88 8.89 -12.53
N HIS A 96 18.88 8.25 -13.19
CA HIS A 96 19.33 8.56 -14.57
C HIS A 96 19.71 10.05 -14.73
N HIS A 97 20.93 10.42 -14.27
CA HIS A 97 21.51 11.76 -14.50
C HIS A 97 22.65 11.60 -15.53
N HIS A 98 23.81 11.12 -15.03
CA HIS A 98 25.00 10.75 -15.82
C HIS A 98 25.76 9.72 -14.98
N HIS A 99 25.86 8.48 -15.50
CA HIS A 99 26.39 7.31 -14.74
C HIS A 99 25.47 7.03 -13.53
N HIS A 100 26.00 6.33 -12.49
CA HIS A 100 25.27 6.08 -11.22
C HIS A 100 24.03 5.18 -11.46
N HIS A 101 23.10 5.15 -10.50
CA HIS A 101 21.88 4.33 -10.56
C HIS A 101 20.65 5.25 -10.68
P24 PNS B . -2.72 2.12 14.15
O25 PNS B . -3.38 1.75 15.41
O26 PNS B . -3.17 3.35 13.47
O27 PNS B . -1.12 2.09 14.29
C28 PNS B . -0.41 0.90 14.72
C29 PNS B . 1.09 1.21 15.05
C30 PNS B . 1.80 1.74 13.75
C31 PNS B . 1.78 -0.11 15.51
C32 PNS B . 1.12 2.32 16.18
O33 PNS B . 0.36 1.89 17.32
C34 PNS B . 2.54 2.67 16.66
O35 PNS B . 3.12 3.66 16.22
N36 PNS B . 3.10 1.84 17.57
C37 PNS B . 4.46 2.04 18.12
C38 PNS B . 4.90 0.95 19.11
C39 PNS B . 5.24 -0.40 18.45
O40 PNS B . 6.43 -0.73 18.29
N41 PNS B . 4.21 -1.16 18.03
C42 PNS B . 4.38 -2.48 17.39
C43 PNS B . 4.66 -2.41 15.87
S44 PNS B . 6.10 -1.41 15.43
H282 PNS B . -0.90 0.51 15.61
H281 PNS B . -0.47 0.16 13.92
H303 PNS B . 1.30 2.65 13.41
H302 PNS B . 2.84 1.96 13.96
H301 PNS B . 1.75 1.00 12.96
H313 PNS B . 1.27 -0.49 16.40
H312 PNS B . 1.72 -0.85 14.73
H311 PNS B . 2.82 0.08 15.75
H32 PNS B . 0.66 3.22 15.80
H33 PNS B . 0.41 2.56 18.01
H36 PNS B . 2.60 1.06 17.88
H372 PNS B . 5.17 2.08 17.29
H371 PNS B . 4.48 3.01 18.62
H382 PNS B . 5.77 1.31 19.65
H381 PNS B . 4.09 0.79 19.81
H41 PNS B . 3.29 -0.83 18.15
H422 PNS B . 5.20 -3.01 17.85
H421 PNS B . 3.48 -3.05 17.53
H431 PNS B . 3.80 -1.97 15.38
H432 PNS B . 4.82 -3.41 15.48
H44 PNS B . 5.96 -0.23 16.01
N MET A 1 1.11 -4.65 -16.75
CA MET A 1 0.27 -5.79 -17.16
C MET A 1 -0.70 -6.13 -16.01
N THR A 2 -0.17 -6.24 -14.79
CA THR A 2 -0.97 -6.35 -13.56
C THR A 2 -1.00 -4.98 -12.88
N SER A 3 -2.20 -4.38 -12.76
CA SER A 3 -2.39 -3.17 -11.96
C SER A 3 -2.06 -3.45 -10.50
N THR A 4 -1.32 -2.52 -9.86
CA THR A 4 -0.81 -2.69 -8.49
C THR A 4 -1.95 -2.95 -7.49
N PHE A 5 -3.13 -2.32 -7.73
CA PHE A 5 -4.33 -2.56 -6.90
C PHE A 5 -4.72 -4.06 -6.90
N ASP A 6 -4.80 -4.67 -8.10
CA ASP A 6 -5.21 -6.09 -8.26
C ASP A 6 -4.30 -7.01 -7.44
N ARG A 7 -2.99 -6.76 -7.55
CA ARG A 7 -1.95 -7.47 -6.80
C ARG A 7 -2.14 -7.30 -5.28
N VAL A 8 -2.30 -6.04 -4.83
CA VAL A 8 -2.52 -5.67 -3.40
C VAL A 8 -3.76 -6.35 -2.82
N ALA A 9 -4.85 -6.30 -3.58
CA ALA A 9 -6.18 -6.80 -3.18
C ALA A 9 -6.16 -8.32 -2.99
N THR A 10 -5.41 -9.01 -3.87
CA THR A 10 -5.13 -10.45 -3.75
C THR A 10 -4.33 -10.74 -2.45
N ILE A 11 -3.30 -9.90 -2.20
CA ILE A 11 -2.45 -10.00 -0.99
C ILE A 11 -3.30 -9.79 0.29
N ILE A 12 -4.29 -8.89 0.25
CA ILE A 12 -5.20 -8.64 1.40
C ILE A 12 -6.07 -9.89 1.65
N ALA A 13 -6.62 -10.43 0.55
CA ALA A 13 -7.43 -11.66 0.56
C ALA A 13 -6.70 -12.85 1.22
N GLU A 14 -5.41 -13.02 0.91
CA GLU A 14 -4.60 -14.13 1.43
C GLU A 14 -4.12 -13.89 2.88
N THR A 15 -3.64 -12.65 3.15
CA THR A 15 -2.95 -12.32 4.43
C THR A 15 -3.96 -12.15 5.59
N CYS A 16 -5.07 -11.47 5.31
CA CYS A 16 -6.02 -11.01 6.35
C CYS A 16 -7.36 -11.76 6.28
N ASP A 17 -7.50 -12.65 5.26
CA ASP A 17 -8.76 -13.34 4.93
C ASP A 17 -9.90 -12.31 4.76
N ILE A 18 -9.80 -11.51 3.70
CA ILE A 18 -10.81 -10.49 3.33
C ILE A 18 -11.32 -10.79 1.90
N PRO A 19 -12.68 -10.97 1.69
CA PRO A 19 -13.26 -11.30 0.37
C PRO A 19 -12.84 -10.29 -0.73
N ARG A 20 -12.22 -10.81 -1.81
CA ARG A 20 -11.77 -10.00 -2.97
C ARG A 20 -12.93 -9.19 -3.59
N GLU A 21 -14.15 -9.74 -3.50
CA GLU A 21 -15.38 -9.12 -4.02
C GLU A 21 -15.73 -7.83 -3.25
N THR A 22 -15.41 -7.80 -1.94
CA THR A 22 -15.70 -6.64 -1.05
C THR A 22 -14.55 -5.62 -1.04
N ILE A 23 -13.51 -5.86 -1.86
CA ILE A 23 -12.33 -4.99 -1.96
C ILE A 23 -12.43 -4.16 -3.26
N THR A 24 -12.80 -2.86 -3.13
CA THR A 24 -12.83 -1.89 -4.24
C THR A 24 -11.54 -1.04 -4.21
N PRO A 25 -11.10 -0.41 -5.36
CA PRO A 25 -9.91 0.48 -5.37
C PRO A 25 -10.12 1.73 -4.47
N GLU A 26 -11.39 2.05 -4.21
CA GLU A 26 -11.79 3.25 -3.46
C GLU A 26 -12.15 2.87 -2.00
N SER A 27 -11.71 1.67 -1.57
CA SER A 27 -11.82 1.22 -0.17
C SER A 27 -10.64 1.76 0.64
N HIS A 28 -10.92 2.16 1.88
CA HIS A 28 -9.90 2.47 2.87
C HIS A 28 -9.52 1.14 3.54
N ALA A 29 -8.26 0.71 3.37
CA ALA A 29 -7.73 -0.58 3.89
C ALA A 29 -8.07 -0.86 5.36
N ILE A 30 -8.17 0.20 6.18
CA ILE A 30 -8.42 0.09 7.63
C ILE A 30 -9.90 0.34 7.95
N ASP A 31 -10.40 1.51 7.51
CA ASP A 31 -11.71 2.07 7.95
C ASP A 31 -12.89 1.43 7.19
N ASP A 32 -12.68 1.08 5.91
CA ASP A 32 -13.75 0.54 5.05
C ASP A 32 -13.76 -1.00 5.10
N LEU A 33 -12.58 -1.62 4.90
CA LEU A 33 -12.45 -3.10 4.83
C LEU A 33 -12.59 -3.78 6.21
N GLY A 34 -12.56 -2.97 7.29
CA GLY A 34 -12.68 -3.48 8.66
C GLY A 34 -11.44 -4.24 9.12
N ILE A 35 -10.28 -3.75 8.69
CA ILE A 35 -8.97 -4.31 9.08
C ILE A 35 -8.30 -3.33 10.04
N ASP A 36 -7.85 -3.81 11.20
CA ASP A 36 -7.12 -2.95 12.16
C ASP A 36 -5.69 -2.68 11.62
N SER A 37 -5.10 -1.57 12.07
CA SER A 37 -3.77 -1.11 11.64
C SER A 37 -2.67 -2.17 11.87
N LEU A 38 -2.77 -2.86 13.02
CA LEU A 38 -1.80 -3.91 13.41
C LEU A 38 -1.85 -5.09 12.42
N ASP A 39 -3.06 -5.39 11.93
CA ASP A 39 -3.29 -6.41 10.90
C ASP A 39 -2.84 -5.90 9.53
N PHE A 40 -2.99 -4.57 9.31
CA PHE A 40 -2.53 -3.92 8.08
C PHE A 40 -0.98 -3.87 8.02
N LEU A 41 -0.31 -4.00 9.19
CA LEU A 41 1.17 -4.13 9.25
C LEU A 41 1.62 -5.43 8.55
N ASP A 42 0.84 -6.52 8.79
CA ASP A 42 1.03 -7.81 8.10
C ASP A 42 0.83 -7.64 6.59
N ILE A 43 -0.26 -6.93 6.21
CA ILE A 43 -0.63 -6.70 4.81
C ILE A 43 0.44 -5.85 4.07
N ALA A 44 0.94 -4.79 4.73
CA ALA A 44 1.81 -3.78 4.08
C ALA A 44 3.18 -4.41 3.79
N PHE A 45 3.69 -5.18 4.78
CA PHE A 45 5.00 -5.86 4.68
C PHE A 45 4.93 -7.05 3.72
N ALA A 46 3.72 -7.61 3.55
CA ALA A 46 3.47 -8.66 2.56
C ALA A 46 3.57 -8.08 1.13
N ILE A 47 3.02 -6.86 0.97
CA ILE A 47 3.08 -6.09 -0.28
C ILE A 47 4.54 -5.71 -0.62
N ASP A 48 5.26 -5.21 0.41
CA ASP A 48 6.67 -4.77 0.29
C ASP A 48 7.57 -5.86 -0.29
N LYS A 49 7.52 -7.04 0.35
CA LYS A 49 8.32 -8.22 -0.03
C LYS A 49 7.91 -8.76 -1.41
N ALA A 50 6.60 -8.65 -1.73
CA ALA A 50 6.05 -9.05 -3.05
C ALA A 50 6.61 -8.17 -4.19
N PHE A 51 6.65 -6.85 -3.95
CA PHE A 51 7.10 -5.85 -4.95
C PHE A 51 8.61 -5.53 -4.85
N GLY A 52 9.32 -6.19 -3.90
CA GLY A 52 10.78 -6.02 -3.73
C GLY A 52 11.19 -4.61 -3.29
N ILE A 53 10.24 -3.90 -2.65
CA ILE A 53 10.43 -2.53 -2.16
C ILE A 53 10.04 -2.46 -0.66
N LYS A 54 9.87 -1.23 -0.15
CA LYS A 54 9.23 -0.98 1.14
C LYS A 54 8.25 0.20 1.00
N LEU A 55 7.17 0.18 1.78
CA LEU A 55 6.34 1.36 2.03
C LEU A 55 6.82 2.01 3.33
N PRO A 56 7.08 3.37 3.35
CA PRO A 56 7.47 4.09 4.58
C PRO A 56 6.25 4.28 5.52
N LEU A 57 5.78 3.14 6.07
CA LEU A 57 4.54 3.04 6.85
C LEU A 57 4.68 3.86 8.15
N GLU A 58 5.90 3.85 8.72
CA GLU A 58 6.22 4.53 10.00
C GLU A 58 6.08 6.06 9.80
N LYS A 59 6.68 6.53 8.70
CA LYS A 59 6.67 7.95 8.32
C LYS A 59 5.24 8.41 8.04
N TRP A 60 4.49 7.57 7.30
CA TRP A 60 3.08 7.82 6.96
C TRP A 60 2.24 7.94 8.25
N THR A 61 2.44 7.01 9.18
CA THR A 61 1.70 6.97 10.45
C THR A 61 1.90 8.28 11.25
N GLN A 62 3.16 8.74 11.33
CA GLN A 62 3.53 9.89 12.19
C GLN A 62 3.04 11.20 11.57
N GLU A 63 3.26 11.36 10.25
CA GLU A 63 2.89 12.58 9.52
C GLU A 63 1.36 12.76 9.48
N VAL A 64 0.62 11.64 9.35
CA VAL A 64 -0.85 11.63 9.43
C VAL A 64 -1.30 12.16 10.81
N ASN A 65 -0.66 11.62 11.88
CA ASN A 65 -0.94 11.99 13.29
C ASN A 65 -0.71 13.50 13.55
N ASP A 66 0.35 14.06 12.95
CA ASP A 66 0.75 15.48 13.15
C ASP A 66 0.08 16.42 12.12
N GLY A 67 -0.88 15.91 11.34
CA GLY A 67 -1.62 16.71 10.35
C GLY A 67 -0.81 17.09 9.11
N LYS A 68 0.45 16.59 9.03
CA LYS A 68 1.34 16.82 7.87
C LYS A 68 0.76 16.09 6.63
N ALA A 69 0.14 14.93 6.91
CA ALA A 69 -0.61 14.12 5.95
C ALA A 69 -1.96 13.71 6.56
N THR A 70 -2.79 12.96 5.81
CA THR A 70 -4.08 12.42 6.31
C THR A 70 -4.17 10.91 6.01
N THR A 71 -5.12 10.21 6.66
CA THR A 71 -5.23 8.73 6.60
C THR A 71 -5.47 8.24 5.16
N GLU A 72 -6.66 8.53 4.61
CA GLU A 72 -7.12 8.05 3.29
C GLU A 72 -6.15 8.41 2.14
N GLN A 73 -5.37 9.49 2.34
CA GLN A 73 -4.31 9.95 1.41
C GLN A 73 -3.38 8.77 0.98
N TYR A 74 -3.06 7.88 1.92
CA TYR A 74 -2.20 6.71 1.66
C TYR A 74 -2.96 5.40 1.84
N PHE A 75 -3.96 5.41 2.73
CA PHE A 75 -4.63 4.18 3.19
C PHE A 75 -5.92 3.88 2.39
N VAL A 76 -6.11 4.55 1.23
CA VAL A 76 -7.10 4.12 0.22
C VAL A 76 -6.33 3.30 -0.83
N LEU A 77 -6.85 2.12 -1.15
CA LEU A 77 -6.16 1.08 -1.94
C LEU A 77 -5.61 1.54 -3.32
N LYS A 78 -6.28 2.52 -3.96
CA LYS A 78 -5.80 3.08 -5.26
C LYS A 78 -4.66 4.09 -5.04
N ASN A 79 -4.74 4.85 -3.93
CA ASN A 79 -3.68 5.81 -3.51
C ASN A 79 -2.43 5.05 -3.07
N LEU A 80 -2.67 4.01 -2.26
CA LEU A 80 -1.67 3.06 -1.78
C LEU A 80 -0.96 2.42 -2.98
N ALA A 81 -1.77 1.89 -3.93
CA ALA A 81 -1.26 1.21 -5.15
C ALA A 81 -0.42 2.15 -6.02
N ALA A 82 -0.79 3.44 -6.04
CA ALA A 82 -0.05 4.48 -6.77
C ALA A 82 1.35 4.69 -6.14
N ARG A 83 1.37 4.74 -4.79
CA ARG A 83 2.61 4.92 -4.00
C ARG A 83 3.57 3.73 -4.18
N ILE A 84 3.00 2.50 -4.14
CA ILE A 84 3.77 1.25 -4.29
C ILE A 84 4.46 1.20 -5.67
N ASP A 85 3.65 1.40 -6.72
CA ASP A 85 4.11 1.36 -8.14
C ASP A 85 5.16 2.46 -8.41
N GLU A 86 4.98 3.61 -7.75
CA GLU A 86 5.88 4.76 -7.84
C GLU A 86 7.24 4.44 -7.21
N LEU A 87 7.22 3.73 -6.07
CA LEU A 87 8.45 3.31 -5.36
C LEU A 87 9.15 2.16 -6.10
N VAL A 88 8.37 1.34 -6.84
CA VAL A 88 8.93 0.28 -7.72
C VAL A 88 9.66 0.93 -8.92
N ALA A 89 9.08 2.02 -9.45
CA ALA A 89 9.63 2.78 -10.57
C ALA A 89 10.96 3.44 -10.18
N ALA A 90 10.93 4.14 -9.03
CA ALA A 90 12.10 4.82 -8.45
C ALA A 90 13.22 3.81 -8.08
N LYS A 91 12.80 2.60 -7.66
CA LYS A 91 13.72 1.52 -7.26
C LYS A 91 14.38 0.89 -8.49
N GLY A 92 13.60 0.73 -9.58
CA GLY A 92 14.08 0.06 -10.78
C GLY A 92 15.04 0.94 -11.57
N ALA A 93 14.51 2.08 -12.06
CA ALA A 93 15.24 3.17 -12.79
C ALA A 93 14.23 4.02 -13.60
N LEU A 94 12.93 3.68 -13.50
CA LEU A 94 11.85 4.29 -14.31
C LEU A 94 11.55 5.71 -13.80
N GLU A 95 10.87 6.51 -14.65
CA GLU A 95 10.61 7.97 -14.46
C GLU A 95 11.89 8.81 -14.74
N HIS A 96 12.98 8.12 -15.15
CA HIS A 96 14.31 8.69 -15.42
C HIS A 96 14.96 9.27 -14.14
N HIS A 97 16.11 8.68 -13.71
CA HIS A 97 16.85 9.14 -12.51
C HIS A 97 17.68 10.40 -12.82
N HIS A 98 16.97 11.45 -13.26
CA HIS A 98 17.54 12.74 -13.70
C HIS A 98 16.61 13.87 -13.25
N HIS A 99 16.96 15.09 -13.62
CA HIS A 99 16.10 16.27 -13.46
C HIS A 99 15.35 16.51 -14.78
N HIS A 100 14.12 17.03 -14.68
CA HIS A 100 13.26 17.34 -15.84
C HIS A 100 13.89 18.47 -16.66
N HIS A 101 14.68 18.10 -17.68
CA HIS A 101 15.40 19.03 -18.56
C HIS A 101 14.66 19.13 -19.92
P24 PNS B . -2.79 0.81 14.92
O25 PNS B . -1.37 0.89 14.55
O26 PNS B . -3.13 0.26 16.24
O27 PNS B . -3.53 2.22 14.69
C28 PNS B . -4.95 2.37 14.86
C29 PNS B . -5.45 3.72 14.26
C30 PNS B . -5.16 3.71 12.71
C31 PNS B . -4.70 4.89 14.94
C32 PNS B . -7.02 3.82 14.49
O33 PNS B . -7.30 3.76 15.90
C34 PNS B . -7.62 5.13 13.92
O35 PNS B . -8.19 5.11 12.82
N36 PNS B . -7.49 6.23 14.68
C37 PNS B . -8.01 7.55 14.25
C38 PNS B . -7.78 8.64 15.32
C39 PNS B . -8.75 8.57 16.50
O40 PNS B . -9.49 9.53 16.75
N41 PNS B . -8.76 7.43 17.23
C42 PNS B . -9.63 7.22 18.40
C43 PNS B . -9.22 8.06 19.62
S44 PNS B . -10.28 7.81 21.04
H282 PNS B . -5.46 1.55 14.38
H281 PNS B . -5.17 2.36 15.93
H303 PNS B . -5.49 4.64 12.27
H302 PNS B . -4.09 3.60 12.55
H301 PNS B . -5.67 2.89 12.24
H313 PNS B . -4.91 4.89 16.00
H312 PNS B . -3.63 4.78 14.79
H311 PNS B . -5.02 5.83 14.51
H32 PNS B . -7.50 2.98 14.02
H33 PNS B . -8.23 3.97 16.04
H36 PNS B . -7.04 6.17 15.54
H372 PNS B . -7.49 7.85 13.34
H371 PNS B . -9.07 7.48 14.05
H382 PNS B . -6.77 8.53 15.70
H381 PNS B . -7.86 9.61 14.84
H41 PNS B . -8.16 6.71 16.98
H422 PNS B . -10.65 7.47 18.14
H421 PNS B . -9.59 6.17 18.68
H431 PNS B . -9.25 9.11 19.35
H432 PNS B . -8.21 7.79 19.91
H44 PNS B . -10.11 8.82 21.88
N MET A 1 -0.13 -9.66 -10.85
CA MET A 1 -0.16 -10.17 -12.24
C MET A 1 -0.29 -9.00 -13.25
N THR A 2 -1.51 -8.46 -13.41
CA THR A 2 -1.86 -7.53 -14.52
C THR A 2 -1.73 -6.05 -14.12
N SER A 3 -1.74 -5.75 -12.81
CA SER A 3 -1.79 -4.37 -12.28
C SER A 3 -1.22 -4.32 -10.86
N THR A 4 -0.89 -3.11 -10.39
CA THR A 4 -0.46 -2.91 -8.99
C THR A 4 -1.67 -3.06 -8.06
N PHE A 5 -2.85 -2.57 -8.50
CA PHE A 5 -4.11 -2.72 -7.73
C PHE A 5 -4.52 -4.21 -7.68
N ASP A 6 -4.38 -4.93 -8.81
CA ASP A 6 -4.69 -6.38 -8.91
C ASP A 6 -3.83 -7.15 -7.89
N ARG A 7 -2.55 -6.79 -7.82
CA ARG A 7 -1.59 -7.34 -6.85
C ARG A 7 -2.04 -7.08 -5.41
N VAL A 8 -2.19 -5.79 -5.04
CA VAL A 8 -2.50 -5.33 -3.66
C VAL A 8 -3.83 -5.92 -3.15
N ALA A 9 -4.85 -5.93 -4.03
CA ALA A 9 -6.19 -6.48 -3.74
C ALA A 9 -6.10 -7.97 -3.35
N THR A 10 -5.34 -8.73 -4.16
CA THR A 10 -5.08 -10.16 -3.90
C THR A 10 -4.30 -10.34 -2.57
N ILE A 11 -3.23 -9.54 -2.38
CA ILE A 11 -2.34 -9.63 -1.20
C ILE A 11 -3.11 -9.44 0.13
N ILE A 12 -3.92 -8.37 0.22
CA ILE A 12 -4.70 -8.06 1.44
C ILE A 12 -5.72 -9.18 1.72
N ALA A 13 -6.33 -9.68 0.62
CA ALA A 13 -7.27 -10.81 0.65
C ALA A 13 -6.64 -12.07 1.29
N GLU A 14 -5.42 -12.43 0.84
CA GLU A 14 -4.73 -13.63 1.32
C GLU A 14 -4.23 -13.46 2.78
N THR A 15 -3.82 -12.22 3.13
CA THR A 15 -3.21 -11.94 4.44
C THR A 15 -4.24 -12.03 5.59
N CYS A 16 -5.35 -11.27 5.48
CA CYS A 16 -6.34 -11.13 6.57
C CYS A 16 -7.66 -11.86 6.26
N ASP A 17 -7.62 -12.75 5.25
CA ASP A 17 -8.81 -13.47 4.72
C ASP A 17 -9.97 -12.49 4.43
N ILE A 18 -9.64 -11.42 3.69
CA ILE A 18 -10.62 -10.39 3.25
C ILE A 18 -11.20 -10.86 1.91
N PRO A 19 -12.57 -10.87 1.70
CA PRO A 19 -13.16 -11.23 0.39
C PRO A 19 -12.59 -10.34 -0.74
N ARG A 20 -11.79 -10.96 -1.64
CA ARG A 20 -11.11 -10.28 -2.77
C ARG A 20 -12.14 -9.52 -3.63
N GLU A 21 -13.36 -10.11 -3.74
CA GLU A 21 -14.49 -9.57 -4.54
C GLU A 21 -14.99 -8.22 -3.97
N THR A 22 -14.97 -8.08 -2.63
CA THR A 22 -15.50 -6.89 -1.95
C THR A 22 -14.46 -5.75 -1.92
N ILE A 23 -13.20 -6.06 -2.31
CA ILE A 23 -12.10 -5.09 -2.30
C ILE A 23 -12.22 -4.19 -3.56
N THR A 24 -12.68 -2.95 -3.32
CA THR A 24 -12.92 -1.93 -4.36
C THR A 24 -11.78 -0.87 -4.35
N PRO A 25 -11.57 -0.10 -5.47
CA PRO A 25 -10.54 0.97 -5.52
C PRO A 25 -10.80 2.10 -4.51
N GLU A 26 -12.10 2.35 -4.22
CA GLU A 26 -12.53 3.45 -3.32
C GLU A 26 -12.69 2.93 -1.87
N SER A 27 -12.29 1.66 -1.64
CA SER A 27 -12.30 1.06 -0.30
C SER A 27 -11.13 1.63 0.49
N HIS A 28 -11.42 2.11 1.69
CA HIS A 28 -10.39 2.59 2.61
C HIS A 28 -10.02 1.45 3.57
N ALA A 29 -8.72 1.12 3.66
CA ALA A 29 -8.21 0.04 4.53
C ALA A 29 -8.69 0.15 5.98
N ILE A 30 -8.78 1.38 6.52
CA ILE A 30 -9.09 1.59 7.95
C ILE A 30 -10.62 1.73 8.12
N ASP A 31 -11.22 2.60 7.30
CA ASP A 31 -12.65 3.00 7.41
C ASP A 31 -13.58 1.85 6.94
N ASP A 32 -13.29 1.29 5.76
CA ASP A 32 -14.13 0.25 5.12
C ASP A 32 -13.73 -1.16 5.61
N LEU A 33 -12.46 -1.55 5.37
CA LEU A 33 -11.96 -2.90 5.67
C LEU A 33 -11.78 -3.15 7.18
N GLY A 34 -11.63 -2.05 7.96
CA GLY A 34 -11.40 -2.16 9.41
C GLY A 34 -10.00 -2.68 9.74
N ILE A 35 -8.99 -2.07 9.11
CA ILE A 35 -7.57 -2.45 9.24
C ILE A 35 -6.78 -1.23 9.73
N ASP A 36 -6.24 -1.32 10.95
CA ASP A 36 -5.42 -0.25 11.56
C ASP A 36 -3.94 -0.48 11.18
N SER A 37 -3.10 0.52 11.48
CA SER A 37 -1.63 0.47 11.34
C SER A 37 -1.02 -0.86 11.84
N LEU A 38 -1.41 -1.28 13.07
CA LEU A 38 -0.90 -2.52 13.71
C LEU A 38 -1.23 -3.77 12.88
N ASP A 39 -2.43 -3.77 12.26
CA ASP A 39 -2.88 -4.86 11.37
C ASP A 39 -2.13 -4.79 10.04
N PHE A 40 -1.95 -3.56 9.55
CA PHE A 40 -1.42 -3.28 8.21
C PHE A 40 0.10 -3.50 8.16
N LEU A 41 0.77 -3.55 9.33
CA LEU A 41 2.22 -3.87 9.40
C LEU A 41 2.54 -5.19 8.67
N ASP A 42 1.81 -6.28 9.03
CA ASP A 42 1.99 -7.61 8.41
C ASP A 42 1.56 -7.61 6.93
N ILE A 43 0.51 -6.82 6.63
CA ILE A 43 0.02 -6.62 5.25
C ILE A 43 1.09 -5.90 4.40
N ALA A 44 1.82 -4.96 5.04
CA ALA A 44 2.87 -4.18 4.41
C ALA A 44 4.12 -5.05 4.20
N PHE A 45 4.29 -6.09 5.04
CA PHE A 45 5.35 -7.12 4.89
C PHE A 45 5.02 -8.09 3.73
N ALA A 46 3.71 -8.34 3.51
CA ALA A 46 3.24 -9.16 2.39
C ALA A 46 3.44 -8.42 1.05
N ILE A 47 3.02 -7.14 1.02
CA ILE A 47 3.22 -6.23 -0.13
C ILE A 47 4.74 -6.00 -0.38
N ASP A 48 5.48 -5.91 0.74
CA ASP A 48 6.95 -5.71 0.75
C ASP A 48 7.65 -6.74 -0.16
N LYS A 49 7.53 -8.00 0.25
CA LYS A 49 8.24 -9.12 -0.36
C LYS A 49 7.74 -9.41 -1.78
N ALA A 50 6.41 -9.19 -2.01
CA ALA A 50 5.79 -9.35 -3.33
C ALA A 50 6.46 -8.44 -4.39
N PHE A 51 6.43 -7.12 -4.14
CA PHE A 51 6.93 -6.09 -5.09
C PHE A 51 8.46 -5.92 -5.02
N GLY A 52 9.09 -6.48 -3.98
CA GLY A 52 10.53 -6.32 -3.75
C GLY A 52 10.90 -4.92 -3.24
N ILE A 53 9.90 -4.17 -2.77
CA ILE A 53 10.05 -2.79 -2.23
C ILE A 53 9.61 -2.78 -0.76
N LYS A 54 9.96 -1.73 -0.01
CA LYS A 54 9.42 -1.54 1.35
C LYS A 54 8.46 -0.36 1.35
N LEU A 55 7.32 -0.52 2.06
CA LEU A 55 6.45 0.61 2.37
C LEU A 55 7.01 1.34 3.60
N PRO A 56 7.20 2.69 3.56
CA PRO A 56 7.40 3.50 4.78
C PRO A 56 6.06 3.64 5.55
N LEU A 57 5.46 2.49 5.93
CA LEU A 57 4.11 2.43 6.51
C LEU A 57 4.09 3.15 7.88
N GLU A 58 5.18 2.96 8.62
CA GLU A 58 5.39 3.59 9.94
C GLU A 58 5.45 5.12 9.78
N LYS A 59 6.21 5.56 8.76
CA LYS A 59 6.43 7.00 8.47
C LYS A 59 5.13 7.67 7.99
N TRP A 60 4.42 6.99 7.07
CA TRP A 60 3.16 7.47 6.48
C TRP A 60 2.11 7.68 7.57
N THR A 61 1.90 6.64 8.39
CA THR A 61 0.88 6.65 9.44
C THR A 61 1.30 7.55 10.63
N GLN A 62 2.62 7.85 10.75
CA GLN A 62 3.13 8.76 11.78
C GLN A 62 2.77 10.20 11.37
N GLU A 63 2.92 10.49 10.05
CA GLU A 63 2.53 11.78 9.44
C GLU A 63 1.02 11.98 9.50
N VAL A 64 0.26 10.88 9.40
CA VAL A 64 -1.19 10.89 9.60
C VAL A 64 -1.54 11.28 11.05
N ASN A 65 -0.84 10.63 12.01
CA ASN A 65 -0.98 10.91 13.46
C ASN A 65 -0.46 12.32 13.84
N ASP A 66 0.48 12.87 13.03
CA ASP A 66 1.04 14.24 13.24
C ASP A 66 0.24 15.30 12.45
N GLY A 67 -0.85 14.89 11.79
CA GLY A 67 -1.69 15.80 11.00
C GLY A 67 -1.05 16.30 9.69
N LYS A 68 0.16 15.80 9.38
CA LYS A 68 0.89 16.13 8.14
C LYS A 68 0.11 15.65 6.90
N ALA A 69 -0.54 14.49 7.05
CA ALA A 69 -1.29 13.83 5.98
C ALA A 69 -2.57 13.22 6.54
N THR A 70 -3.49 12.88 5.65
CA THR A 70 -4.74 12.18 5.98
C THR A 70 -4.56 10.67 5.72
N THR A 71 -5.36 9.84 6.41
CA THR A 71 -5.42 8.39 6.20
C THR A 71 -5.65 8.05 4.71
N GLU A 72 -6.68 8.69 4.12
CA GLU A 72 -7.08 8.58 2.69
C GLU A 72 -5.89 8.53 1.70
N GLN A 73 -4.96 9.48 1.91
CA GLN A 73 -3.78 9.69 1.04
C GLN A 73 -2.94 8.41 0.84
N TYR A 74 -2.92 7.54 1.87
CA TYR A 74 -2.11 6.30 1.86
C TYR A 74 -2.97 5.03 1.96
N PHE A 75 -4.25 5.15 2.39
CA PHE A 75 -5.08 3.96 2.76
C PHE A 75 -6.31 3.76 1.86
N VAL A 76 -6.52 4.60 0.81
CA VAL A 76 -7.58 4.32 -0.19
C VAL A 76 -6.93 3.45 -1.26
N LEU A 77 -7.41 2.22 -1.44
CA LEU A 77 -6.67 1.12 -2.11
C LEU A 77 -6.16 1.43 -3.54
N LYS A 78 -6.81 2.38 -4.26
CA LYS A 78 -6.31 2.85 -5.59
C LYS A 78 -5.12 3.85 -5.41
N ASN A 79 -5.25 4.73 -4.40
CA ASN A 79 -4.19 5.71 -4.01
C ASN A 79 -2.98 4.96 -3.47
N LEU A 80 -3.25 4.02 -2.54
CA LEU A 80 -2.27 3.10 -1.96
C LEU A 80 -1.51 2.35 -3.06
N ALA A 81 -2.25 1.76 -4.03
CA ALA A 81 -1.66 1.04 -5.16
C ALA A 81 -0.75 1.96 -6.00
N ALA A 82 -1.17 3.23 -6.16
CA ALA A 82 -0.40 4.23 -6.90
C ALA A 82 0.89 4.62 -6.15
N ARG A 83 0.81 4.69 -4.80
CA ARG A 83 1.96 5.04 -3.92
C ARG A 83 3.00 3.90 -3.92
N ILE A 84 2.51 2.64 -3.93
CA ILE A 84 3.35 1.43 -4.01
C ILE A 84 4.04 1.37 -5.39
N ASP A 85 3.27 1.74 -6.43
CA ASP A 85 3.75 1.84 -7.82
C ASP A 85 4.87 2.89 -7.94
N GLU A 86 4.74 3.98 -7.15
CA GLU A 86 5.76 5.04 -7.03
C GLU A 86 7.05 4.50 -6.39
N LEU A 87 6.91 3.61 -5.39
CA LEU A 87 8.06 3.00 -4.68
C LEU A 87 8.76 1.95 -5.54
N VAL A 88 8.00 1.31 -6.45
CA VAL A 88 8.55 0.38 -7.46
C VAL A 88 9.38 1.18 -8.48
N ALA A 89 8.87 2.37 -8.87
CA ALA A 89 9.58 3.31 -9.76
C ALA A 89 10.82 3.90 -9.04
N ALA A 90 10.70 4.08 -7.71
CA ALA A 90 11.79 4.55 -6.84
C ALA A 90 12.87 3.47 -6.63
N LYS A 91 12.50 2.20 -6.83
CA LYS A 91 13.47 1.08 -6.85
C LYS A 91 14.08 0.91 -8.26
N GLY A 92 13.32 1.32 -9.30
CA GLY A 92 13.73 1.15 -10.70
C GLY A 92 14.49 2.36 -11.24
N ALA A 93 14.51 3.43 -10.43
CA ALA A 93 15.21 4.69 -10.73
C ALA A 93 15.47 5.45 -9.42
N LEU A 94 16.27 6.51 -9.48
CA LEU A 94 16.58 7.36 -8.30
C LEU A 94 16.28 8.83 -8.61
N GLU A 95 16.20 9.63 -7.53
CA GLU A 95 16.21 11.10 -7.61
C GLU A 95 17.48 11.55 -8.36
N HIS A 96 17.35 12.55 -9.25
CA HIS A 96 18.48 13.02 -10.06
C HIS A 96 19.43 13.84 -9.16
N HIS A 97 20.50 13.18 -8.68
CA HIS A 97 21.45 13.77 -7.72
C HIS A 97 22.82 13.09 -7.81
N HIS A 98 23.79 13.69 -7.12
CA HIS A 98 25.08 13.07 -6.80
C HIS A 98 25.28 13.16 -5.28
N HIS A 99 25.20 14.41 -4.77
CA HIS A 99 25.49 14.76 -3.36
C HIS A 99 26.89 14.24 -2.98
N HIS A 100 27.92 14.95 -3.49
CA HIS A 100 29.34 14.57 -3.35
C HIS A 100 29.73 14.35 -1.87
N HIS A 101 29.94 13.08 -1.50
CA HIS A 101 30.51 12.68 -0.21
C HIS A 101 32.05 12.55 -0.37
P24 PNS B . 1.00 2.40 13.76
O25 PNS B . 0.74 3.79 13.36
O26 PNS B . 2.42 1.99 13.84
O27 PNS B . 0.31 2.06 15.21
C28 PNS B . -1.09 2.00 15.53
C29 PNS B . -1.83 3.38 15.76
C30 PNS B . -2.13 4.08 14.40
C31 PNS B . -0.93 4.30 16.63
C32 PNS B . -3.20 3.07 16.53
O33 PNS B . -2.92 2.55 17.83
C34 PNS B . -4.09 4.33 16.66
O35 PNS B . -4.11 5.00 17.70
N36 PNS B . -4.84 4.63 15.58
C37 PNS B . -5.73 5.79 15.52
C38 PNS B . -6.35 5.97 14.13
C39 PNS B . -7.58 5.09 13.87
O40 PNS B . -8.68 5.60 13.63
N41 PNS B . -7.38 3.75 13.92
C42 PNS B . -8.45 2.77 13.70
C43 PNS B . -9.46 2.75 14.85
S44 PNS B . -10.86 1.67 14.50
H282 PNS B . -1.59 1.45 14.73
H281 PNS B . -1.16 1.40 16.43
H303 PNS B . -2.76 3.44 13.78
H302 PNS B . -2.65 5.01 14.58
H301 PNS B . -1.21 4.29 13.87
H313 PNS B . 0.00 4.51 16.12
H312 PNS B . -1.45 5.23 16.84
H311 PNS B . -0.72 3.81 17.58
H32 PNS B . -3.75 2.32 15.98
H33 PNS B . -3.09 3.23 18.49
H36 PNS B . -4.79 4.05 14.79
H372 PNS B . -6.53 5.66 16.25
H371 PNS B . -5.16 6.68 15.77
H382 PNS B . -6.65 7.01 14.01
H381 PNS B . -5.61 5.74 13.37
H41 PNS B . -6.47 3.42 14.10
H422 PNS B . -8.96 2.98 12.78
H421 PNS B . -7.99 1.78 13.64
H431 PNS B . -9.85 3.75 15.00
H432 PNS B . -8.98 2.41 15.75
H44 PNS B . -11.21 1.86 13.24
N MET A 1 -0.18 -8.48 -18.81
CA MET A 1 -1.12 -7.41 -18.41
C MET A 1 -1.71 -7.72 -17.03
N THR A 2 -1.52 -6.78 -16.09
CA THR A 2 -2.10 -6.84 -14.75
C THR A 2 -2.34 -5.40 -14.24
N SER A 3 -2.68 -5.26 -12.95
CA SER A 3 -2.77 -3.97 -12.26
C SER A 3 -2.01 -4.07 -10.94
N THR A 4 -1.45 -2.93 -10.48
CA THR A 4 -0.81 -2.85 -9.16
C THR A 4 -1.86 -3.13 -8.08
N PHE A 5 -3.07 -2.55 -8.26
CA PHE A 5 -4.24 -2.78 -7.39
C PHE A 5 -4.66 -4.27 -7.39
N ASP A 6 -4.54 -4.95 -8.53
CA ASP A 6 -4.89 -6.39 -8.65
C ASP A 6 -4.04 -7.22 -7.68
N ARG A 7 -2.73 -6.92 -7.67
CA ARG A 7 -1.76 -7.57 -6.78
C ARG A 7 -2.05 -7.23 -5.31
N VAL A 8 -2.11 -5.91 -5.00
CA VAL A 8 -2.34 -5.38 -3.63
C VAL A 8 -3.64 -5.94 -3.01
N ALA A 9 -4.71 -5.94 -3.80
CA ALA A 9 -6.05 -6.42 -3.39
C ALA A 9 -6.02 -7.90 -3.00
N THR A 10 -5.36 -8.72 -3.85
CA THR A 10 -5.18 -10.16 -3.59
C THR A 10 -4.33 -10.38 -2.32
N ILE A 11 -3.22 -9.63 -2.18
CA ILE A 11 -2.30 -9.74 -1.02
C ILE A 11 -3.05 -9.46 0.29
N ILE A 12 -3.88 -8.41 0.31
CA ILE A 12 -4.66 -7.99 1.49
C ILE A 12 -5.73 -9.05 1.83
N ALA A 13 -6.37 -9.58 0.77
CA ALA A 13 -7.31 -10.70 0.85
C ALA A 13 -6.66 -11.95 1.50
N GLU A 14 -5.40 -12.22 1.13
CA GLU A 14 -4.62 -13.37 1.66
C GLU A 14 -4.03 -13.08 3.05
N THR A 15 -3.89 -11.80 3.41
CA THR A 15 -3.36 -11.37 4.72
C THR A 15 -4.46 -11.46 5.80
N CYS A 16 -5.54 -10.68 5.66
CA CYS A 16 -6.54 -10.48 6.72
C CYS A 16 -7.86 -11.23 6.42
N ASP A 17 -7.81 -12.17 5.45
CA ASP A 17 -8.97 -12.94 4.98
C ASP A 17 -10.14 -12.01 4.57
N ILE A 18 -9.85 -11.11 3.62
CA ILE A 18 -10.83 -10.13 3.11
C ILE A 18 -11.39 -10.66 1.76
N PRO A 19 -12.76 -10.71 1.57
CA PRO A 19 -13.35 -11.10 0.26
C PRO A 19 -12.93 -10.12 -0.86
N ARG A 20 -12.27 -10.66 -1.91
CA ARG A 20 -11.81 -9.89 -3.10
C ARG A 20 -12.98 -9.12 -3.76
N GLU A 21 -14.19 -9.69 -3.69
CA GLU A 21 -15.41 -9.11 -4.28
C GLU A 21 -15.80 -7.80 -3.54
N THR A 22 -15.52 -7.74 -2.23
CA THR A 22 -15.80 -6.57 -1.37
C THR A 22 -14.59 -5.63 -1.26
N ILE A 23 -13.64 -5.75 -2.21
CA ILE A 23 -12.45 -4.89 -2.29
C ILE A 23 -12.59 -3.98 -3.53
N THR A 24 -12.88 -2.70 -3.30
CA THR A 24 -12.87 -1.66 -4.37
C THR A 24 -11.54 -0.86 -4.31
N PRO A 25 -11.14 -0.13 -5.40
CA PRO A 25 -9.99 0.80 -5.34
C PRO A 25 -10.19 1.92 -4.29
N GLU A 26 -11.47 2.23 -4.00
CA GLU A 26 -11.87 3.31 -3.09
C GLU A 26 -12.08 2.76 -1.66
N SER A 27 -11.65 1.51 -1.42
CA SER A 27 -11.71 0.89 -0.09
C SER A 27 -10.63 1.52 0.81
N HIS A 28 -11.05 2.03 1.97
CA HIS A 28 -10.14 2.53 3.00
C HIS A 28 -9.80 1.35 3.93
N ALA A 29 -8.51 1.08 4.12
CA ALA A 29 -8.02 -0.04 4.96
C ALA A 29 -8.71 -0.11 6.34
N ILE A 30 -8.90 1.03 7.01
CA ILE A 30 -9.39 1.06 8.40
C ILE A 30 -10.91 1.29 8.41
N ASP A 31 -11.35 2.31 7.66
CA ASP A 31 -12.72 2.87 7.72
C ASP A 31 -13.73 1.99 6.96
N ASP A 32 -13.25 1.30 5.90
CA ASP A 32 -14.08 0.38 5.08
C ASP A 32 -13.77 -1.09 5.42
N LEU A 33 -12.53 -1.54 5.09
CA LEU A 33 -12.12 -2.95 5.22
C LEU A 33 -12.08 -3.43 6.69
N GLY A 34 -11.94 -2.49 7.64
CA GLY A 34 -11.81 -2.82 9.07
C GLY A 34 -10.48 -3.51 9.38
N ILE A 35 -9.41 -2.86 8.95
CA ILE A 35 -8.02 -3.29 9.16
C ILE A 35 -7.28 -2.12 9.81
N ASP A 36 -6.88 -2.28 11.08
CA ASP A 36 -6.21 -1.21 11.85
C ASP A 36 -4.79 -1.01 11.32
N SER A 37 -4.16 0.14 11.65
CA SER A 37 -2.80 0.48 11.17
C SER A 37 -1.75 -0.56 11.62
N LEU A 38 -2.01 -1.19 12.79
CA LEU A 38 -1.17 -2.26 13.35
C LEU A 38 -1.23 -3.52 12.45
N ASP A 39 -2.46 -3.84 11.99
CA ASP A 39 -2.69 -4.93 11.02
C ASP A 39 -2.14 -4.54 9.64
N PHE A 40 -2.12 -3.21 9.39
CA PHE A 40 -1.67 -2.63 8.11
C PHE A 40 -0.14 -2.69 7.98
N LEU A 41 0.54 -2.86 9.13
CA LEU A 41 1.98 -3.18 9.17
C LEU A 41 2.22 -4.54 8.50
N ASP A 42 1.44 -5.55 8.94
CA ASP A 42 1.52 -6.95 8.46
C ASP A 42 1.13 -7.03 6.96
N ILE A 43 0.09 -6.23 6.60
CA ILE A 43 -0.32 -5.97 5.19
C ILE A 43 0.91 -5.52 4.38
N ALA A 44 1.61 -4.52 4.93
CA ALA A 44 2.71 -3.85 4.23
C ALA A 44 3.97 -4.71 4.17
N PHE A 45 4.17 -5.63 5.13
CA PHE A 45 5.29 -6.61 5.11
C PHE A 45 5.15 -7.52 3.88
N ALA A 46 3.91 -7.99 3.66
CA ALA A 46 3.58 -8.89 2.54
C ALA A 46 3.74 -8.17 1.18
N ILE A 47 3.20 -6.93 1.09
CA ILE A 47 3.26 -6.12 -0.14
C ILE A 47 4.71 -5.70 -0.48
N ASP A 48 5.43 -5.25 0.57
CA ASP A 48 6.84 -4.79 0.49
C ASP A 48 7.70 -5.82 -0.24
N LYS A 49 7.72 -7.04 0.31
CA LYS A 49 8.55 -8.14 -0.17
C LYS A 49 8.06 -8.66 -1.54
N ALA A 50 6.73 -8.66 -1.75
CA ALA A 50 6.10 -9.09 -3.03
C ALA A 50 6.63 -8.27 -4.23
N PHE A 51 6.49 -6.94 -4.15
CA PHE A 51 6.90 -6.01 -5.23
C PHE A 51 8.42 -5.75 -5.21
N GLY A 52 9.13 -6.24 -4.17
CA GLY A 52 10.58 -6.05 -4.03
C GLY A 52 10.97 -4.59 -3.78
N ILE A 53 10.05 -3.83 -3.16
CA ILE A 53 10.22 -2.39 -2.85
C ILE A 53 10.22 -2.20 -1.34
N LYS A 54 10.53 -0.98 -0.87
CA LYS A 54 10.50 -0.66 0.56
C LYS A 54 9.43 0.41 0.83
N LEU A 55 8.35 0.04 1.55
CA LEU A 55 7.32 0.98 1.99
C LEU A 55 7.77 1.71 3.28
N PRO A 56 7.79 3.07 3.30
CA PRO A 56 7.91 3.85 4.55
C PRO A 56 6.58 3.91 5.31
N LEU A 57 6.06 2.73 5.69
CA LEU A 57 4.71 2.56 6.25
C LEU A 57 4.63 3.24 7.63
N GLU A 58 5.67 3.04 8.47
CA GLU A 58 5.73 3.64 9.81
C GLU A 58 5.73 5.18 9.74
N LYS A 59 6.39 5.72 8.69
CA LYS A 59 6.39 7.17 8.42
C LYS A 59 4.95 7.62 8.09
N TRP A 60 4.29 6.85 7.18
CA TRP A 60 2.90 7.13 6.73
C TRP A 60 1.91 7.11 7.90
N THR A 61 2.14 6.17 8.84
CA THR A 61 1.27 5.98 10.00
C THR A 61 1.39 7.17 10.98
N GLN A 62 2.61 7.73 11.11
CA GLN A 62 2.87 8.88 11.99
C GLN A 62 2.33 10.16 11.35
N GLU A 63 2.40 10.25 10.02
CA GLU A 63 1.82 11.38 9.25
C GLU A 63 0.29 11.44 9.46
N VAL A 64 -0.34 10.26 9.53
CA VAL A 64 -1.76 10.12 9.83
C VAL A 64 -2.08 10.55 11.29
N ASN A 65 -1.39 9.91 12.26
CA ASN A 65 -1.60 10.15 13.70
C ASN A 65 -1.29 11.61 14.13
N ASP A 66 -0.38 12.28 13.40
CA ASP A 66 0.00 13.69 13.69
C ASP A 66 -0.71 14.68 12.74
N GLY A 67 -1.64 14.16 11.92
CA GLY A 67 -2.44 14.99 10.99
C GLY A 67 -1.61 15.73 9.92
N LYS A 68 -0.36 15.29 9.72
CA LYS A 68 0.55 15.83 8.70
C LYS A 68 0.00 15.52 7.29
N ALA A 69 -0.54 14.30 7.17
CA ALA A 69 -1.14 13.78 5.94
C ALA A 69 -2.43 13.02 6.30
N THR A 70 -3.45 13.18 5.46
CA THR A 70 -4.74 12.49 5.60
C THR A 70 -4.57 10.97 5.36
N THR A 71 -5.36 10.18 6.09
CA THR A 71 -5.38 8.70 6.04
C THR A 71 -5.46 8.17 4.58
N GLU A 72 -6.52 8.60 3.87
CA GLU A 72 -6.85 8.19 2.49
C GLU A 72 -5.65 8.14 1.52
N GLN A 73 -4.72 9.10 1.66
CA GLN A 73 -3.54 9.24 0.77
C GLN A 73 -2.67 7.97 0.75
N TYR A 74 -2.70 7.20 1.85
CA TYR A 74 -1.91 5.95 2.00
C TYR A 74 -2.81 4.72 2.19
N PHE A 75 -4.02 4.91 2.75
CA PHE A 75 -4.88 3.79 3.22
C PHE A 75 -6.00 3.44 2.23
N VAL A 76 -6.21 4.25 1.19
CA VAL A 76 -7.22 3.95 0.14
C VAL A 76 -6.51 3.18 -0.97
N LEU A 77 -7.00 1.98 -1.28
CA LEU A 77 -6.24 0.93 -2.02
C LEU A 77 -5.71 1.35 -3.41
N LYS A 78 -6.36 2.34 -4.07
CA LYS A 78 -5.88 2.89 -5.36
C LYS A 78 -4.69 3.85 -5.12
N ASN A 79 -4.78 4.63 -4.04
CA ASN A 79 -3.74 5.59 -3.62
C ASN A 79 -2.53 4.83 -3.07
N LEU A 80 -2.81 3.79 -2.27
CA LEU A 80 -1.81 2.85 -1.74
C LEU A 80 -1.08 2.16 -2.89
N ALA A 81 -1.85 1.61 -3.85
CA ALA A 81 -1.31 0.91 -5.04
C ALA A 81 -0.45 1.87 -5.88
N ALA A 82 -0.85 3.15 -5.91
CA ALA A 82 -0.09 4.20 -6.61
C ALA A 82 1.24 4.48 -5.88
N ARG A 83 1.20 4.54 -4.52
CA ARG A 83 2.40 4.76 -3.68
C ARG A 83 3.44 3.66 -3.93
N ILE A 84 2.96 2.43 -3.98
CA ILE A 84 3.76 1.23 -4.21
C ILE A 84 4.36 1.26 -5.63
N ASP A 85 3.52 1.61 -6.62
CA ASP A 85 3.89 1.62 -8.05
C ASP A 85 4.96 2.69 -8.35
N GLU A 86 4.83 3.84 -7.68
CA GLU A 86 5.81 4.93 -7.74
C GLU A 86 7.16 4.46 -7.16
N LEU A 87 7.08 3.66 -6.08
CA LEU A 87 8.28 3.06 -5.44
C LEU A 87 8.87 1.93 -6.31
N VAL A 88 8.03 1.25 -7.13
CA VAL A 88 8.51 0.20 -8.08
C VAL A 88 9.42 0.85 -9.15
N ALA A 89 8.94 1.96 -9.71
CA ALA A 89 9.69 2.74 -10.72
C ALA A 89 10.97 3.35 -10.12
N ALA A 90 10.86 3.86 -8.88
CA ALA A 90 11.97 4.51 -8.15
C ALA A 90 13.07 3.51 -7.75
N LYS A 91 12.63 2.32 -7.31
CA LYS A 91 13.52 1.24 -6.82
C LYS A 91 14.27 0.64 -8.01
N GLY A 92 13.52 0.34 -9.08
CA GLY A 92 14.07 -0.37 -10.22
C GLY A 92 15.06 0.48 -11.00
N ALA A 93 14.55 1.61 -11.54
CA ALA A 93 15.33 2.58 -12.35
C ALA A 93 16.21 1.84 -13.37
N LEU A 94 15.55 1.14 -14.30
CA LEU A 94 16.21 0.24 -15.29
C LEU A 94 16.40 0.96 -16.65
N GLU A 95 16.34 2.30 -16.60
CA GLU A 95 16.42 3.16 -17.80
C GLU A 95 17.88 3.36 -18.25
N HIS A 96 18.81 3.24 -17.26
CA HIS A 96 20.26 3.50 -17.41
C HIS A 96 20.47 5.01 -17.68
N HIS A 97 20.19 5.45 -18.93
CA HIS A 97 20.14 6.87 -19.35
C HIS A 97 21.54 7.51 -19.56
N HIS A 98 22.54 7.09 -18.74
CA HIS A 98 23.88 7.71 -18.68
C HIS A 98 23.78 9.11 -18.03
N HIS A 99 24.15 9.21 -16.73
CA HIS A 99 24.12 10.49 -15.98
C HIS A 99 25.25 11.42 -16.48
N HIS A 100 24.88 12.43 -17.28
CA HIS A 100 25.83 13.47 -17.76
C HIS A 100 26.29 14.34 -16.57
N HIS A 101 25.36 14.57 -15.64
CA HIS A 101 25.59 15.28 -14.38
C HIS A 101 25.16 14.37 -13.21
P24 PNS B . -3.38 4.31 12.11
O25 PNS B . -3.17 5.17 10.93
O26 PNS B . -2.34 4.34 13.16
O27 PNS B . -4.82 4.60 12.76
C28 PNS B . -5.27 3.81 13.87
C29 PNS B . -6.51 4.43 14.58
C30 PNS B . -7.72 4.43 13.59
C31 PNS B . -6.17 5.89 14.97
C32 PNS B . -6.87 3.56 15.86
O33 PNS B . -5.72 3.49 16.73
C34 PNS B . -8.07 4.12 16.66
O35 PNS B . -9.19 3.65 16.48
N36 PNS B . -7.80 5.08 17.56
C37 PNS B . -8.85 5.69 18.38
C38 PNS B . -8.30 6.65 19.45
C39 PNS B . -7.75 7.98 18.89
O40 PNS B . -8.39 9.02 19.04
N41 PNS B . -6.58 7.92 18.23
C42 PNS B . -5.96 9.13 17.65
C43 PNS B . -4.58 8.85 17.05
S44 PNS B . -3.73 10.36 16.57
H282 PNS B . -5.52 2.81 13.52
H281 PNS B . -4.46 3.72 14.60
H303 PNS B . -7.97 3.40 13.32
H302 PNS B . -8.58 4.89 14.06
H301 PNS B . -7.47 4.98 12.70
H313 PNS B . -5.93 6.47 14.09
H312 PNS B . -7.01 6.36 15.47
H311 PNS B . -5.32 5.91 15.63
H32 PNS B . -7.10 2.55 15.54
H33 PNS B . -6.01 3.23 17.61
H36 PNS B . -6.87 5.38 17.68
H372 PNS B . -9.53 6.24 17.74
H371 PNS B . -9.40 4.90 18.88
H382 PNS B . -9.10 6.88 20.16
H381 PNS B . -7.51 6.15 20.00
H41 PNS B . -6.11 7.07 18.14
H422 PNS B . -6.60 9.52 16.87
H421 PNS B . -5.85 9.88 18.42
H431 PNS B . -4.70 8.24 16.16
H432 PNS B . -3.96 8.34 17.77
H44 PNS B . -4.29 10.80 15.45
N MET A 1 -6.43 -10.02 -12.57
CA MET A 1 -5.47 -11.06 -13.00
C MET A 1 -4.03 -10.52 -12.95
N THR A 2 -3.83 -9.24 -13.35
CA THR A 2 -2.51 -8.58 -13.32
C THR A 2 -2.66 -7.02 -13.35
N SER A 3 -2.18 -6.38 -12.27
CA SER A 3 -2.10 -4.90 -12.09
C SER A 3 -1.53 -4.61 -10.68
N THR A 4 -1.20 -3.34 -10.35
CA THR A 4 -0.65 -2.99 -9.03
C THR A 4 -1.72 -3.19 -7.93
N PHE A 5 -2.90 -2.55 -8.12
CA PHE A 5 -4.05 -2.73 -7.20
C PHE A 5 -4.49 -4.20 -7.17
N ASP A 6 -4.36 -4.91 -8.30
CA ASP A 6 -4.71 -6.34 -8.39
C ASP A 6 -3.86 -7.16 -7.40
N ARG A 7 -2.55 -6.86 -7.36
CA ARG A 7 -1.62 -7.46 -6.40
C ARG A 7 -2.00 -7.09 -4.95
N VAL A 8 -2.31 -5.80 -4.73
CA VAL A 8 -2.70 -5.24 -3.40
C VAL A 8 -3.97 -5.95 -2.85
N ALA A 9 -4.93 -6.14 -3.75
CA ALA A 9 -6.24 -6.73 -3.44
C ALA A 9 -6.12 -8.23 -3.15
N THR A 10 -5.22 -8.91 -3.92
CA THR A 10 -4.84 -10.31 -3.66
C THR A 10 -4.24 -10.45 -2.26
N ILE A 11 -3.29 -9.56 -1.97
CA ILE A 11 -2.57 -9.51 -0.70
C ILE A 11 -3.53 -9.38 0.48
N ILE A 12 -4.45 -8.42 0.43
CA ILE A 12 -5.39 -8.14 1.54
C ILE A 12 -6.38 -9.32 1.75
N ALA A 13 -6.84 -9.89 0.63
CA ALA A 13 -7.70 -11.09 0.62
C ALA A 13 -7.05 -12.29 1.35
N GLU A 14 -5.83 -12.65 0.95
CA GLU A 14 -5.13 -13.85 1.46
C GLU A 14 -4.51 -13.61 2.87
N THR A 15 -4.10 -12.36 3.15
CA THR A 15 -3.39 -11.98 4.39
C THR A 15 -4.37 -11.74 5.55
N CYS A 16 -5.29 -10.78 5.35
CA CYS A 16 -6.16 -10.25 6.43
C CYS A 16 -7.54 -10.94 6.40
N ASP A 17 -7.76 -11.87 5.43
CA ASP A 17 -9.02 -12.61 5.23
C ASP A 17 -10.20 -11.65 4.99
N ILE A 18 -9.98 -10.70 4.07
CA ILE A 18 -10.99 -9.73 3.62
C ILE A 18 -11.55 -10.21 2.26
N PRO A 19 -12.91 -10.30 2.09
CA PRO A 19 -13.52 -10.75 0.82
C PRO A 19 -13.05 -9.93 -0.39
N ARG A 20 -12.36 -10.60 -1.34
CA ARG A 20 -11.80 -9.97 -2.57
C ARG A 20 -12.85 -9.14 -3.34
N GLU A 21 -14.12 -9.61 -3.32
CA GLU A 21 -15.23 -8.95 -4.01
C GLU A 21 -15.64 -7.62 -3.32
N THR A 22 -15.38 -7.52 -2.01
CA THR A 22 -15.66 -6.29 -1.23
C THR A 22 -14.40 -5.39 -1.15
N ILE A 23 -13.33 -5.77 -1.87
CA ILE A 23 -12.10 -4.97 -1.97
C ILE A 23 -12.15 -4.15 -3.27
N THR A 24 -12.63 -2.89 -3.17
CA THR A 24 -12.68 -1.95 -4.31
C THR A 24 -11.46 -1.00 -4.26
N PRO A 25 -11.04 -0.36 -5.40
CA PRO A 25 -9.92 0.63 -5.41
C PRO A 25 -10.16 1.80 -4.44
N GLU A 26 -11.45 2.08 -4.19
CA GLU A 26 -11.91 3.24 -3.41
C GLU A 26 -12.32 2.79 -1.99
N SER A 27 -11.85 1.59 -1.60
CA SER A 27 -11.97 1.11 -0.21
C SER A 27 -10.87 1.75 0.65
N HIS A 28 -11.27 2.21 1.84
CA HIS A 28 -10.33 2.64 2.88
C HIS A 28 -10.00 1.41 3.75
N ALA A 29 -8.71 1.08 3.89
CA ALA A 29 -8.23 -0.08 4.67
C ALA A 29 -8.84 -0.13 6.08
N ILE A 30 -8.82 1.00 6.79
CA ILE A 30 -9.17 1.04 8.22
C ILE A 30 -10.70 1.19 8.38
N ASP A 31 -11.28 2.10 7.56
CA ASP A 31 -12.71 2.51 7.66
C ASP A 31 -13.64 1.47 6.99
N ASP A 32 -13.39 1.18 5.71
CA ASP A 32 -14.30 0.37 4.86
C ASP A 32 -14.04 -1.15 5.06
N LEU A 33 -12.78 -1.57 4.83
CA LEU A 33 -12.37 -2.99 4.93
C LEU A 33 -12.28 -3.45 6.40
N GLY A 34 -12.27 -2.50 7.34
CA GLY A 34 -12.21 -2.81 8.78
C GLY A 34 -10.91 -3.48 9.20
N ILE A 35 -9.82 -3.11 8.52
CA ILE A 35 -8.46 -3.60 8.81
C ILE A 35 -7.89 -2.80 9.99
N ASP A 36 -7.06 -3.45 10.80
CA ASP A 36 -6.40 -2.84 11.96
C ASP A 36 -4.89 -2.73 11.65
N SER A 37 -4.16 -1.94 12.44
CA SER A 37 -2.70 -1.79 12.33
C SER A 37 -1.99 -3.14 12.31
N LEU A 38 -2.31 -4.00 13.30
CA LEU A 38 -1.66 -5.32 13.46
C LEU A 38 -1.79 -6.20 12.19
N ASP A 39 -2.94 -6.05 11.48
CA ASP A 39 -3.17 -6.71 10.18
C ASP A 39 -2.36 -6.03 9.07
N PHE A 40 -2.42 -4.68 9.04
CA PHE A 40 -1.83 -3.86 7.94
C PHE A 40 -0.28 -3.97 7.92
N LEU A 41 0.32 -4.31 9.09
CA LEU A 41 1.77 -4.53 9.20
C LEU A 41 2.18 -5.74 8.34
N ASP A 42 1.42 -6.85 8.47
CA ASP A 42 1.67 -8.10 7.73
C ASP A 42 1.21 -7.98 6.26
N ILE A 43 0.21 -7.09 6.01
CA ILE A 43 -0.21 -6.72 4.65
C ILE A 43 0.95 -6.00 3.94
N ALA A 44 1.66 -5.13 4.69
CA ALA A 44 2.78 -4.34 4.15
C ALA A 44 4.06 -5.19 4.07
N PHE A 45 4.12 -6.26 4.89
CA PHE A 45 5.15 -7.32 4.78
C PHE A 45 4.96 -8.08 3.46
N ALA A 46 3.70 -8.39 3.14
CA ALA A 46 3.34 -9.11 1.90
C ALA A 46 3.61 -8.23 0.66
N ILE A 47 3.31 -6.93 0.79
CA ILE A 47 3.59 -5.92 -0.27
C ILE A 47 5.12 -5.78 -0.49
N ASP A 48 5.86 -5.76 0.63
CA ASP A 48 7.34 -5.69 0.66
C ASP A 48 7.96 -6.80 -0.21
N LYS A 49 7.51 -8.03 0.07
CA LYS A 49 8.02 -9.25 -0.57
C LYS A 49 7.58 -9.33 -2.05
N ALA A 50 6.29 -9.06 -2.30
CA ALA A 50 5.68 -9.13 -3.65
C ALA A 50 6.35 -8.22 -4.67
N PHE A 51 6.31 -6.90 -4.39
CA PHE A 51 6.79 -5.87 -5.32
C PHE A 51 8.31 -5.64 -5.20
N GLY A 52 8.95 -6.29 -4.20
CA GLY A 52 10.39 -6.17 -3.97
C GLY A 52 10.82 -4.79 -3.47
N ILE A 53 9.93 -4.13 -2.71
CA ILE A 53 10.14 -2.75 -2.19
C ILE A 53 9.93 -2.72 -0.67
N LYS A 54 9.94 -1.52 -0.08
CA LYS A 54 9.55 -1.32 1.32
C LYS A 54 8.77 -0.01 1.45
N LEU A 55 7.55 -0.08 1.98
CA LEU A 55 6.74 1.11 2.27
C LEU A 55 7.27 1.80 3.55
N PRO A 56 7.49 3.16 3.55
CA PRO A 56 7.84 3.90 4.78
C PRO A 56 6.63 4.02 5.73
N LEU A 57 6.32 2.90 6.42
CA LEU A 57 5.20 2.80 7.38
C LEU A 57 5.27 3.91 8.44
N GLU A 58 6.42 4.00 9.11
CA GLU A 58 6.67 4.95 10.20
C GLU A 58 6.43 6.40 9.73
N LYS A 59 7.04 6.76 8.59
CA LYS A 59 6.96 8.11 8.01
C LYS A 59 5.51 8.49 7.74
N TRP A 60 4.81 7.60 7.02
CA TRP A 60 3.39 7.77 6.64
C TRP A 60 2.49 7.89 7.89
N THR A 61 2.78 7.07 8.91
CA THR A 61 2.02 7.05 10.18
C THR A 61 2.12 8.40 10.89
N GLN A 62 3.34 8.99 10.91
CA GLN A 62 3.60 10.25 11.63
C GLN A 62 2.93 11.43 10.90
N GLU A 63 3.01 11.42 9.56
CA GLU A 63 2.38 12.46 8.69
C GLU A 63 0.85 12.49 8.90
N VAL A 64 0.25 11.30 8.98
CA VAL A 64 -1.18 11.13 9.29
C VAL A 64 -1.52 11.77 10.67
N ASN A 65 -0.76 11.36 11.70
CA ASN A 65 -0.91 11.87 13.10
C ASN A 65 -0.74 13.40 13.21
N ASP A 66 0.18 13.98 12.39
CA ASP A 66 0.52 15.42 12.44
C ASP A 66 -0.37 16.27 11.52
N GLY A 67 -1.34 15.63 10.83
CA GLY A 67 -2.18 16.32 9.84
C GLY A 67 -1.43 16.86 8.62
N LYS A 68 -0.20 16.34 8.41
CA LYS A 68 0.58 16.62 7.19
C LYS A 68 0.03 15.79 6.02
N ALA A 69 -0.64 14.69 6.38
CA ALA A 69 -1.31 13.78 5.45
C ALA A 69 -2.60 13.25 6.08
N THR A 70 -3.52 12.79 5.24
CA THR A 70 -4.74 12.10 5.67
C THR A 70 -4.50 10.59 5.75
N THR A 71 -5.42 9.88 6.42
CA THR A 71 -5.47 8.42 6.42
C THR A 71 -5.74 7.93 4.98
N GLU A 72 -6.79 8.51 4.36
CA GLU A 72 -7.17 8.34 2.93
C GLU A 72 -5.96 8.33 1.97
N GLN A 73 -5.02 9.28 2.18
CA GLN A 73 -3.83 9.47 1.31
C GLN A 73 -2.99 8.18 1.14
N TYR A 74 -2.95 7.32 2.18
CA TYR A 74 -2.12 6.10 2.15
C TYR A 74 -2.98 4.82 2.22
N PHE A 75 -4.15 4.89 2.86
CA PHE A 75 -4.95 3.70 3.21
C PHE A 75 -6.08 3.42 2.22
N VAL A 76 -6.32 4.32 1.25
CA VAL A 76 -7.33 4.05 0.20
C VAL A 76 -6.58 3.33 -0.91
N LEU A 77 -7.06 2.15 -1.28
CA LEU A 77 -6.28 1.13 -2.02
C LEU A 77 -5.79 1.57 -3.41
N LYS A 78 -6.44 2.58 -4.02
CA LYS A 78 -5.99 3.16 -5.31
C LYS A 78 -4.78 4.10 -5.05
N ASN A 79 -4.82 4.79 -3.90
CA ASN A 79 -3.71 5.63 -3.43
C ASN A 79 -2.54 4.73 -3.03
N LEU A 80 -2.84 3.71 -2.19
CA LEU A 80 -1.84 2.73 -1.70
C LEU A 80 -1.14 2.05 -2.87
N ALA A 81 -1.92 1.64 -3.88
CA ALA A 81 -1.39 1.02 -5.11
C ALA A 81 -0.39 1.97 -5.82
N ALA A 82 -0.76 3.25 -5.92
CA ALA A 82 0.08 4.28 -6.56
C ALA A 82 1.35 4.58 -5.74
N ARG A 83 1.23 4.49 -4.39
CA ARG A 83 2.33 4.70 -3.45
C ARG A 83 3.41 3.60 -3.62
N ILE A 84 2.93 2.35 -3.67
CA ILE A 84 3.78 1.17 -3.87
C ILE A 84 4.49 1.27 -5.25
N ASP A 85 3.66 1.52 -6.27
CA ASP A 85 4.08 1.60 -7.69
C ASP A 85 5.19 2.64 -7.93
N GLU A 86 5.00 3.83 -7.35
CA GLU A 86 5.94 4.96 -7.49
C GLU A 86 7.24 4.69 -6.71
N LEU A 87 7.16 3.87 -5.65
CA LEU A 87 8.34 3.42 -4.88
C LEU A 87 9.12 2.32 -5.63
N VAL A 88 8.41 1.51 -6.43
CA VAL A 88 9.05 0.52 -7.34
C VAL A 88 9.81 1.29 -8.43
N ALA A 89 9.18 2.37 -8.89
CA ALA A 89 9.73 3.26 -9.93
C ALA A 89 10.85 4.15 -9.35
N ALA A 90 10.74 4.51 -8.05
CA ALA A 90 11.78 5.29 -7.34
C ALA A 90 13.07 4.48 -7.16
N LYS A 91 12.91 3.14 -7.06
CA LYS A 91 14.02 2.20 -6.92
C LYS A 91 14.49 1.73 -8.33
N GLY A 92 13.62 1.87 -9.33
CA GLY A 92 13.85 1.33 -10.68
C GLY A 92 14.44 2.36 -11.65
N ALA A 93 13.71 3.47 -11.87
CA ALA A 93 13.96 4.43 -12.97
C ALA A 93 12.84 5.51 -13.00
N LEU A 94 13.22 6.82 -12.90
CA LEU A 94 12.25 7.95 -12.94
C LEU A 94 12.65 9.01 -13.98
N GLU A 95 13.15 8.55 -15.14
CA GLU A 95 13.44 9.44 -16.29
C GLU A 95 12.17 9.58 -17.17
N HIS A 96 11.69 10.83 -17.36
CA HIS A 96 10.51 11.15 -18.22
C HIS A 96 10.27 12.68 -18.27
N HIS A 97 11.28 13.46 -17.77
CA HIS A 97 11.17 14.92 -17.46
C HIS A 97 10.38 15.11 -16.12
N HIS A 98 10.52 16.32 -15.53
CA HIS A 98 9.98 16.72 -14.18
C HIS A 98 11.03 16.43 -13.08
N HIS A 99 11.84 15.36 -13.31
CA HIS A 99 13.09 15.07 -12.59
C HIS A 99 12.85 14.58 -11.14
N HIS A 100 13.10 13.28 -10.91
CA HIS A 100 13.14 12.66 -9.56
C HIS A 100 14.16 11.51 -9.55
N HIS A 101 14.58 11.13 -8.33
CA HIS A 101 15.64 10.13 -8.07
C HIS A 101 16.99 10.58 -8.72
P24 PNS B . 0.06 -0.13 14.69
O25 PNS B . 0.26 0.99 13.76
O26 PNS B . 1.25 -0.85 15.19
O27 PNS B . -0.93 0.28 15.88
C28 PNS B . -1.23 -0.58 17.00
C29 PNS B . -2.62 -0.24 17.67
C30 PNS B . -2.72 -1.06 18.99
C31 PNS B . -3.75 -0.66 16.71
C32 PNS B . -2.70 1.33 18.00
O33 PNS B . -2.63 2.09 16.78
C34 PNS B . -4.01 1.71 18.74
O35 PNS B . -4.02 1.90 19.97
N36 PNS B . -5.11 1.80 17.97
C37 PNS B . -6.46 2.17 18.46
C38 PNS B . -6.59 3.66 18.80
C39 PNS B . -8.01 4.09 19.15
O40 PNS B . -8.61 4.92 18.45
N41 PNS B . -8.58 3.51 20.22
C42 PNS B . -9.95 3.82 20.67
C43 PNS B . -10.32 3.05 21.93
S44 PNS B . -9.18 3.37 23.30
H282 PNS B . -1.23 -1.61 16.66
H281 PNS B . -0.43 -0.46 17.73
H303 PNS B . -1.93 -0.79 19.67
H302 PNS B . -3.69 -0.87 19.47
H301 PNS B . -2.66 -2.12 18.77
H313 PNS B . -3.68 -0.11 15.78
H312 PNS B . -3.67 -1.72 16.49
H311 PNS B . -4.72 -0.47 17.16
H32 PNS B . -1.85 1.61 18.62
H33 PNS B . -1.71 2.15 16.50
H36 PNS B . -5.02 1.62 17.01
H372 PNS B . -7.18 1.92 17.69
H371 PNS B . -6.68 1.59 19.35
H382 PNS B . -5.95 3.87 19.65
H381 PNS B . -6.23 4.23 17.96
H41 PNS B . -8.07 2.84 20.72
H422 PNS B . -10.02 4.88 20.89
H421 PNS B . -10.65 3.57 19.89
H431 PNS B . -10.29 1.98 21.73
H432 PNS B . -11.31 3.33 22.26
H44 PNS B . -8.36 4.34 22.90
N MET A 1 1.51 -4.35 -18.04
CA MET A 1 0.65 -5.34 -17.35
C MET A 1 1.00 -5.38 -15.83
N THR A 2 1.75 -4.36 -15.34
CA THR A 2 2.09 -4.23 -13.91
C THR A 2 0.84 -3.78 -13.13
N SER A 3 -0.06 -4.74 -12.85
CA SER A 3 -1.33 -4.49 -12.18
C SER A 3 -1.12 -4.45 -10.66
N THR A 4 -0.53 -3.34 -10.19
CA THR A 4 -0.12 -3.15 -8.78
C THR A 4 -1.32 -3.18 -7.84
N PHE A 5 -2.47 -2.55 -8.23
CA PHE A 5 -3.71 -2.61 -7.43
C PHE A 5 -4.16 -4.08 -7.26
N ASP A 6 -4.18 -4.84 -8.36
CA ASP A 6 -4.59 -6.28 -8.36
C ASP A 6 -3.75 -7.11 -7.38
N ARG A 7 -2.42 -6.89 -7.43
CA ARG A 7 -1.45 -7.59 -6.57
C ARG A 7 -1.70 -7.26 -5.09
N VAL A 8 -1.74 -5.95 -4.79
CA VAL A 8 -2.01 -5.41 -3.43
C VAL A 8 -3.37 -5.89 -2.89
N ALA A 9 -4.35 -5.95 -3.79
CA ALA A 9 -5.73 -6.35 -3.49
C ALA A 9 -5.79 -7.81 -3.05
N THR A 10 -5.10 -8.69 -3.80
CA THR A 10 -4.98 -10.12 -3.47
C THR A 10 -4.21 -10.30 -2.16
N ILE A 11 -3.15 -9.48 -1.96
CA ILE A 11 -2.34 -9.46 -0.74
C ILE A 11 -3.20 -9.18 0.50
N ILE A 12 -4.05 -8.14 0.42
CA ILE A 12 -4.91 -7.72 1.54
C ILE A 12 -5.97 -8.81 1.82
N ALA A 13 -6.52 -9.36 0.73
CA ALA A 13 -7.47 -10.48 0.75
C ALA A 13 -6.91 -11.74 1.46
N GLU A 14 -5.65 -12.07 1.19
CA GLU A 14 -4.98 -13.25 1.77
C GLU A 14 -4.49 -13.00 3.21
N THR A 15 -3.98 -11.78 3.46
CA THR A 15 -3.30 -11.43 4.74
C THR A 15 -4.33 -11.20 5.87
N CYS A 16 -5.30 -10.31 5.62
CA CYS A 16 -6.29 -9.88 6.65
C CYS A 16 -7.67 -10.51 6.40
N ASP A 17 -7.72 -11.48 5.46
CA ASP A 17 -8.94 -12.22 5.08
C ASP A 17 -10.08 -11.23 4.71
N ILE A 18 -9.82 -10.41 3.69
CA ILE A 18 -10.78 -9.44 3.15
C ILE A 18 -11.43 -10.02 1.89
N PRO A 19 -12.80 -10.08 1.79
CA PRO A 19 -13.48 -10.57 0.58
C PRO A 19 -13.09 -9.74 -0.66
N ARG A 20 -12.59 -10.42 -1.72
CA ARG A 20 -12.15 -9.75 -2.96
C ARG A 20 -13.28 -8.90 -3.60
N GLU A 21 -14.55 -9.31 -3.38
CA GLU A 21 -15.74 -8.57 -3.86
C GLU A 21 -15.80 -7.15 -3.25
N THR A 22 -15.40 -7.04 -1.98
CA THR A 22 -15.42 -5.77 -1.22
C THR A 22 -14.07 -5.04 -1.35
N ILE A 23 -13.33 -5.33 -2.43
CA ILE A 23 -12.04 -4.69 -2.72
C ILE A 23 -12.14 -3.91 -4.04
N THR A 24 -12.39 -2.60 -3.91
CA THR A 24 -12.33 -1.64 -5.03
C THR A 24 -11.12 -0.69 -4.78
N PRO A 25 -10.58 0.01 -5.83
CA PRO A 25 -9.48 0.98 -5.66
C PRO A 25 -9.80 2.10 -4.64
N GLU A 26 -11.11 2.33 -4.41
CA GLU A 26 -11.63 3.45 -3.60
C GLU A 26 -12.01 2.98 -2.16
N SER A 27 -11.65 1.72 -1.81
CA SER A 27 -11.95 1.14 -0.48
C SER A 27 -10.91 1.63 0.55
N HIS A 28 -11.38 1.93 1.77
CA HIS A 28 -10.53 2.37 2.88
C HIS A 28 -10.21 1.17 3.78
N ALA A 29 -8.91 0.85 3.97
CA ALA A 29 -8.45 -0.26 4.82
C ALA A 29 -9.07 -0.23 6.24
N ILE A 30 -9.13 0.95 6.87
CA ILE A 30 -9.48 1.05 8.29
C ILE A 30 -11.01 1.10 8.47
N ASP A 31 -11.65 1.99 7.68
CA ASP A 31 -13.07 2.35 7.87
C ASP A 31 -14.01 1.40 7.12
N ASP A 32 -13.56 0.89 5.98
CA ASP A 32 -14.38 0.03 5.11
C ASP A 32 -14.04 -1.45 5.33
N LEU A 33 -12.76 -1.80 5.10
CA LEU A 33 -12.26 -3.19 5.20
C LEU A 33 -12.07 -3.64 6.67
N GLY A 34 -12.05 -2.66 7.61
CA GLY A 34 -11.92 -2.94 9.04
C GLY A 34 -10.55 -3.50 9.43
N ILE A 35 -9.49 -2.76 9.08
CA ILE A 35 -8.09 -3.16 9.29
C ILE A 35 -7.39 -2.15 10.20
N ASP A 36 -6.81 -2.63 11.32
CA ASP A 36 -5.98 -1.80 12.22
C ASP A 36 -4.56 -1.64 11.63
N SER A 37 -3.77 -0.69 12.18
CA SER A 37 -2.37 -0.45 11.75
C SER A 37 -1.56 -1.76 11.81
N LEU A 38 -1.74 -2.52 12.92
CA LEU A 38 -1.00 -3.77 13.20
C LEU A 38 -1.20 -4.79 12.08
N ASP A 39 -2.46 -4.94 11.63
CA ASP A 39 -2.83 -5.84 10.52
C ASP A 39 -2.34 -5.28 9.17
N PHE A 40 -2.28 -3.94 9.09
CA PHE A 40 -1.81 -3.22 7.89
C PHE A 40 -0.26 -3.30 7.79
N LEU A 41 0.42 -3.59 8.93
CA LEU A 41 1.88 -3.86 8.96
C LEU A 41 2.16 -5.18 8.23
N ASP A 42 1.32 -6.19 8.52
CA ASP A 42 1.40 -7.53 7.90
C ASP A 42 1.12 -7.42 6.39
N ILE A 43 0.15 -6.54 6.03
CA ILE A 43 -0.15 -6.20 4.63
C ILE A 43 1.07 -5.56 3.95
N ALA A 44 1.69 -4.59 4.66
CA ALA A 44 2.82 -3.80 4.11
C ALA A 44 4.08 -4.68 3.94
N PHE A 45 4.19 -5.70 4.82
CA PHE A 45 5.28 -6.69 4.79
C PHE A 45 5.10 -7.69 3.63
N ALA A 46 3.84 -8.08 3.37
CA ALA A 46 3.50 -8.98 2.26
C ALA A 46 3.70 -8.27 0.91
N ILE A 47 3.43 -6.95 0.88
CA ILE A 47 3.71 -6.05 -0.26
C ILE A 47 5.23 -5.86 -0.44
N ASP A 48 5.91 -5.66 0.70
CA ASP A 48 7.37 -5.45 0.79
C ASP A 48 8.12 -6.59 0.09
N LYS A 49 7.69 -7.81 0.39
CA LYS A 49 8.29 -9.05 -0.13
C LYS A 49 7.88 -9.28 -1.60
N ALA A 50 6.55 -9.23 -1.88
CA ALA A 50 5.98 -9.55 -3.22
C ALA A 50 6.56 -8.66 -4.34
N PHE A 51 6.52 -7.35 -4.13
CA PHE A 51 7.06 -6.35 -5.07
C PHE A 51 8.58 -6.19 -4.91
N GLY A 52 9.14 -6.65 -3.77
CA GLY A 52 10.56 -6.49 -3.47
C GLY A 52 10.96 -5.06 -3.10
N ILE A 53 9.98 -4.25 -2.71
CA ILE A 53 10.18 -2.81 -2.39
C ILE A 53 10.17 -2.60 -0.87
N LYS A 54 10.18 -1.34 -0.44
CA LYS A 54 10.11 -0.96 0.99
C LYS A 54 9.20 0.28 1.13
N LEU A 55 8.05 0.12 1.80
CA LEU A 55 7.14 1.24 2.11
C LEU A 55 7.62 1.98 3.39
N PRO A 56 7.73 3.34 3.36
CA PRO A 56 7.90 4.15 4.59
C PRO A 56 6.57 4.25 5.37
N LEU A 57 6.06 3.07 5.80
CA LEU A 57 4.75 2.91 6.46
C LEU A 57 4.76 3.66 7.81
N GLU A 58 5.95 3.67 8.44
CA GLU A 58 6.21 4.35 9.72
C GLU A 58 5.94 5.85 9.57
N LYS A 59 6.51 6.42 8.49
CA LYS A 59 6.38 7.83 8.12
C LYS A 59 4.90 8.19 7.93
N TRP A 60 4.22 7.36 7.14
CA TRP A 60 2.81 7.56 6.74
C TRP A 60 1.87 7.57 7.95
N THR A 61 2.15 6.66 8.91
CA THR A 61 1.39 6.52 10.16
C THR A 61 1.52 7.79 11.02
N GLN A 62 2.74 8.35 11.08
CA GLN A 62 3.03 9.53 11.92
C GLN A 62 2.36 10.78 11.34
N GLU A 63 2.36 10.89 10.01
CA GLU A 63 1.73 12.00 9.27
C GLU A 63 0.22 12.03 9.54
N VAL A 64 -0.43 10.87 9.40
CA VAL A 64 -1.88 10.69 9.64
C VAL A 64 -2.25 11.13 11.07
N ASN A 65 -1.55 10.54 12.06
CA ASN A 65 -1.72 10.83 13.51
C ASN A 65 -1.45 12.30 13.85
N ASP A 66 -0.49 12.93 13.17
CA ASP A 66 -0.05 14.33 13.46
C ASP A 66 -0.89 15.36 12.66
N GLY A 67 -1.90 14.87 11.91
CA GLY A 67 -2.77 15.72 11.08
C GLY A 67 -2.11 16.22 9.79
N LYS A 68 -0.86 15.79 9.55
CA LYS A 68 -0.07 16.17 8.35
C LYS A 68 -0.61 15.45 7.10
N ALA A 69 -1.29 14.34 7.34
CA ALA A 69 -1.98 13.54 6.31
C ALA A 69 -3.32 13.07 6.85
N THR A 70 -4.20 12.63 5.94
CA THR A 70 -5.46 11.97 6.28
C THR A 70 -5.25 10.45 6.28
N THR A 71 -6.16 9.70 6.92
CA THR A 71 -6.17 8.23 6.85
C THR A 71 -6.30 7.78 5.37
N GLU A 72 -7.37 8.31 4.71
CA GLU A 72 -7.66 8.07 3.28
C GLU A 72 -6.43 8.21 2.35
N GLN A 73 -5.62 9.24 2.63
CA GLN A 73 -4.41 9.56 1.84
C GLN A 73 -3.48 8.34 1.62
N TYR A 74 -3.35 7.47 2.64
CA TYR A 74 -2.45 6.30 2.56
C TYR A 74 -3.19 4.95 2.69
N PHE A 75 -4.46 4.99 3.14
CA PHE A 75 -5.26 3.76 3.42
C PHE A 75 -6.37 3.55 2.38
N VAL A 76 -6.39 4.34 1.30
CA VAL A 76 -7.26 4.06 0.13
C VAL A 76 -6.40 3.24 -0.87
N LEU A 77 -6.95 2.09 -1.31
CA LEU A 77 -6.18 1.04 -2.01
C LEU A 77 -5.45 1.53 -3.28
N LYS A 78 -6.02 2.51 -4.02
CA LYS A 78 -5.38 3.08 -5.24
C LYS A 78 -4.25 4.06 -4.86
N ASN A 79 -4.45 4.81 -3.75
CA ASN A 79 -3.45 5.76 -3.21
C ASN A 79 -2.22 4.99 -2.71
N LEU A 80 -2.50 3.91 -1.95
CA LEU A 80 -1.49 2.97 -1.44
C LEU A 80 -0.72 2.34 -2.62
N ALA A 81 -1.47 1.77 -3.59
CA ALA A 81 -0.90 1.05 -4.75
C ALA A 81 -0.08 1.99 -5.66
N ALA A 82 -0.44 3.29 -5.65
CA ALA A 82 0.29 4.32 -6.39
C ALA A 82 1.69 4.48 -5.79
N ARG A 83 1.76 4.60 -4.44
CA ARG A 83 3.05 4.76 -3.70
C ARG A 83 4.00 3.59 -3.98
N ILE A 84 3.41 2.38 -3.97
CA ILE A 84 4.11 1.11 -4.15
C ILE A 84 4.71 1.03 -5.57
N ASP A 85 3.86 1.32 -6.57
CA ASP A 85 4.23 1.27 -8.01
C ASP A 85 5.32 2.31 -8.34
N GLU A 86 5.24 3.46 -7.66
CA GLU A 86 6.24 4.54 -7.77
C GLU A 86 7.62 4.09 -7.24
N LEU A 87 7.61 3.22 -6.21
CA LEU A 87 8.85 2.64 -5.63
C LEU A 87 9.38 1.48 -6.51
N VAL A 88 8.46 0.79 -7.21
CA VAL A 88 8.82 -0.27 -8.18
C VAL A 88 9.50 0.39 -9.40
N ALA A 89 8.93 1.54 -9.82
CA ALA A 89 9.45 2.38 -10.91
C ALA A 89 10.73 3.12 -10.45
N ALA A 90 10.84 3.40 -9.14
CA ALA A 90 12.06 3.99 -8.53
C ALA A 90 13.21 2.97 -8.49
N LYS A 91 12.87 1.67 -8.57
CA LYS A 91 13.86 0.59 -8.71
C LYS A 91 14.15 0.34 -10.21
N GLY A 92 13.14 0.64 -11.06
CA GLY A 92 13.24 0.40 -12.50
C GLY A 92 13.94 1.55 -13.22
N ALA A 93 14.05 2.71 -12.52
CA ALA A 93 14.79 3.90 -12.98
C ALA A 93 16.20 3.55 -13.50
N LEU A 94 16.86 2.64 -12.78
CA LEU A 94 18.16 2.05 -13.16
C LEU A 94 18.01 0.51 -13.14
N GLU A 95 19.13 -0.21 -13.32
CA GLU A 95 19.17 -1.68 -13.13
C GLU A 95 19.12 -2.01 -11.62
N HIS A 96 19.66 -1.07 -10.79
CA HIS A 96 19.50 -1.03 -9.31
C HIS A 96 20.08 -2.31 -8.62
N HIS A 97 20.95 -3.04 -9.35
CA HIS A 97 21.58 -4.30 -8.91
C HIS A 97 20.54 -5.46 -8.76
N HIS A 98 19.27 -5.19 -9.10
CA HIS A 98 18.19 -6.23 -9.06
C HIS A 98 18.36 -7.20 -10.24
N HIS A 99 18.99 -6.71 -11.32
CA HIS A 99 19.28 -7.50 -12.51
C HIS A 99 20.53 -6.90 -13.21
N HIS A 100 21.50 -7.77 -13.51
CA HIS A 100 22.75 -7.42 -14.22
C HIS A 100 23.43 -8.74 -14.64
N HIS A 101 23.80 -9.55 -13.63
CA HIS A 101 24.46 -10.86 -13.83
C HIS A 101 23.44 -11.87 -14.41
P24 PNS B . 0.47 1.02 14.18
O25 PNS B . 0.95 2.13 13.37
O26 PNS B . 1.48 0.11 14.75
O27 PNS B . -0.49 1.58 15.34
C28 PNS B . -1.28 0.70 16.15
C29 PNS B . -2.09 1.49 17.24
C30 PNS B . -2.87 2.65 16.54
C31 PNS B . -1.05 2.08 18.26
C32 PNS B . -3.09 0.48 17.94
O33 PNS B . -2.37 -0.58 18.58
C34 PNS B . -4.03 1.13 19.00
O35 PNS B . -3.77 2.21 19.56
N36 PNS B . -5.14 0.42 19.27
C37 PNS B . -6.17 0.84 20.24
C38 PNS B . -6.88 2.16 19.90
C39 PNS B . -7.60 2.17 18.54
O40 PNS B . -8.82 1.97 18.48
N41 PNS B . -6.83 2.37 17.45
C42 PNS B . -7.38 2.41 16.07
C43 PNS B . -6.30 2.76 15.03
S44 PNS B . -6.98 2.90 13.36
H282 PNS B . -1.98 0.17 15.51
H281 PNS B . -0.62 -0.01 16.63
H303 PNS B . -2.18 3.31 16.04
H302 PNS B . -3.56 2.24 15.82
H301 PNS B . -3.44 3.21 17.27
H313 PNS B . -1.57 2.66 19.02
H312 PNS B . -0.52 1.27 18.75
H311 PNS B . -0.35 2.72 17.74
H32 PNS B . -3.73 0.02 17.18
H33 PNS B . -2.95 -1.10 19.14
H36 PNS B . -5.26 -0.45 18.81
H372 PNS B . -6.91 0.05 20.30
H371 PNS B . -5.70 0.92 21.22
H382 PNS B . -7.61 2.38 20.67
H381 PNS B . -6.14 2.95 19.89
H41 PNS B . -5.87 2.51 17.57
H422 PNS B . -7.78 1.44 15.83
H421 PNS B . -8.16 3.15 16.02
H431 PNS B . -5.54 1.99 15.03
H432 PNS B . -5.85 3.71 15.30
H44 PNS B . -7.35 1.69 12.97
N MET A 1 -3.83 -9.20 -17.31
CA MET A 1 -4.47 -7.92 -16.88
C MET A 1 -4.39 -7.82 -15.36
N THR A 2 -3.32 -7.17 -14.84
CA THR A 2 -3.08 -7.05 -13.40
C THR A 2 -2.29 -5.76 -13.12
N SER A 3 -2.93 -4.79 -12.42
CA SER A 3 -2.24 -3.57 -11.95
C SER A 3 -1.63 -3.83 -10.55
N THR A 4 -0.98 -2.80 -9.99
CA THR A 4 -0.45 -2.84 -8.62
C THR A 4 -1.59 -3.03 -7.60
N PHE A 5 -2.75 -2.37 -7.86
CA PHE A 5 -3.95 -2.54 -7.02
C PHE A 5 -4.41 -4.00 -7.01
N ASP A 6 -4.45 -4.63 -8.20
CA ASP A 6 -4.92 -6.03 -8.36
C ASP A 6 -4.07 -7.01 -7.52
N ARG A 7 -2.74 -6.80 -7.54
CA ARG A 7 -1.79 -7.58 -6.72
C ARG A 7 -2.09 -7.38 -5.22
N VAL A 8 -2.18 -6.11 -4.80
CA VAL A 8 -2.40 -5.71 -3.39
C VAL A 8 -3.76 -6.24 -2.86
N ALA A 9 -4.78 -6.24 -3.73
CA ALA A 9 -6.15 -6.69 -3.40
C ALA A 9 -6.15 -8.19 -3.06
N THR A 10 -5.45 -8.97 -3.90
CA THR A 10 -5.26 -10.42 -3.71
C THR A 10 -4.43 -10.69 -2.43
N ILE A 11 -3.41 -9.85 -2.19
CA ILE A 11 -2.58 -9.90 -0.97
C ILE A 11 -3.44 -9.72 0.30
N ILE A 12 -4.34 -8.72 0.28
CA ILE A 12 -5.20 -8.39 1.44
C ILE A 12 -6.16 -9.56 1.76
N ALA A 13 -6.69 -10.18 0.70
CA ALA A 13 -7.52 -11.39 0.78
C ALA A 13 -6.78 -12.55 1.50
N GLU A 14 -5.51 -12.76 1.12
CA GLU A 14 -4.66 -13.84 1.67
C GLU A 14 -4.16 -13.53 3.09
N THR A 15 -3.93 -12.24 3.41
CA THR A 15 -3.35 -11.82 4.69
C THR A 15 -4.40 -11.80 5.83
N CYS A 16 -5.42 -10.94 5.69
CA CYS A 16 -6.36 -10.62 6.80
C CYS A 16 -7.78 -11.17 6.55
N ASP A 17 -7.94 -11.97 5.47
CA ASP A 17 -9.22 -12.57 5.06
C ASP A 17 -10.33 -11.52 4.84
N ILE A 18 -10.18 -10.72 3.78
CA ILE A 18 -11.25 -9.85 3.25
C ILE A 18 -11.53 -10.36 1.82
N PRO A 19 -12.82 -10.67 1.44
CA PRO A 19 -13.15 -11.16 0.07
C PRO A 19 -12.60 -10.21 -1.00
N ARG A 20 -11.77 -10.75 -1.90
CA ARG A 20 -11.10 -9.98 -2.97
C ARG A 20 -12.12 -9.22 -3.84
N GLU A 21 -13.35 -9.78 -3.97
CA GLU A 21 -14.44 -9.18 -4.75
C GLU A 21 -14.98 -7.90 -4.07
N THR A 22 -14.90 -7.85 -2.72
CA THR A 22 -15.37 -6.70 -1.93
C THR A 22 -14.25 -5.66 -1.71
N ILE A 23 -13.05 -5.90 -2.28
CA ILE A 23 -11.89 -5.01 -2.16
C ILE A 23 -11.87 -4.05 -3.37
N THR A 24 -12.43 -2.85 -3.17
CA THR A 24 -12.59 -1.82 -4.22
C THR A 24 -11.44 -0.79 -4.15
N PRO A 25 -11.07 -0.10 -5.29
CA PRO A 25 -9.95 0.87 -5.31
C PRO A 25 -10.17 2.09 -4.38
N GLU A 26 -11.45 2.50 -4.23
CA GLU A 26 -11.83 3.69 -3.47
C GLU A 26 -12.19 3.31 -2.00
N SER A 27 -11.84 2.07 -1.62
CA SER A 27 -12.04 1.55 -0.26
C SER A 27 -10.90 2.04 0.64
N HIS A 28 -11.26 2.39 1.88
CA HIS A 28 -10.29 2.74 2.91
C HIS A 28 -10.02 1.47 3.73
N ALA A 29 -8.78 0.96 3.71
CA ALA A 29 -8.37 -0.28 4.42
C ALA A 29 -8.80 -0.30 5.91
N ILE A 30 -8.85 0.88 6.55
CA ILE A 30 -9.12 1.00 7.98
C ILE A 30 -10.64 1.26 8.21
N ASP A 31 -11.19 2.33 7.57
CA ASP A 31 -12.57 2.81 7.83
C ASP A 31 -13.64 2.05 7.01
N ASP A 32 -13.23 1.19 6.06
CA ASP A 32 -14.17 0.41 5.22
C ASP A 32 -13.96 -1.10 5.43
N LEU A 33 -12.74 -1.58 5.07
CA LEU A 33 -12.39 -3.02 5.17
C LEU A 33 -12.23 -3.48 6.64
N GLY A 34 -12.05 -2.50 7.56
CA GLY A 34 -11.91 -2.78 8.99
C GLY A 34 -10.66 -3.57 9.34
N ILE A 35 -9.58 -3.28 8.60
CA ILE A 35 -8.26 -3.87 8.83
C ILE A 35 -7.55 -3.01 9.87
N ASP A 36 -7.20 -3.62 11.01
CA ASP A 36 -6.49 -2.92 12.09
C ASP A 36 -5.02 -2.68 11.71
N SER A 37 -4.33 -1.92 12.55
CA SER A 37 -3.02 -1.36 12.26
C SER A 37 -1.93 -2.44 12.11
N LEU A 38 -1.82 -3.34 13.12
CA LEU A 38 -0.80 -4.42 13.14
C LEU A 38 -1.05 -5.40 11.98
N ASP A 39 -2.33 -5.57 11.61
CA ASP A 39 -2.75 -6.35 10.41
C ASP A 39 -2.25 -5.66 9.12
N PHE A 40 -2.41 -4.33 9.06
CA PHE A 40 -2.06 -3.52 7.88
C PHE A 40 -0.52 -3.48 7.69
N LEU A 41 0.22 -3.57 8.82
CA LEU A 41 1.69 -3.66 8.82
C LEU A 41 2.13 -4.97 8.15
N ASP A 42 1.45 -6.07 8.51
CA ASP A 42 1.72 -7.42 7.98
C ASP A 42 1.30 -7.51 6.48
N ILE A 43 0.26 -6.72 6.11
CA ILE A 43 -0.14 -6.54 4.69
C ILE A 43 0.98 -5.83 3.92
N ALA A 44 1.57 -4.80 4.55
CA ALA A 44 2.62 -3.98 3.93
C ALA A 44 3.95 -4.76 3.86
N PHE A 45 4.10 -5.76 4.77
CA PHE A 45 5.20 -6.74 4.77
C PHE A 45 5.05 -7.74 3.61
N ALA A 46 3.80 -8.10 3.28
CA ALA A 46 3.49 -8.99 2.16
C ALA A 46 3.70 -8.25 0.82
N ILE A 47 3.34 -6.97 0.80
CA ILE A 47 3.56 -6.04 -0.33
C ILE A 47 5.07 -5.79 -0.52
N ASP A 48 5.76 -5.60 0.61
CA ASP A 48 7.22 -5.39 0.68
C ASP A 48 7.96 -6.48 -0.13
N LYS A 49 7.70 -7.74 0.25
CA LYS A 49 8.36 -8.92 -0.33
C LYS A 49 7.90 -9.15 -1.79
N ALA A 50 6.59 -9.05 -2.05
CA ALA A 50 5.98 -9.31 -3.39
C ALA A 50 6.58 -8.40 -4.47
N PHE A 51 6.56 -7.09 -4.22
CA PHE A 51 7.05 -6.07 -5.17
C PHE A 51 8.55 -5.80 -5.01
N GLY A 52 9.18 -6.40 -3.98
CA GLY A 52 10.62 -6.22 -3.72
C GLY A 52 10.98 -4.83 -3.22
N ILE A 53 9.97 -4.08 -2.76
CA ILE A 53 10.11 -2.69 -2.28
C ILE A 53 10.04 -2.65 -0.75
N LYS A 54 10.05 -1.44 -0.21
CA LYS A 54 9.82 -1.19 1.22
C LYS A 54 9.00 0.08 1.37
N LEU A 55 7.77 -0.05 1.88
CA LEU A 55 6.91 1.11 2.16
C LEU A 55 7.42 1.83 3.42
N PRO A 56 7.61 3.18 3.38
CA PRO A 56 7.86 4.00 4.58
C PRO A 56 6.58 4.16 5.44
N LEU A 57 6.03 3.01 5.86
CA LEU A 57 4.73 2.91 6.55
C LEU A 57 4.78 3.69 7.90
N GLU A 58 5.95 3.63 8.57
CA GLU A 58 6.20 4.34 9.84
C GLU A 58 6.03 5.86 9.63
N LYS A 59 6.67 6.38 8.56
CA LYS A 59 6.62 7.81 8.19
C LYS A 59 5.17 8.24 7.89
N TRP A 60 4.49 7.40 7.08
CA TRP A 60 3.10 7.63 6.60
C TRP A 60 2.12 7.74 7.79
N THR A 61 2.30 6.84 8.76
CA THR A 61 1.46 6.77 9.96
C THR A 61 1.63 8.05 10.79
N GLN A 62 2.89 8.52 10.94
CA GLN A 62 3.20 9.70 11.76
C GLN A 62 2.59 10.96 11.12
N GLU A 63 2.72 11.06 9.78
CA GLU A 63 2.16 12.19 8.98
C GLU A 63 0.64 12.33 9.21
N VAL A 64 -0.05 11.17 9.23
CA VAL A 64 -1.49 11.09 9.49
C VAL A 64 -1.83 11.66 10.90
N ASN A 65 -1.15 11.15 11.94
CA ASN A 65 -1.37 11.57 13.36
C ASN A 65 -0.92 13.02 13.63
N ASP A 66 0.04 13.53 12.84
CA ASP A 66 0.54 14.92 12.95
C ASP A 66 -0.34 15.92 12.18
N GLY A 67 -1.33 15.39 11.44
CA GLY A 67 -2.17 16.21 10.56
C GLY A 67 -1.44 16.77 9.34
N LYS A 68 -0.25 16.20 9.03
CA LYS A 68 0.52 16.55 7.82
C LYS A 68 -0.12 15.93 6.58
N ALA A 69 -0.69 14.75 6.77
CA ALA A 69 -1.36 13.97 5.73
C ALA A 69 -2.70 13.47 6.28
N THR A 70 -3.66 13.24 5.39
CA THR A 70 -4.95 12.65 5.73
C THR A 70 -4.84 11.10 5.68
N THR A 71 -5.73 10.42 6.43
CA THR A 71 -5.83 8.94 6.42
C THR A 71 -6.03 8.42 4.97
N GLU A 72 -7.00 9.04 4.27
CA GLU A 72 -7.26 8.91 2.80
C GLU A 72 -5.97 8.68 1.96
N GLN A 73 -5.03 9.62 2.13
CA GLN A 73 -3.83 9.76 1.27
C GLN A 73 -2.96 8.49 1.19
N TYR A 74 -2.92 7.69 2.29
CA TYR A 74 -2.08 6.47 2.34
C TYR A 74 -2.90 5.19 2.56
N PHE A 75 -4.06 5.29 3.23
CA PHE A 75 -4.84 4.11 3.68
C PHE A 75 -6.05 3.81 2.75
N VAL A 76 -6.18 4.52 1.61
CA VAL A 76 -7.16 4.16 0.56
C VAL A 76 -6.41 3.40 -0.52
N LEU A 77 -6.94 2.22 -0.87
CA LEU A 77 -6.24 1.18 -1.65
C LEU A 77 -5.69 1.65 -3.00
N LYS A 78 -6.35 2.64 -3.65
CA LYS A 78 -5.89 3.19 -4.94
C LYS A 78 -4.67 4.11 -4.73
N ASN A 79 -4.71 4.89 -3.62
CA ASN A 79 -3.64 5.83 -3.24
C ASN A 79 -2.43 5.05 -2.68
N LEU A 80 -2.74 3.99 -1.92
CA LEU A 80 -1.76 3.06 -1.36
C LEU A 80 -1.01 2.38 -2.51
N ALA A 81 -1.77 1.81 -3.46
CA ALA A 81 -1.21 1.08 -4.62
C ALA A 81 -0.43 2.02 -5.54
N ALA A 82 -0.85 3.29 -5.59
CA ALA A 82 -0.17 4.33 -6.38
C ALA A 82 1.21 4.66 -5.77
N ARG A 83 1.27 4.69 -4.42
CA ARG A 83 2.53 4.90 -3.67
C ARG A 83 3.48 3.71 -3.86
N ILE A 84 2.91 2.48 -3.81
CA ILE A 84 3.68 1.23 -3.97
C ILE A 84 4.35 1.19 -5.35
N ASP A 85 3.51 1.41 -6.39
CA ASP A 85 3.93 1.38 -7.80
C ASP A 85 4.96 2.48 -8.11
N GLU A 86 4.78 3.64 -7.48
CA GLU A 86 5.70 4.78 -7.54
C GLU A 86 7.09 4.36 -7.00
N LEU A 87 7.08 3.61 -5.89
CA LEU A 87 8.31 3.10 -5.23
C LEU A 87 8.92 1.92 -6.00
N VAL A 88 8.10 1.15 -6.75
CA VAL A 88 8.59 0.05 -7.62
C VAL A 88 9.35 0.65 -8.82
N ALA A 89 8.78 1.72 -9.37
CA ALA A 89 9.34 2.45 -10.52
C ALA A 89 10.62 3.18 -10.11
N ALA A 90 10.58 3.82 -8.92
CA ALA A 90 11.72 4.55 -8.34
C ALA A 90 12.85 3.59 -7.94
N LYS A 91 12.49 2.35 -7.60
CA LYS A 91 13.45 1.27 -7.26
C LYS A 91 14.14 0.76 -8.53
N GLY A 92 13.36 0.60 -9.61
CA GLY A 92 13.82 -0.03 -10.84
C GLY A 92 14.42 0.96 -11.82
N ALA A 93 14.18 2.27 -11.58
CA ALA A 93 14.64 3.39 -12.43
C ALA A 93 16.12 3.27 -12.81
N LEU A 94 16.97 3.12 -11.76
CA LEU A 94 18.43 2.99 -11.89
C LEU A 94 19.06 4.19 -12.63
N GLU A 95 20.33 4.07 -13.04
CA GLU A 95 21.04 5.13 -13.76
C GLU A 95 20.99 4.89 -15.30
N HIS A 96 19.94 4.17 -15.75
CA HIS A 96 19.60 4.02 -17.17
C HIS A 96 18.11 4.33 -17.37
N HIS A 97 17.80 5.30 -18.24
CA HIS A 97 16.41 5.69 -18.59
C HIS A 97 15.66 4.50 -19.18
N HIS A 98 14.43 4.25 -18.70
CA HIS A 98 13.59 3.16 -19.19
C HIS A 98 12.88 3.60 -20.47
N HIS A 99 11.91 4.52 -20.33
CA HIS A 99 11.02 5.00 -21.42
C HIS A 99 9.97 3.93 -21.79
N HIS A 100 10.44 2.72 -22.13
CA HIS A 100 9.60 1.51 -22.25
C HIS A 100 9.44 0.82 -20.87
N HIS A 101 8.92 -0.43 -20.88
CA HIS A 101 8.69 -1.28 -19.68
C HIS A 101 7.53 -0.71 -18.83
P24 PNS B . -0.55 0.99 14.27
O25 PNS B . 0.26 1.93 13.46
O26 PNS B . 0.12 -0.11 14.97
O27 PNS B . -1.54 1.82 15.25
C28 PNS B . -2.35 1.20 16.27
C29 PNS B . -3.29 2.22 17.01
C30 PNS B . -4.29 1.41 17.90
C31 PNS B . -4.10 3.02 15.95
C32 PNS B . -2.44 3.19 17.95
O33 PNS B . -1.87 2.45 19.03
C34 PNS B . -1.31 3.91 17.19
O35 PNS B . -0.13 3.54 17.32
N36 PNS B . -1.68 4.91 16.37
C37 PNS B . -0.73 5.67 15.56
C38 PNS B . 0.31 6.46 16.38
C39 PNS B . 1.67 6.47 15.69
O40 PNS B . 2.19 7.52 15.29
N41 PNS B . 2.21 5.25 15.49
C42 PNS B . 3.52 5.03 14.84
C43 PNS B . 3.83 3.54 14.70
S44 PNS B . 5.42 3.24 13.90
H282 PNS B . -2.95 0.43 15.80
H281 PNS B . -1.68 0.73 16.99
H303 PNS B . -3.74 0.84 18.64
H302 PNS B . -4.97 2.08 18.41
H301 PNS B . -4.87 0.74 17.28
H313 PNS B . -4.68 2.34 15.34
H312 PNS B . -4.77 3.73 16.44
H311 PNS B . -3.42 3.58 15.31
H32 PNS B . -3.10 3.93 18.39
H33 PNS B . -0.94 2.71 19.17
H36 PNS B . -2.64 5.15 16.31
H372 PNS B . -0.23 4.98 14.90
H371 PNS B . -1.29 6.37 14.96
H382 PNS B . -0.03 7.48 16.52
H381 PNS B . 0.44 5.99 17.35
H41 PNS B . 1.72 4.45 15.80
H422 PNS B . 3.49 5.48 13.85
H421 PNS B . 4.29 5.50 15.42
H431 PNS B . 3.05 3.07 14.11
H432 PNS B . 3.87 3.09 15.68
H44 PNS B . 6.36 3.66 14.71
N MET A 1 -6.43 -8.45 -15.50
CA MET A 1 -6.42 -7.20 -14.69
C MET A 1 -5.12 -7.11 -13.86
N THR A 2 -4.13 -8.00 -14.15
CA THR A 2 -2.90 -8.11 -13.35
C THR A 2 -2.02 -6.84 -13.47
N SER A 3 -2.16 -5.98 -12.46
CA SER A 3 -1.37 -4.74 -12.30
C SER A 3 -1.11 -4.52 -10.81
N THR A 4 -0.40 -3.43 -10.44
CA THR A 4 -0.02 -3.16 -9.03
C THR A 4 -1.22 -3.23 -8.07
N PHE A 5 -2.33 -2.58 -8.46
CA PHE A 5 -3.55 -2.54 -7.65
C PHE A 5 -4.13 -3.95 -7.42
N ASP A 6 -4.25 -4.73 -8.50
CA ASP A 6 -4.75 -6.12 -8.46
C ASP A 6 -3.89 -6.99 -7.52
N ARG A 7 -2.56 -6.82 -7.63
CA ARG A 7 -1.58 -7.58 -6.85
C ARG A 7 -1.73 -7.26 -5.35
N VAL A 8 -1.76 -5.96 -5.01
CA VAL A 8 -1.91 -5.46 -3.62
C VAL A 8 -3.25 -5.91 -3.02
N ALA A 9 -4.31 -5.84 -3.84
CA ALA A 9 -5.67 -6.25 -3.46
C ALA A 9 -5.72 -7.75 -3.07
N THR A 10 -5.07 -8.57 -3.92
CA THR A 10 -4.94 -10.02 -3.71
C THR A 10 -4.07 -10.32 -2.46
N ILE A 11 -3.07 -9.46 -2.21
CA ILE A 11 -2.24 -9.51 -0.99
C ILE A 11 -3.09 -9.32 0.27
N ILE A 12 -3.95 -8.27 0.29
CA ILE A 12 -4.81 -7.97 1.45
C ILE A 12 -5.76 -9.16 1.73
N ALA A 13 -6.32 -9.67 0.62
CA ALA A 13 -7.20 -10.85 0.60
C ALA A 13 -6.57 -12.10 1.24
N GLU A 14 -5.30 -12.37 0.89
CA GLU A 14 -4.56 -13.54 1.38
C GLU A 14 -4.05 -13.34 2.83
N THR A 15 -3.56 -12.13 3.14
CA THR A 15 -2.84 -11.86 4.40
C THR A 15 -3.77 -11.91 5.62
N CYS A 16 -4.83 -11.10 5.61
CA CYS A 16 -5.75 -10.94 6.74
C CYS A 16 -7.10 -11.60 6.48
N ASP A 17 -7.15 -12.47 5.43
CA ASP A 17 -8.39 -13.13 4.95
C ASP A 17 -9.53 -12.13 4.75
N ILE A 18 -9.38 -11.29 3.71
CA ILE A 18 -10.37 -10.29 3.30
C ILE A 18 -10.99 -10.73 1.97
N PRO A 19 -12.36 -10.75 1.81
CA PRO A 19 -12.99 -11.12 0.53
C PRO A 19 -12.50 -10.22 -0.62
N ARG A 20 -11.84 -10.86 -1.61
CA ARG A 20 -11.25 -10.18 -2.79
C ARG A 20 -12.28 -9.29 -3.53
N GLU A 21 -13.56 -9.75 -3.54
CA GLU A 21 -14.69 -9.04 -4.16
C GLU A 21 -15.01 -7.71 -3.42
N THR A 22 -14.84 -7.73 -2.08
CA THR A 22 -15.15 -6.56 -1.21
C THR A 22 -13.96 -5.59 -1.12
N ILE A 23 -12.88 -5.86 -1.90
CA ILE A 23 -11.71 -4.98 -2.00
C ILE A 23 -11.87 -4.13 -3.27
N THR A 24 -11.92 -2.79 -3.10
CA THR A 24 -12.21 -1.85 -4.22
C THR A 24 -11.20 -0.67 -4.22
N PRO A 25 -11.02 0.07 -5.38
CA PRO A 25 -10.08 1.23 -5.46
C PRO A 25 -10.38 2.31 -4.41
N GLU A 26 -11.68 2.58 -4.15
CA GLU A 26 -12.12 3.70 -3.32
C GLU A 26 -12.37 3.26 -1.87
N SER A 27 -12.09 1.98 -1.55
CA SER A 27 -12.30 1.48 -0.18
C SER A 27 -11.13 1.92 0.70
N HIS A 28 -11.47 2.41 1.89
CA HIS A 28 -10.50 2.82 2.89
C HIS A 28 -10.20 1.62 3.79
N ALA A 29 -8.91 1.28 3.93
CA ALA A 29 -8.44 0.19 4.80
C ALA A 29 -9.12 0.20 6.19
N ILE A 30 -9.27 1.38 6.79
CA ILE A 30 -9.72 1.50 8.20
C ILE A 30 -11.25 1.73 8.27
N ASP A 31 -11.73 2.63 7.39
CA ASP A 31 -13.13 3.14 7.45
C ASP A 31 -14.11 2.18 6.74
N ASP A 32 -13.66 1.53 5.65
CA ASP A 32 -14.50 0.61 4.85
C ASP A 32 -14.23 -0.84 5.26
N LEU A 33 -12.97 -1.28 5.05
CA LEU A 33 -12.54 -2.66 5.29
C LEU A 33 -12.52 -3.00 6.80
N GLY A 34 -12.32 -1.98 7.66
CA GLY A 34 -12.17 -2.20 9.12
C GLY A 34 -10.86 -2.89 9.46
N ILE A 35 -9.76 -2.29 8.98
CA ILE A 35 -8.37 -2.79 9.11
C ILE A 35 -7.52 -1.63 9.64
N ASP A 36 -6.93 -1.77 10.83
CA ASP A 36 -6.01 -0.77 11.39
C ASP A 36 -4.61 -0.99 10.81
N SER A 37 -3.67 -0.06 11.05
CA SER A 37 -2.27 -0.25 10.65
C SER A 37 -1.66 -1.44 11.40
N LEU A 38 -2.26 -1.77 12.58
CA LEU A 38 -1.96 -2.98 13.38
C LEU A 38 -2.03 -4.27 12.51
N ASP A 39 -3.15 -4.42 11.80
CA ASP A 39 -3.41 -5.56 10.88
C ASP A 39 -2.58 -5.38 9.61
N PHE A 40 -2.50 -4.11 9.18
CA PHE A 40 -1.87 -3.71 7.92
C PHE A 40 -0.34 -3.92 7.96
N LEU A 41 0.24 -4.05 9.18
CA LEU A 41 1.68 -4.41 9.35
C LEU A 41 2.01 -5.66 8.52
N ASP A 42 1.23 -6.75 8.76
CA ASP A 42 1.38 -8.04 8.04
C ASP A 42 1.17 -7.83 6.53
N ILE A 43 0.13 -7.04 6.19
CA ILE A 43 -0.22 -6.73 4.78
C ILE A 43 0.95 -6.03 4.06
N ALA A 44 1.64 -5.13 4.78
CA ALA A 44 2.71 -4.29 4.21
C ALA A 44 3.94 -5.16 3.93
N PHE A 45 4.26 -6.09 4.87
CA PHE A 45 5.40 -7.03 4.74
C PHE A 45 5.22 -7.94 3.52
N ALA A 46 3.97 -8.36 3.28
CA ALA A 46 3.60 -9.19 2.11
C ALA A 46 3.76 -8.40 0.80
N ILE A 47 3.44 -7.10 0.84
CA ILE A 47 3.61 -6.17 -0.30
C ILE A 47 5.11 -5.99 -0.62
N ASP A 48 5.91 -5.81 0.45
CA ASP A 48 7.35 -5.54 0.38
C ASP A 48 8.10 -6.67 -0.31
N LYS A 49 7.77 -7.90 0.10
CA LYS A 49 8.37 -9.11 -0.46
C LYS A 49 7.90 -9.34 -1.91
N ALA A 50 6.59 -9.14 -2.16
CA ALA A 50 5.95 -9.34 -3.50
C ALA A 50 6.58 -8.45 -4.59
N PHE A 51 6.62 -7.15 -4.30
CA PHE A 51 7.12 -6.12 -5.24
C PHE A 51 8.63 -5.89 -5.08
N GLY A 52 9.27 -6.59 -4.14
CA GLY A 52 10.73 -6.50 -3.90
C GLY A 52 11.17 -5.11 -3.42
N ILE A 53 10.28 -4.39 -2.72
CA ILE A 53 10.50 -3.01 -2.24
C ILE A 53 10.33 -2.96 -0.71
N LYS A 54 10.31 -1.75 -0.14
CA LYS A 54 9.96 -1.53 1.27
C LYS A 54 9.11 -0.25 1.40
N LEU A 55 7.92 -0.38 2.00
CA LEU A 55 7.01 0.73 2.27
C LEU A 55 7.50 1.50 3.51
N PRO A 56 7.58 2.86 3.46
CA PRO A 56 7.77 3.69 4.67
C PRO A 56 6.45 3.83 5.46
N LEU A 57 5.98 2.67 5.97
CA LEU A 57 4.69 2.50 6.65
C LEU A 57 4.65 3.33 7.95
N GLU A 58 5.77 3.29 8.71
CA GLU A 58 5.91 4.00 9.99
C GLU A 58 5.81 5.52 9.78
N LYS A 59 6.41 5.98 8.67
CA LYS A 59 6.38 7.41 8.29
C LYS A 59 4.94 7.83 7.99
N TRP A 60 4.25 7.02 7.14
CA TRP A 60 2.85 7.25 6.73
C TRP A 60 1.92 7.34 7.95
N THR A 61 2.14 6.43 8.91
CA THR A 61 1.37 6.35 10.15
C THR A 61 1.50 7.65 10.97
N GLN A 62 2.73 8.18 11.05
CA GLN A 62 3.04 9.37 11.87
C GLN A 62 2.53 10.65 11.18
N GLU A 63 2.56 10.68 9.84
CA GLU A 63 2.01 11.80 9.03
C GLU A 63 0.49 11.92 9.23
N VAL A 64 -0.18 10.77 9.28
CA VAL A 64 -1.61 10.67 9.58
C VAL A 64 -1.91 11.19 11.02
N ASN A 65 -1.15 10.65 12.00
CA ASN A 65 -1.25 11.04 13.44
C ASN A 65 -1.01 12.55 13.64
N ASP A 66 -0.05 13.10 12.90
CA ASP A 66 0.40 14.52 13.06
C ASP A 66 -0.48 15.49 12.23
N GLY A 67 -1.39 14.92 11.42
CA GLY A 67 -2.22 15.71 10.50
C GLY A 67 -1.50 16.20 9.24
N LYS A 68 -0.23 15.78 9.02
CA LYS A 68 0.54 16.10 7.79
C LYS A 68 -0.16 15.55 6.54
N ALA A 69 -0.95 14.50 6.74
CA ALA A 69 -1.85 13.94 5.73
C ALA A 69 -3.07 13.31 6.41
N THR A 70 -4.16 13.24 5.65
CA THR A 70 -5.40 12.58 6.08
C THR A 70 -5.20 11.05 6.02
N THR A 71 -5.98 10.32 6.85
CA THR A 71 -5.99 8.83 6.84
C THR A 71 -6.15 8.30 5.39
N GLU A 72 -7.17 8.84 4.69
CA GLU A 72 -7.48 8.53 3.27
C GLU A 72 -6.24 8.58 2.35
N GLN A 73 -5.44 9.64 2.49
CA GLN A 73 -4.26 9.86 1.64
C GLN A 73 -3.26 8.69 1.73
N TYR A 74 -3.20 8.02 2.91
CA TYR A 74 -2.32 6.85 3.11
C TYR A 74 -3.07 5.55 3.44
N PHE A 75 -4.41 5.51 3.32
CA PHE A 75 -5.21 4.29 3.61
C PHE A 75 -6.37 4.07 2.62
N VAL A 76 -6.37 4.74 1.44
CA VAL A 76 -7.30 4.38 0.34
C VAL A 76 -6.53 3.52 -0.67
N LEU A 77 -7.12 2.38 -1.06
CA LEU A 77 -6.42 1.31 -1.81
C LEU A 77 -5.90 1.74 -3.21
N LYS A 78 -6.53 2.74 -3.84
CA LYS A 78 -6.01 3.29 -5.13
C LYS A 78 -4.80 4.23 -4.87
N ASN A 79 -4.82 4.96 -3.74
CA ASN A 79 -3.68 5.79 -3.28
C ASN A 79 -2.54 4.87 -2.84
N LEU A 80 -2.91 3.71 -2.29
CA LEU A 80 -1.99 2.67 -1.82
C LEU A 80 -1.24 2.06 -3.01
N ALA A 81 -2.01 1.67 -4.03
CA ALA A 81 -1.49 1.08 -5.27
C ALA A 81 -0.52 2.05 -5.98
N ALA A 82 -0.82 3.35 -5.90
CA ALA A 82 0.00 4.41 -6.50
C ALA A 82 1.36 4.54 -5.78
N ARG A 83 1.33 4.56 -4.43
CA ARG A 83 2.54 4.69 -3.56
C ARG A 83 3.51 3.50 -3.74
N ILE A 84 2.94 2.29 -3.76
CA ILE A 84 3.70 1.05 -3.92
C ILE A 84 4.35 0.98 -5.31
N ASP A 85 3.54 1.28 -6.33
CA ASP A 85 4.00 1.33 -7.74
C ASP A 85 5.09 2.39 -7.94
N GLU A 86 4.98 3.49 -7.18
CA GLU A 86 5.94 4.60 -7.17
C GLU A 86 7.31 4.11 -6.66
N LEU A 87 7.29 3.23 -5.64
CA LEU A 87 8.53 2.63 -5.08
C LEU A 87 9.13 1.57 -6.02
N VAL A 88 8.26 0.90 -6.80
CA VAL A 88 8.66 -0.08 -7.84
C VAL A 88 9.24 0.68 -9.05
N ALA A 89 8.74 1.91 -9.25
CA ALA A 89 9.19 2.83 -10.31
C ALA A 89 10.49 3.54 -9.88
N ALA A 90 10.65 3.75 -8.56
CA ALA A 90 11.88 4.33 -7.96
C ALA A 90 13.03 3.32 -8.01
N LYS A 91 12.67 2.03 -7.95
CA LYS A 91 13.62 0.93 -8.05
C LYS A 91 13.81 0.51 -9.53
N GLY A 92 12.80 0.86 -10.36
CA GLY A 92 12.80 0.54 -11.79
C GLY A 92 13.54 1.59 -12.61
N ALA A 93 13.59 2.83 -12.07
CA ALA A 93 14.34 3.97 -12.65
C ALA A 93 15.84 3.91 -12.29
N LEU A 94 16.25 2.83 -11.60
CA LEU A 94 17.65 2.54 -11.29
C LEU A 94 18.28 1.79 -12.49
N GLU A 95 19.45 1.17 -12.24
CA GLU A 95 20.12 0.30 -13.22
C GLU A 95 19.19 -0.86 -13.63
N HIS A 96 19.02 -1.07 -14.94
CA HIS A 96 18.22 -2.19 -15.47
C HIS A 96 19.09 -3.44 -15.53
N HIS A 97 19.17 -4.14 -14.38
CA HIS A 97 20.07 -5.28 -14.17
C HIS A 97 19.33 -6.41 -13.43
N HIS A 98 19.34 -7.60 -14.04
CA HIS A 98 18.85 -8.84 -13.41
C HIS A 98 20.06 -9.70 -13.01
N HIS A 99 19.84 -10.62 -12.04
CA HIS A 99 20.85 -11.61 -11.62
C HIS A 99 21.17 -12.54 -12.81
N HIS A 100 20.09 -12.95 -13.52
CA HIS A 100 20.16 -13.73 -14.76
C HIS A 100 18.75 -13.72 -15.41
N HIS A 101 17.73 -13.82 -14.55
CA HIS A 101 16.30 -13.72 -14.91
C HIS A 101 15.56 -13.09 -13.71
P24 PNS B . -0.50 1.44 13.28
O25 PNS B . 0.84 1.73 12.77
O26 PNS B . -0.70 0.12 13.90
O27 PNS B . -0.94 2.56 14.34
C28 PNS B . -0.24 2.71 15.57
C29 PNS B . -0.93 3.78 16.46
C30 PNS B . -0.86 5.18 15.77
C31 PNS B . -0.18 3.83 17.83
C32 PNS B . -2.46 3.36 16.66
O33 PNS B . -2.55 2.10 17.34
C34 PNS B . -3.27 4.41 17.44
O35 PNS B . -4.09 5.14 16.85
N36 PNS B . -3.06 4.46 18.77
C37 PNS B . -3.73 5.40 19.67
C38 PNS B . -3.15 6.83 19.57
C39 PNS B . -1.66 6.94 19.95
O40 PNS B . -1.02 5.94 20.29
N41 PNS B . -1.13 8.18 19.90
C42 PNS B . 0.28 8.44 20.23
C43 PNS B . 0.64 9.92 20.14
S44 PNS B . 2.37 10.26 20.53
H282 PNS B . -0.22 1.76 16.08
H281 PNS B . 0.79 3.03 15.35
H303 PNS B . 0.19 5.47 15.62
H302 PNS B . -1.35 5.14 14.81
H301 PNS B . -1.33 5.93 16.39
H313 PNS B . -0.23 2.85 18.30
H312 PNS B . 0.85 4.09 17.68
H311 PNS B . -0.65 4.56 18.48
H32 PNS B . -2.91 3.23 15.69
H33 PNS B . -3.46 1.93 17.57
H36 PNS B . -2.44 3.81 19.17
H372 PNS B . -4.79 5.44 19.45
H371 PNS B . -3.60 5.05 20.70
H382 PNS B . -3.27 7.17 18.55
H381 PNS B . -3.72 7.49 20.23
H41 PNS B . -1.70 8.94 19.65
H422 PNS B . 0.48 8.10 21.25
H421 PNS B . 0.93 7.88 19.55
H431 PNS B . 0.01 10.48 20.83
H432 PNS B . 0.45 10.28 19.13
H44 PNS B . 2.62 9.71 21.72
N MET A 1 4.68 -5.93 -16.92
CA MET A 1 4.14 -4.86 -16.06
C MET A 1 2.97 -5.42 -15.25
N THR A 2 3.26 -5.91 -14.02
CA THR A 2 2.25 -6.49 -13.13
C THR A 2 1.36 -5.37 -12.55
N SER A 3 0.03 -5.61 -12.55
CA SER A 3 -0.97 -4.67 -12.03
C SER A 3 -0.84 -4.59 -10.51
N THR A 4 -0.52 -3.39 -10.01
CA THR A 4 -0.26 -3.13 -8.59
C THR A 4 -1.50 -3.45 -7.74
N PHE A 5 -2.68 -2.91 -8.14
CA PHE A 5 -3.93 -3.08 -7.36
C PHE A 5 -4.34 -4.57 -7.25
N ASP A 6 -4.19 -5.33 -8.35
CA ASP A 6 -4.54 -6.78 -8.35
C ASP A 6 -3.67 -7.54 -7.34
N ARG A 7 -2.38 -7.18 -7.26
CA ARG A 7 -1.43 -7.71 -6.26
C ARG A 7 -1.89 -7.36 -4.83
N VAL A 8 -2.15 -6.06 -4.58
CA VAL A 8 -2.54 -5.53 -3.25
C VAL A 8 -3.83 -6.18 -2.74
N ALA A 9 -4.81 -6.27 -3.65
CA ALA A 9 -6.13 -6.87 -3.38
C ALA A 9 -6.01 -8.35 -3.01
N THR A 10 -5.13 -9.09 -3.73
CA THR A 10 -4.81 -10.50 -3.41
C THR A 10 -4.22 -10.60 -2.00
N ILE A 11 -3.22 -9.72 -1.73
CA ILE A 11 -2.51 -9.66 -0.45
C ILE A 11 -3.48 -9.46 0.73
N ILE A 12 -4.38 -8.47 0.61
CA ILE A 12 -5.33 -8.11 1.68
C ILE A 12 -6.33 -9.27 1.94
N ALA A 13 -6.86 -9.82 0.84
CA ALA A 13 -7.76 -10.99 0.84
C ALA A 13 -7.16 -12.19 1.61
N GLU A 14 -5.92 -12.53 1.25
CA GLU A 14 -5.20 -13.70 1.79
C GLU A 14 -4.75 -13.47 3.25
N THR A 15 -4.34 -12.23 3.57
CA THR A 15 -3.74 -11.90 4.88
C THR A 15 -4.80 -11.82 5.99
N CYS A 16 -5.91 -11.11 5.73
CA CYS A 16 -6.89 -10.75 6.77
C CYS A 16 -8.28 -11.39 6.48
N ASP A 17 -8.30 -12.42 5.60
CA ASP A 17 -9.52 -13.17 5.22
C ASP A 17 -10.60 -12.22 4.64
N ILE A 18 -10.16 -11.21 3.87
CA ILE A 18 -11.05 -10.19 3.31
C ILE A 18 -11.63 -10.72 1.98
N PRO A 19 -12.99 -10.70 1.78
CA PRO A 19 -13.61 -11.09 0.48
C PRO A 19 -13.03 -10.30 -0.70
N ARG A 20 -12.31 -11.01 -1.59
CA ARG A 20 -11.58 -10.40 -2.73
C ARG A 20 -12.50 -9.58 -3.65
N GLU A 21 -13.72 -10.09 -3.92
CA GLU A 21 -14.68 -9.42 -4.83
C GLU A 21 -15.24 -8.12 -4.21
N THR A 22 -15.25 -8.02 -2.86
CA THR A 22 -15.75 -6.81 -2.17
C THR A 22 -14.66 -5.71 -2.15
N ILE A 23 -13.39 -6.10 -2.40
CA ILE A 23 -12.24 -5.19 -2.39
C ILE A 23 -12.28 -4.28 -3.64
N THR A 24 -12.81 -3.07 -3.46
CA THR A 24 -12.89 -2.05 -4.51
C THR A 24 -11.63 -1.13 -4.43
N PRO A 25 -11.20 -0.48 -5.56
CA PRO A 25 -10.07 0.48 -5.53
C PRO A 25 -10.42 1.76 -4.74
N GLU A 26 -11.73 2.02 -4.55
CA GLU A 26 -12.22 3.22 -3.83
C GLU A 26 -12.35 2.92 -2.32
N SER A 27 -12.05 1.66 -1.93
CA SER A 27 -12.20 1.19 -0.55
C SER A 27 -11.07 1.75 0.32
N HIS A 28 -11.39 2.10 1.57
CA HIS A 28 -10.40 2.51 2.55
C HIS A 28 -10.05 1.31 3.43
N ALA A 29 -8.76 0.92 3.47
CA ALA A 29 -8.24 -0.18 4.29
C ALA A 29 -8.71 -0.14 5.75
N ILE A 30 -8.75 1.07 6.34
CA ILE A 30 -9.03 1.22 7.78
C ILE A 30 -10.53 1.44 8.02
N ASP A 31 -11.12 2.39 7.26
CA ASP A 31 -12.51 2.85 7.49
C ASP A 31 -13.54 1.85 6.94
N ASP A 32 -13.25 1.30 5.75
CA ASP A 32 -14.16 0.36 5.06
C ASP A 32 -13.86 -1.09 5.48
N LEU A 33 -12.64 -1.57 5.15
CA LEU A 33 -12.23 -2.99 5.35
C LEU A 33 -12.04 -3.32 6.85
N GLY A 34 -11.96 -2.27 7.71
CA GLY A 34 -11.83 -2.45 9.15
C GLY A 34 -10.48 -3.00 9.57
N ILE A 35 -9.42 -2.57 8.88
CA ILE A 35 -8.04 -3.04 9.11
C ILE A 35 -7.26 -1.96 9.87
N ASP A 36 -6.75 -2.31 11.06
CA ASP A 36 -5.94 -1.40 11.89
C ASP A 36 -4.46 -1.49 11.47
N SER A 37 -3.64 -0.52 11.95
CA SER A 37 -2.17 -0.50 11.76
C SER A 37 -1.51 -1.87 12.07
N LEU A 38 -1.89 -2.48 13.23
CA LEU A 38 -1.38 -3.80 13.68
C LEU A 38 -1.49 -4.86 12.56
N ASP A 39 -2.68 -4.93 11.96
CA ASP A 39 -2.99 -5.88 10.87
C ASP A 39 -2.30 -5.46 9.57
N PHE A 40 -2.24 -4.13 9.35
CA PHE A 40 -1.80 -3.55 8.08
C PHE A 40 -0.26 -3.62 7.92
N LEU A 41 0.48 -3.77 9.05
CA LEU A 41 1.94 -3.94 9.03
C LEU A 41 2.33 -5.23 8.28
N ASP A 42 1.56 -6.31 8.51
CA ASP A 42 1.78 -7.61 7.86
C ASP A 42 1.34 -7.54 6.37
N ILE A 43 0.23 -6.82 6.11
CA ILE A 43 -0.27 -6.57 4.74
C ILE A 43 0.77 -5.82 3.91
N ALA A 44 1.32 -4.75 4.51
CA ALA A 44 2.22 -3.84 3.81
C ALA A 44 3.60 -4.49 3.65
N PHE A 45 3.99 -5.36 4.62
CA PHE A 45 5.29 -6.10 4.56
C PHE A 45 5.23 -7.16 3.46
N ALA A 46 4.02 -7.68 3.18
CA ALA A 46 3.78 -8.59 2.05
C ALA A 46 3.88 -7.84 0.72
N ILE A 47 3.45 -6.56 0.74
CA ILE A 47 3.58 -5.64 -0.41
C ILE A 47 5.06 -5.33 -0.68
N ASP A 48 5.79 -4.99 0.39
CA ASP A 48 7.25 -4.69 0.35
C ASP A 48 8.00 -5.85 -0.30
N LYS A 49 7.74 -7.02 0.25
CA LYS A 49 8.41 -8.27 -0.13
C LYS A 49 8.12 -8.64 -1.61
N ALA A 50 6.82 -8.59 -1.98
CA ALA A 50 6.33 -8.97 -3.32
C ALA A 50 6.90 -8.05 -4.43
N PHE A 51 6.83 -6.73 -4.18
CA PHE A 51 7.25 -5.69 -5.14
C PHE A 51 8.77 -5.36 -5.04
N GLY A 52 9.46 -5.94 -4.04
CA GLY A 52 10.89 -5.75 -3.86
C GLY A 52 11.26 -4.38 -3.30
N ILE A 53 10.24 -3.65 -2.82
CA ILE A 53 10.38 -2.30 -2.26
C ILE A 53 10.24 -2.37 -0.74
N LYS A 54 10.25 -1.20 -0.10
CA LYS A 54 9.76 -1.02 1.27
C LYS A 54 8.89 0.23 1.32
N LEU A 55 7.61 0.07 1.69
CA LEU A 55 6.73 1.18 2.01
C LEU A 55 7.21 1.79 3.33
N PRO A 56 7.46 3.12 3.39
CA PRO A 56 7.73 3.84 4.66
C PRO A 56 6.44 3.98 5.50
N LEU A 57 5.85 2.83 5.86
CA LEU A 57 4.52 2.73 6.47
C LEU A 57 4.51 3.41 7.85
N GLU A 58 5.58 3.16 8.64
CA GLU A 58 5.72 3.70 10.01
C GLU A 58 5.82 5.24 10.00
N LYS A 59 6.53 5.81 8.99
CA LYS A 59 6.65 7.28 8.87
C LYS A 59 5.30 7.88 8.42
N TRP A 60 4.61 7.14 7.51
CA TRP A 60 3.26 7.50 7.00
C TRP A 60 2.25 7.55 8.16
N THR A 61 2.41 6.58 9.09
CA THR A 61 1.58 6.48 10.30
C THR A 61 1.80 7.70 11.20
N GLN A 62 3.07 8.15 11.30
CA GLN A 62 3.44 9.32 12.13
C GLN A 62 2.95 10.61 11.47
N GLU A 63 2.93 10.63 10.12
CA GLU A 63 2.45 11.79 9.33
C GLU A 63 0.94 11.98 9.54
N VAL A 64 0.19 10.86 9.53
CA VAL A 64 -1.25 10.85 9.79
C VAL A 64 -1.54 11.37 11.21
N ASN A 65 -0.85 10.79 12.21
CA ASN A 65 -0.99 11.14 13.64
C ASN A 65 -0.60 12.60 13.93
N ASP A 66 0.37 13.15 13.16
CA ASP A 66 0.88 14.54 13.36
C ASP A 66 0.07 15.57 12.55
N GLY A 67 -0.79 15.10 11.64
CA GLY A 67 -1.51 15.98 10.70
C GLY A 67 -0.66 16.46 9.51
N LYS A 68 0.54 15.88 9.32
CA LYS A 68 1.39 16.12 8.13
C LYS A 68 0.67 15.62 6.86
N ALA A 69 0.00 14.48 7.01
CA ALA A 69 -0.80 13.83 5.97
C ALA A 69 -2.04 13.22 6.63
N THR A 70 -2.95 12.66 5.82
CA THR A 70 -4.20 12.06 6.32
C THR A 70 -4.33 10.60 5.82
N THR A 71 -5.26 9.83 6.45
CA THR A 71 -5.41 8.38 6.23
C THR A 71 -5.62 8.01 4.74
N GLU A 72 -6.74 8.49 4.14
CA GLU A 72 -7.16 8.14 2.75
C GLU A 72 -6.06 8.30 1.69
N GLN A 73 -5.17 9.29 1.93
CA GLN A 73 -4.04 9.63 1.05
C GLN A 73 -3.07 8.41 0.89
N TYR A 74 -2.98 7.59 1.94
CA TYR A 74 -2.16 6.35 1.93
C TYR A 74 -3.04 5.09 1.92
N PHE A 75 -4.24 5.15 2.52
CA PHE A 75 -5.03 3.97 2.91
C PHE A 75 -6.32 3.79 2.08
N VAL A 76 -6.48 4.51 0.95
CA VAL A 76 -7.48 4.14 -0.08
C VAL A 76 -6.76 3.29 -1.12
N LEU A 77 -7.30 2.12 -1.44
CA LEU A 77 -6.58 1.04 -2.14
C LEU A 77 -6.03 1.45 -3.54
N LYS A 78 -6.64 2.47 -4.19
CA LYS A 78 -6.12 3.02 -5.47
C LYS A 78 -4.94 4.00 -5.20
N ASN A 79 -5.08 4.78 -4.10
CA ASN A 79 -4.04 5.74 -3.62
C ASN A 79 -2.80 4.95 -3.16
N LEU A 80 -3.07 3.85 -2.41
CA LEU A 80 -2.06 2.93 -1.91
C LEU A 80 -1.34 2.28 -3.09
N ALA A 81 -2.12 1.79 -4.09
CA ALA A 81 -1.58 1.13 -5.30
C ALA A 81 -0.73 2.12 -6.11
N ALA A 82 -1.02 3.42 -5.98
CA ALA A 82 -0.26 4.48 -6.65
C ALA A 82 1.05 4.75 -5.87
N ARG A 83 0.95 4.77 -4.51
CA ARG A 83 2.12 4.98 -3.59
C ARG A 83 3.19 3.90 -3.84
N ILE A 84 2.72 2.64 -3.91
CA ILE A 84 3.56 1.46 -4.17
C ILE A 84 4.20 1.58 -5.56
N ASP A 85 3.36 1.84 -6.58
CA ASP A 85 3.77 1.91 -8.00
C ASP A 85 4.86 3.00 -8.23
N GLU A 86 4.72 4.14 -7.51
CA GLU A 86 5.72 5.22 -7.51
C GLU A 86 7.06 4.71 -6.97
N LEU A 87 6.99 4.01 -5.83
CA LEU A 87 8.19 3.49 -5.14
C LEU A 87 8.83 2.30 -5.89
N VAL A 88 8.03 1.56 -6.69
CA VAL A 88 8.52 0.44 -7.52
C VAL A 88 9.28 0.98 -8.75
N ALA A 89 8.69 2.00 -9.39
CA ALA A 89 9.32 2.70 -10.55
C ALA A 89 10.59 3.44 -10.09
N ALA A 90 10.53 3.97 -8.86
CA ALA A 90 11.66 4.64 -8.21
C ALA A 90 12.76 3.64 -7.88
N LYS A 91 12.39 2.48 -7.30
CA LYS A 91 13.36 1.47 -6.81
C LYS A 91 14.00 0.75 -8.01
N GLY A 92 13.23 0.64 -9.11
CA GLY A 92 13.68 -0.03 -10.33
C GLY A 92 14.81 0.72 -11.03
N ALA A 93 14.68 2.05 -11.09
CA ALA A 93 15.61 2.93 -11.83
C ALA A 93 16.46 3.79 -10.87
N LEU A 94 15.75 4.62 -10.07
CA LEU A 94 16.31 5.61 -9.11
C LEU A 94 16.74 6.88 -9.85
N GLU A 95 16.30 8.04 -9.34
CA GLU A 95 16.69 9.33 -9.88
C GLU A 95 18.07 9.72 -9.31
N HIS A 96 19.12 9.26 -10.03
CA HIS A 96 20.52 9.36 -9.60
C HIS A 96 21.00 10.83 -9.67
N HIS A 97 20.90 11.54 -8.53
CA HIS A 97 21.26 12.98 -8.39
C HIS A 97 20.31 13.88 -9.22
N HIS A 98 20.50 13.86 -10.56
CA HIS A 98 19.66 14.59 -11.50
C HIS A 98 18.27 13.94 -11.58
N HIS A 99 17.38 14.36 -10.67
CA HIS A 99 15.95 14.00 -10.72
C HIS A 99 15.26 14.84 -11.80
N HIS A 100 14.16 14.30 -12.37
CA HIS A 100 13.50 14.85 -13.57
C HIS A 100 14.42 14.71 -14.80
N HIS A 101 14.20 13.64 -15.58
CA HIS A 101 14.88 13.42 -16.86
C HIS A 101 14.02 14.09 -17.96
P24 PNS B . 0.36 0.89 14.48
O25 PNS B . 0.92 2.22 14.16
O26 PNS B . 1.30 -0.13 15.01
O27 PNS B . -0.90 1.04 15.46
C28 PNS B . -0.79 1.60 16.78
C29 PNS B . -2.20 1.96 17.35
C30 PNS B . -3.10 0.70 17.37
C31 PNS B . -2.88 3.04 16.45
C32 PNS B . -2.06 2.50 18.84
O33 PNS B . -1.42 1.48 19.61
C34 PNS B . -1.27 3.85 19.02
O35 PNS B . -0.58 4.31 18.12
N36 PNS B . -1.32 4.48 20.22
C37 PNS B . -2.09 4.03 21.42
C38 PNS B . -3.61 4.31 21.33
C39 PNS B . -4.43 3.77 22.51
O40 PNS B . -3.87 3.37 23.54
N41 PNS B . -5.77 3.79 22.35
C42 PNS B . -6.72 3.32 23.38
C43 PNS B . -6.78 4.25 24.60
S44 PNS B . -7.97 3.71 25.83
H282 PNS B . -0.32 0.87 17.42
H281 PNS B . -0.17 2.49 16.73
H303 PNS B . -2.66 -0.06 18.00
H302 PNS B . -4.09 0.95 17.74
H301 PNS B . -3.19 0.30 16.36
H313 PNS B . -3.85 3.29 16.86
H312 PNS B . -2.27 3.93 16.40
H311 PNS B . -3.01 2.64 15.44
H32 PNS B . -3.06 2.65 19.25
H33 PNS B . -0.70 1.89 20.11
H36 PNS B . -0.83 5.31 20.32
H372 PNS B . -1.94 2.96 21.55
H371 PNS B . -1.69 4.55 22.28
H382 PNS B . -3.76 5.38 21.27
H381 PNS B . -3.98 3.85 20.42
H41 PNS B . -6.14 4.12 21.50
H422 PNS B . -7.70 3.26 22.95
H421 PNS B . -6.41 2.33 23.71
H431 PNS B . -7.05 5.24 24.29
H432 PNS B . -5.80 4.27 25.08
H44 PNS B . -8.67 4.77 26.24
N MET A 1 2.68 -9.73 -17.14
CA MET A 1 2.25 -8.42 -16.60
C MET A 1 1.52 -8.64 -15.27
N THR A 2 2.14 -8.20 -14.17
CA THR A 2 1.54 -8.17 -12.84
C THR A 2 1.03 -6.75 -12.55
N SER A 3 -0.23 -6.61 -12.14
CA SER A 3 -0.84 -5.32 -11.78
C SER A 3 -0.74 -5.10 -10.27
N THR A 4 -0.54 -3.83 -9.87
CA THR A 4 -0.30 -3.47 -8.48
C THR A 4 -1.52 -3.74 -7.59
N PHE A 5 -2.70 -3.16 -7.95
CA PHE A 5 -3.93 -3.30 -7.14
C PHE A 5 -4.40 -4.77 -7.07
N ASP A 6 -4.20 -5.53 -8.16
CA ASP A 6 -4.56 -6.98 -8.20
C ASP A 6 -3.80 -7.75 -7.12
N ARG A 7 -2.48 -7.46 -7.01
CA ARG A 7 -1.60 -8.03 -5.97
C ARG A 7 -2.04 -7.59 -4.57
N VAL A 8 -2.27 -6.28 -4.39
CA VAL A 8 -2.66 -5.67 -3.10
C VAL A 8 -3.96 -6.32 -2.57
N ALA A 9 -4.95 -6.42 -3.46
CA ALA A 9 -6.26 -7.02 -3.17
C ALA A 9 -6.12 -8.50 -2.77
N THR A 10 -5.23 -9.24 -3.47
CA THR A 10 -4.88 -10.62 -3.13
C THR A 10 -4.28 -10.70 -1.71
N ILE A 11 -3.36 -9.76 -1.40
CA ILE A 11 -2.68 -9.65 -0.10
C ILE A 11 -3.69 -9.40 1.05
N ILE A 12 -4.69 -8.55 0.80
CA ILE A 12 -5.72 -8.20 1.81
C ILE A 12 -6.61 -9.43 2.08
N ALA A 13 -6.98 -10.12 1.00
CA ALA A 13 -7.69 -11.41 1.05
C ALA A 13 -6.93 -12.45 1.89
N GLU A 14 -5.60 -12.53 1.69
CA GLU A 14 -4.72 -13.45 2.44
C GLU A 14 -4.59 -13.07 3.92
N THR A 15 -4.35 -11.77 4.18
CA THR A 15 -4.00 -11.27 5.53
C THR A 15 -5.20 -11.38 6.49
N CYS A 16 -6.31 -10.75 6.10
CA CYS A 16 -7.45 -10.50 7.00
C CYS A 16 -8.65 -11.41 6.69
N ASP A 17 -8.55 -12.20 5.60
CA ASP A 17 -9.70 -12.92 5.01
C ASP A 17 -10.82 -11.92 4.64
N ILE A 18 -10.50 -11.04 3.68
CA ILE A 18 -11.45 -10.06 3.11
C ILE A 18 -11.83 -10.51 1.69
N PRO A 19 -13.17 -10.67 1.37
CA PRO A 19 -13.63 -11.06 0.02
C PRO A 19 -13.10 -10.10 -1.07
N ARG A 20 -12.41 -10.68 -2.08
CA ARG A 20 -11.89 -9.95 -3.27
C ARG A 20 -12.96 -9.04 -3.92
N GLU A 21 -14.23 -9.48 -3.87
CA GLU A 21 -15.39 -8.75 -4.43
C GLU A 21 -15.62 -7.40 -3.73
N THR A 22 -15.39 -7.36 -2.40
CA THR A 22 -15.62 -6.16 -1.57
C THR A 22 -14.38 -5.24 -1.55
N ILE A 23 -13.27 -5.69 -2.18
CA ILE A 23 -12.03 -4.91 -2.24
C ILE A 23 -12.05 -4.04 -3.51
N THR A 24 -12.47 -2.78 -3.36
CA THR A 24 -12.47 -1.79 -4.45
C THR A 24 -11.25 -0.85 -4.28
N PRO A 25 -10.77 -0.16 -5.37
CA PRO A 25 -9.69 0.85 -5.25
C PRO A 25 -10.08 2.04 -4.36
N GLU A 26 -11.40 2.19 -4.10
CA GLU A 26 -11.97 3.30 -3.33
C GLU A 26 -12.02 2.96 -1.83
N SER A 27 -11.61 1.72 -1.46
CA SER A 27 -11.74 1.20 -0.08
C SER A 27 -10.64 1.78 0.82
N HIS A 28 -11.04 2.21 2.02
CA HIS A 28 -10.11 2.63 3.08
C HIS A 28 -9.83 1.40 3.97
N ALA A 29 -8.56 0.96 4.03
CA ALA A 29 -8.13 -0.22 4.82
C ALA A 29 -8.71 -0.25 6.25
N ILE A 30 -8.82 0.92 6.88
CA ILE A 30 -9.24 1.03 8.28
C ILE A 30 -10.74 1.33 8.37
N ASP A 31 -11.22 2.22 7.49
CA ASP A 31 -12.61 2.74 7.51
C ASP A 31 -13.41 2.17 6.31
N ASP A 32 -13.25 0.86 6.10
CA ASP A 32 -14.02 0.07 5.12
C ASP A 32 -13.74 -1.42 5.36
N LEU A 33 -12.47 -1.82 5.12
CA LEU A 33 -12.03 -3.22 5.22
C LEU A 33 -11.95 -3.69 6.69
N GLY A 34 -11.96 -2.74 7.65
CA GLY A 34 -11.89 -3.04 9.08
C GLY A 34 -10.54 -3.64 9.48
N ILE A 35 -9.47 -2.98 9.02
CA ILE A 35 -8.08 -3.43 9.20
C ILE A 35 -7.28 -2.30 9.88
N ASP A 36 -6.71 -2.58 11.06
CA ASP A 36 -5.86 -1.62 11.80
C ASP A 36 -4.46 -1.58 11.18
N SER A 37 -3.64 -0.59 11.60
CA SER A 37 -2.24 -0.46 11.15
C SER A 37 -1.42 -1.70 11.51
N LEU A 38 -1.84 -2.39 12.58
CA LEU A 38 -1.21 -3.63 13.08
C LEU A 38 -1.26 -4.73 12.00
N ASP A 39 -2.46 -4.93 11.44
CA ASP A 39 -2.72 -5.93 10.37
C ASP A 39 -2.28 -5.36 9.01
N PHE A 40 -2.22 -4.01 8.91
CA PHE A 40 -1.84 -3.31 7.68
C PHE A 40 -0.30 -3.31 7.52
N LEU A 41 0.41 -3.53 8.64
CA LEU A 41 1.87 -3.79 8.63
C LEU A 41 2.14 -5.12 7.91
N ASP A 42 1.30 -6.13 8.21
CA ASP A 42 1.40 -7.48 7.61
C ASP A 42 1.06 -7.41 6.12
N ILE A 43 0.02 -6.61 5.77
CA ILE A 43 -0.32 -6.31 4.36
C ILE A 43 0.90 -5.68 3.65
N ALA A 44 1.60 -4.78 4.36
CA ALA A 44 2.75 -4.05 3.82
C ALA A 44 3.99 -4.96 3.71
N PHE A 45 4.15 -5.92 4.66
CA PHE A 45 5.26 -6.91 4.63
C PHE A 45 5.22 -7.72 3.34
N ALA A 46 3.99 -8.15 2.99
CA ALA A 46 3.70 -8.93 1.78
C ALA A 46 3.94 -8.10 0.50
N ILE A 47 3.62 -6.79 0.58
CA ILE A 47 3.84 -5.83 -0.52
C ILE A 47 5.36 -5.65 -0.79
N ASP A 48 6.13 -5.43 0.28
CA ASP A 48 7.59 -5.16 0.20
C ASP A 48 8.31 -6.34 -0.46
N LYS A 49 7.88 -7.55 -0.10
CA LYS A 49 8.45 -8.80 -0.61
C LYS A 49 8.04 -9.04 -2.08
N ALA A 50 6.73 -8.93 -2.36
CA ALA A 50 6.16 -9.18 -3.72
C ALA A 50 6.72 -8.22 -4.77
N PHE A 51 6.65 -6.92 -4.46
CA PHE A 51 7.08 -5.82 -5.36
C PHE A 51 8.58 -5.50 -5.23
N GLY A 52 9.28 -6.17 -4.29
CA GLY A 52 10.74 -6.03 -4.13
C GLY A 52 11.18 -4.63 -3.73
N ILE A 53 10.39 -4.01 -2.84
CA ILE A 53 10.62 -2.64 -2.34
C ILE A 53 10.53 -2.66 -0.79
N LYS A 54 10.44 -1.48 -0.17
CA LYS A 54 9.98 -1.34 1.23
C LYS A 54 9.15 -0.05 1.34
N LEU A 55 7.91 -0.16 1.83
CA LEU A 55 7.05 0.99 2.10
C LEU A 55 7.54 1.72 3.37
N PRO A 56 7.75 3.08 3.31
CA PRO A 56 7.79 3.95 4.53
C PRO A 56 6.42 3.98 5.26
N LEU A 57 5.89 2.79 5.64
CA LEU A 57 4.51 2.60 6.11
C LEU A 57 4.32 3.33 7.46
N GLU A 58 5.31 3.17 8.35
CA GLU A 58 5.32 3.80 9.68
C GLU A 58 5.29 5.33 9.55
N LYS A 59 6.15 5.85 8.64
CA LYS A 59 6.26 7.30 8.34
C LYS A 59 4.88 7.85 7.94
N TRP A 60 4.23 7.12 7.03
CA TRP A 60 2.93 7.48 6.45
C TRP A 60 1.83 7.52 7.53
N THR A 61 1.82 6.48 8.38
CA THR A 61 0.86 6.34 9.49
C THR A 61 1.06 7.48 10.53
N GLN A 62 2.30 7.97 10.66
CA GLN A 62 2.65 9.06 11.59
C GLN A 62 2.21 10.41 11.03
N GLU A 63 2.41 10.61 9.71
CA GLU A 63 1.97 11.85 9.00
C GLU A 63 0.46 12.00 9.09
N VAL A 64 -0.26 10.88 8.95
CA VAL A 64 -1.71 10.80 9.13
C VAL A 64 -2.12 11.28 10.55
N ASN A 65 -1.59 10.59 11.57
CA ASN A 65 -1.92 10.83 12.98
C ASN A 65 -1.41 12.19 13.49
N ASP A 66 -0.41 12.78 12.80
CA ASP A 66 0.18 14.08 13.18
C ASP A 66 -0.57 15.25 12.52
N GLY A 67 -1.50 14.94 11.58
CA GLY A 67 -2.21 15.97 10.81
C GLY A 67 -1.42 16.54 9.63
N LYS A 68 -0.25 15.95 9.32
CA LYS A 68 0.54 16.32 8.12
C LYS A 68 -0.19 15.89 6.83
N ALA A 69 -0.91 14.76 6.92
CA ALA A 69 -1.65 14.17 5.80
C ALA A 69 -2.97 13.58 6.32
N THR A 70 -3.91 13.32 5.40
CA THR A 70 -5.20 12.72 5.72
C THR A 70 -5.05 11.20 5.87
N THR A 71 -6.04 10.57 6.53
CA THR A 71 -6.14 9.11 6.65
C THR A 71 -6.29 8.50 5.23
N GLU A 72 -7.22 9.09 4.46
CA GLU A 72 -7.43 8.84 3.02
C GLU A 72 -6.10 8.62 2.24
N GLN A 73 -5.24 9.65 2.28
CA GLN A 73 -4.01 9.73 1.46
C GLN A 73 -3.09 8.50 1.64
N TYR A 74 -3.08 7.95 2.87
CA TYR A 74 -2.16 6.85 3.21
C TYR A 74 -2.85 5.54 3.61
N PHE A 75 -4.19 5.44 3.55
CA PHE A 75 -4.89 4.18 3.87
C PHE A 75 -5.97 3.80 2.83
N VAL A 76 -6.06 4.51 1.69
CA VAL A 76 -6.98 4.10 0.60
C VAL A 76 -6.17 3.33 -0.45
N LEU A 77 -6.75 2.23 -0.94
CA LEU A 77 -6.05 1.23 -1.79
C LEU A 77 -5.56 1.78 -3.13
N LYS A 78 -6.23 2.82 -3.67
CA LYS A 78 -5.77 3.49 -4.91
C LYS A 78 -4.45 4.24 -4.63
N ASN A 79 -4.38 4.86 -3.45
CA ASN A 79 -3.23 5.64 -2.97
C ASN A 79 -2.09 4.68 -2.58
N LEU A 80 -2.48 3.49 -2.05
CA LEU A 80 -1.52 2.43 -1.68
C LEU A 80 -0.82 1.91 -2.94
N ALA A 81 -1.63 1.63 -3.98
CA ALA A 81 -1.15 1.14 -5.28
C ALA A 81 -0.25 2.18 -5.96
N ALA A 82 -0.54 3.47 -5.69
CA ALA A 82 0.23 4.60 -6.23
C ALA A 82 1.61 4.70 -5.56
N ARG A 83 1.63 4.57 -4.21
CA ARG A 83 2.85 4.69 -3.38
C ARG A 83 3.84 3.54 -3.63
N ILE A 84 3.29 2.35 -3.84
CA ILE A 84 4.06 1.16 -4.25
C ILE A 84 4.75 1.45 -5.59
N ASP A 85 3.92 1.92 -6.55
CA ASP A 85 4.32 2.23 -7.92
C ASP A 85 5.39 3.36 -7.97
N GLU A 86 5.36 4.28 -6.98
CA GLU A 86 6.40 5.31 -6.80
C GLU A 86 7.76 4.66 -6.52
N LEU A 87 7.77 3.75 -5.53
CA LEU A 87 9.00 3.06 -5.07
C LEU A 87 9.54 2.07 -6.13
N VAL A 88 8.62 1.51 -6.92
CA VAL A 88 8.94 0.55 -8.00
C VAL A 88 9.60 1.30 -9.18
N ALA A 89 9.09 2.51 -9.47
CA ALA A 89 9.64 3.40 -10.53
C ALA A 89 11.03 3.91 -10.14
N ALA A 90 11.16 4.35 -8.87
CA ALA A 90 12.42 4.84 -8.30
C ALA A 90 13.49 3.73 -8.27
N LYS A 91 13.03 2.46 -8.13
CA LYS A 91 13.91 1.28 -8.06
C LYS A 91 14.31 0.82 -9.48
N GLY A 92 13.31 0.76 -10.37
CA GLY A 92 13.42 0.07 -11.65
C GLY A 92 14.15 0.91 -12.69
N ALA A 93 13.82 2.21 -12.71
CA ALA A 93 14.47 3.21 -13.57
C ALA A 93 15.71 3.82 -12.87
N LEU A 94 16.03 3.29 -11.65
CA LEU A 94 17.18 3.74 -10.82
C LEU A 94 17.03 5.22 -10.38
N GLU A 95 18.09 5.82 -9.82
CA GLU A 95 18.13 7.27 -9.49
C GLU A 95 18.26 8.14 -10.78
N HIS A 96 18.38 7.47 -11.94
CA HIS A 96 18.46 8.10 -13.26
C HIS A 96 17.05 8.14 -13.92
N HIS A 97 15.98 8.14 -13.09
CA HIS A 97 14.58 8.11 -13.57
C HIS A 97 14.17 9.43 -14.26
N HIS A 98 14.58 9.57 -15.54
CA HIS A 98 14.22 10.72 -16.40
C HIS A 98 12.74 10.63 -16.80
N HIS A 99 12.27 9.38 -16.88
CA HIS A 99 10.85 9.03 -17.03
C HIS A 99 10.60 7.86 -16.06
N HIS A 100 9.46 7.88 -15.35
CA HIS A 100 9.17 6.91 -14.27
C HIS A 100 8.63 5.54 -14.82
N HIS A 101 9.17 5.07 -15.96
CA HIS A 101 8.74 3.81 -16.60
C HIS A 101 9.94 3.22 -17.36
P24 PNS B . -3.14 2.61 12.91
O25 PNS B . -4.31 3.24 12.29
O26 PNS B . -2.10 3.46 13.53
O27 PNS B . -3.59 1.38 13.89
C28 PNS B . -4.50 1.52 15.01
C29 PNS B . -3.87 2.12 16.33
C30 PNS B . -2.48 1.42 16.59
C31 PNS B . -4.82 1.82 17.53
C32 PNS B . -3.64 3.68 16.20
O33 PNS B . -4.90 4.34 15.98
C34 PNS B . -2.98 4.30 17.45
O35 PNS B . -1.75 4.36 17.55
N36 PNS B . -3.82 4.73 18.41
C37 PNS B . -3.36 5.33 19.67
C38 PNS B . -4.47 6.11 20.38
C39 PNS B . -4.96 7.33 19.59
O40 PNS B . -4.79 8.47 20.03
N41 PNS B . -5.55 7.08 18.41
C42 PNS B . -6.06 8.14 17.53
C43 PNS B . -6.69 7.58 16.26
S44 PNS B . -7.38 8.87 15.21
H282 PNS B . -5.33 2.15 14.71
H281 PNS B . -4.88 0.53 15.22
H303 PNS B . -2.62 0.34 16.70
H302 PNS B . -1.82 1.60 15.76
H301 PNS B . -2.02 1.80 17.49
H313 PNS B . -5.00 0.75 17.62
H312 PNS B . -4.39 2.18 18.45
H311 PNS B . -5.77 2.32 17.38
H32 PNS B . -3.01 3.88 15.34
H33 PNS B . -4.75 5.17 15.50
H36 PNS B . -4.78 4.62 18.28
H372 PNS B . -3.01 4.54 20.32
H371 PNS B . -2.53 6.01 19.46
H382 PNS B . -5.31 5.45 20.53
H381 PNS B . -4.11 6.43 21.34
H41 PNS B . -5.66 6.15 18.11
H422 PNS B . -6.82 8.72 18.06
H421 PNS B . -5.25 8.80 17.26
H431 PNS B . -7.48 6.89 16.52
H432 PNS B . -5.93 7.05 15.69
H44 PNS B . -7.55 9.96 15.95
N MET A 1 3.17 -6.23 -17.29
CA MET A 1 1.95 -5.92 -16.51
C MET A 1 2.31 -5.77 -15.02
N THR A 2 2.39 -4.51 -14.55
CA THR A 2 2.53 -4.21 -13.11
C THR A 2 1.11 -4.05 -12.54
N SER A 3 0.47 -5.20 -12.34
CA SER A 3 -0.89 -5.30 -11.83
C SER A 3 -0.86 -5.16 -10.30
N THR A 4 -0.67 -3.91 -9.85
CA THR A 4 -0.39 -3.58 -8.46
C THR A 4 -1.62 -3.83 -7.56
N PHE A 5 -2.79 -3.29 -7.95
CA PHE A 5 -4.04 -3.46 -7.17
C PHE A 5 -4.54 -4.94 -7.22
N ASP A 6 -4.20 -5.66 -8.30
CA ASP A 6 -4.40 -7.14 -8.38
C ASP A 6 -3.68 -7.83 -7.23
N ARG A 7 -2.39 -7.47 -7.07
CA ARG A 7 -1.52 -8.00 -6.02
C ARG A 7 -2.04 -7.62 -4.63
N VAL A 8 -2.35 -6.32 -4.43
CA VAL A 8 -2.78 -5.77 -3.13
C VAL A 8 -4.09 -6.42 -2.67
N ALA A 9 -5.04 -6.57 -3.61
CA ALA A 9 -6.35 -7.20 -3.36
C ALA A 9 -6.19 -8.68 -2.92
N THR A 10 -5.32 -9.41 -3.65
CA THR A 10 -4.96 -10.80 -3.31
C THR A 10 -4.32 -10.88 -1.91
N ILE A 11 -3.39 -9.95 -1.64
CA ILE A 11 -2.65 -9.86 -0.36
C ILE A 11 -3.59 -9.65 0.82
N ILE A 12 -4.55 -8.72 0.71
CA ILE A 12 -5.51 -8.41 1.79
C ILE A 12 -6.43 -9.63 2.05
N ALA A 13 -6.85 -10.27 0.96
CA ALA A 13 -7.63 -11.52 0.98
C ALA A 13 -6.89 -12.66 1.72
N GLU A 14 -5.56 -12.79 1.48
CA GLU A 14 -4.74 -13.85 2.09
C GLU A 14 -4.25 -13.49 3.51
N THR A 15 -4.19 -12.18 3.84
CA THR A 15 -3.75 -11.71 5.17
C THR A 15 -4.89 -11.80 6.21
N CYS A 16 -5.99 -11.05 5.97
CA CYS A 16 -7.08 -10.86 6.97
C CYS A 16 -8.35 -11.63 6.56
N ASP A 17 -8.21 -12.57 5.61
CA ASP A 17 -9.32 -13.41 5.05
C ASP A 17 -10.52 -12.54 4.57
N ILE A 18 -10.23 -11.58 3.67
CA ILE A 18 -11.23 -10.62 3.13
C ILE A 18 -11.69 -11.09 1.72
N PRO A 19 -13.02 -11.04 1.38
CA PRO A 19 -13.49 -11.25 -0.01
C PRO A 19 -12.90 -10.20 -0.97
N ARG A 20 -12.14 -10.67 -1.99
CA ARG A 20 -11.50 -9.78 -2.99
C ARG A 20 -12.54 -8.96 -3.80
N GLU A 21 -13.76 -9.50 -3.92
CA GLU A 21 -14.87 -8.83 -4.62
C GLU A 21 -15.31 -7.55 -3.89
N THR A 22 -15.16 -7.56 -2.55
CA THR A 22 -15.55 -6.43 -1.68
C THR A 22 -14.35 -5.47 -1.44
N ILE A 23 -13.17 -5.85 -1.98
CA ILE A 23 -11.97 -4.99 -1.95
C ILE A 23 -12.05 -4.05 -3.18
N THR A 24 -12.58 -2.85 -2.97
CA THR A 24 -12.78 -1.83 -4.03
C THR A 24 -11.58 -0.86 -4.07
N PRO A 25 -11.27 -0.23 -5.26
CA PRO A 25 -10.12 0.69 -5.41
C PRO A 25 -10.24 1.93 -4.48
N GLU A 26 -11.47 2.44 -4.31
CA GLU A 26 -11.75 3.66 -3.54
C GLU A 26 -11.92 3.34 -2.03
N SER A 27 -11.65 2.09 -1.64
CA SER A 27 -11.86 1.60 -0.27
C SER A 27 -10.74 2.09 0.64
N HIS A 28 -11.10 2.51 1.85
CA HIS A 28 -10.14 2.83 2.90
C HIS A 28 -9.93 1.55 3.72
N ALA A 29 -8.68 1.09 3.83
CA ALA A 29 -8.31 -0.12 4.58
C ALA A 29 -8.91 -0.16 6.00
N ILE A 30 -9.02 1.01 6.64
CA ILE A 30 -9.39 1.10 8.05
C ILE A 30 -10.90 1.39 8.19
N ASP A 31 -11.41 2.38 7.42
CA ASP A 31 -12.82 2.80 7.49
C ASP A 31 -13.74 1.75 6.84
N ASP A 32 -13.43 1.39 5.57
CA ASP A 32 -14.29 0.51 4.78
C ASP A 32 -14.05 -0.96 5.15
N LEU A 33 -12.81 -1.45 4.92
CA LEU A 33 -12.45 -2.88 5.11
C LEU A 33 -12.43 -3.29 6.59
N GLY A 34 -12.33 -2.29 7.49
CA GLY A 34 -12.27 -2.54 8.94
C GLY A 34 -10.99 -3.27 9.36
N ILE A 35 -9.86 -2.75 8.88
CA ILE A 35 -8.52 -3.29 9.11
C ILE A 35 -7.70 -2.22 9.85
N ASP A 36 -7.24 -2.54 11.09
CA ASP A 36 -6.46 -1.60 11.90
C ASP A 36 -5.00 -1.55 11.44
N SER A 37 -4.24 -0.63 12.04
CA SER A 37 -2.78 -0.48 11.85
C SER A 37 -2.05 -1.83 11.99
N LEU A 38 -2.38 -2.54 13.09
CA LEU A 38 -1.76 -3.84 13.46
C LEU A 38 -1.91 -4.89 12.34
N ASP A 39 -3.11 -4.93 11.73
CA ASP A 39 -3.46 -5.87 10.63
C ASP A 39 -2.83 -5.39 9.32
N PHE A 40 -2.76 -4.05 9.15
CA PHE A 40 -2.27 -3.39 7.93
C PHE A 40 -0.74 -3.50 7.84
N LEU A 41 -0.06 -3.73 8.99
CA LEU A 41 1.40 -4.00 9.05
C LEU A 41 1.73 -5.24 8.22
N ASP A 42 0.96 -6.33 8.49
CA ASP A 42 1.11 -7.64 7.81
C ASP A 42 0.83 -7.51 6.31
N ILE A 43 -0.18 -6.71 5.96
CA ILE A 43 -0.53 -6.39 4.57
C ILE A 43 0.63 -5.64 3.88
N ALA A 44 1.23 -4.69 4.61
CA ALA A 44 2.26 -3.78 4.07
C ALA A 44 3.60 -4.51 3.92
N PHE A 45 3.86 -5.50 4.80
CA PHE A 45 5.04 -6.39 4.72
C PHE A 45 4.93 -7.30 3.51
N ALA A 46 3.73 -7.87 3.30
CA ALA A 46 3.45 -8.77 2.17
C ALA A 46 3.61 -8.04 0.83
N ILE A 47 3.18 -6.76 0.79
CA ILE A 47 3.35 -5.87 -0.37
C ILE A 47 4.84 -5.54 -0.59
N ASP A 48 5.47 -5.05 0.47
CA ASP A 48 6.89 -4.60 0.50
C ASP A 48 7.82 -5.64 -0.17
N LYS A 49 7.69 -6.89 0.30
CA LYS A 49 8.50 -8.03 -0.13
C LYS A 49 8.10 -8.51 -1.55
N ALA A 50 6.77 -8.51 -1.84
CA ALA A 50 6.23 -8.94 -3.17
C ALA A 50 6.79 -8.09 -4.31
N PHE A 51 6.76 -6.76 -4.11
CA PHE A 51 7.25 -5.78 -5.09
C PHE A 51 8.76 -5.50 -4.93
N GLY A 52 9.38 -6.11 -3.89
CA GLY A 52 10.84 -5.99 -3.65
C GLY A 52 11.29 -4.58 -3.30
N ILE A 53 10.33 -3.73 -2.90
CA ILE A 53 10.59 -2.32 -2.57
C ILE A 53 10.56 -2.13 -1.04
N LYS A 54 10.91 -0.93 -0.58
CA LYS A 54 10.82 -0.54 0.82
C LYS A 54 9.74 0.52 0.97
N LEU A 55 8.55 0.13 1.46
CA LEU A 55 7.50 1.08 1.82
C LEU A 55 7.93 1.83 3.10
N PRO A 56 8.03 3.20 3.06
CA PRO A 56 8.21 4.00 4.28
C PRO A 56 6.87 4.15 5.02
N LEU A 57 6.32 3.00 5.44
CA LEU A 57 4.98 2.87 6.03
C LEU A 57 4.94 3.61 7.38
N GLU A 58 5.98 3.42 8.20
CA GLU A 58 6.10 4.03 9.53
C GLU A 58 6.26 5.56 9.44
N LYS A 59 6.93 6.03 8.36
CA LYS A 59 7.05 7.47 8.08
C LYS A 59 5.66 8.07 7.76
N TRP A 60 4.91 7.36 6.89
CA TRP A 60 3.53 7.70 6.54
C TRP A 60 2.61 7.68 7.79
N THR A 61 2.90 6.74 8.70
CA THR A 61 2.16 6.55 9.95
C THR A 61 2.35 7.77 10.89
N GLN A 62 3.59 8.33 10.92
CA GLN A 62 3.90 9.52 11.75
C GLN A 62 3.12 10.74 11.24
N GLU A 63 3.06 10.87 9.91
CA GLU A 63 2.37 11.99 9.22
C GLU A 63 0.86 11.97 9.49
N VAL A 64 0.26 10.76 9.36
CA VAL A 64 -1.18 10.54 9.61
C VAL A 64 -1.54 10.88 11.08
N ASN A 65 -0.87 10.20 12.03
CA ASN A 65 -1.12 10.37 13.48
C ASN A 65 -0.89 11.81 13.96
N ASP A 66 0.03 12.54 13.30
CA ASP A 66 0.35 13.93 13.66
C ASP A 66 -0.71 14.89 13.06
N GLY A 67 -1.32 14.44 11.95
CA GLY A 67 -2.34 15.23 11.23
C GLY A 67 -1.73 15.99 10.06
N LYS A 68 -0.42 15.78 9.82
CA LYS A 68 0.33 16.39 8.71
C LYS A 68 -0.17 15.87 7.34
N ALA A 69 -0.63 14.62 7.33
CA ALA A 69 -1.10 13.94 6.12
C ALA A 69 -2.45 13.28 6.40
N THR A 70 -3.38 13.42 5.46
CA THR A 70 -4.71 12.83 5.53
C THR A 70 -4.62 11.28 5.52
N THR A 71 -5.59 10.63 6.21
CA THR A 71 -5.64 9.17 6.34
C THR A 71 -5.84 8.50 4.96
N GLU A 72 -6.94 8.88 4.26
CA GLU A 72 -7.30 8.36 2.90
C GLU A 72 -6.13 8.46 1.88
N GLN A 73 -5.32 9.52 2.03
CA GLN A 73 -4.15 9.78 1.17
C GLN A 73 -3.21 8.55 1.08
N TYR A 74 -3.08 7.85 2.22
CA TYR A 74 -2.17 6.69 2.36
C TYR A 74 -2.94 5.36 2.51
N PHE A 75 -4.18 5.38 3.01
CA PHE A 75 -4.91 4.14 3.37
C PHE A 75 -6.01 3.75 2.35
N VAL A 76 -6.20 4.53 1.28
CA VAL A 76 -7.17 4.14 0.21
C VAL A 76 -6.41 3.26 -0.78
N LEU A 77 -6.97 2.08 -1.08
CA LEU A 77 -6.25 0.97 -1.73
C LEU A 77 -5.64 1.30 -3.12
N LYS A 78 -6.31 2.20 -3.88
CA LYS A 78 -5.78 2.67 -5.19
C LYS A 78 -4.63 3.69 -4.98
N ASN A 79 -4.74 4.48 -3.88
CA ASN A 79 -3.69 5.43 -3.45
C ASN A 79 -2.47 4.65 -2.95
N LEU A 80 -2.75 3.58 -2.18
CA LEU A 80 -1.75 2.64 -1.67
C LEU A 80 -1.00 2.04 -2.86
N ALA A 81 -1.77 1.56 -3.85
CA ALA A 81 -1.24 0.95 -5.09
C ALA A 81 -0.44 1.97 -5.91
N ALA A 82 -0.79 3.27 -5.76
CA ALA A 82 -0.11 4.37 -6.45
C ALA A 82 1.29 4.59 -5.89
N ARG A 83 1.43 4.69 -4.54
CA ARG A 83 2.76 4.87 -3.90
C ARG A 83 3.66 3.66 -4.19
N ILE A 84 3.07 2.46 -4.15
CA ILE A 84 3.80 1.19 -4.39
C ILE A 84 4.43 1.23 -5.79
N ASP A 85 3.60 1.59 -6.78
CA ASP A 85 4.00 1.68 -8.20
C ASP A 85 5.06 2.79 -8.40
N GLU A 86 4.86 3.93 -7.73
CA GLU A 86 5.81 5.06 -7.76
C GLU A 86 7.17 4.66 -7.17
N LEU A 87 7.16 3.75 -6.20
CA LEU A 87 8.38 3.25 -5.53
C LEU A 87 9.02 2.08 -6.32
N VAL A 88 8.21 1.41 -7.15
CA VAL A 88 8.72 0.45 -8.15
C VAL A 88 9.57 1.23 -9.17
N ALA A 89 9.04 2.40 -9.57
CA ALA A 89 9.72 3.31 -10.50
C ALA A 89 10.97 3.91 -9.85
N ALA A 90 10.84 4.38 -8.60
CA ALA A 90 11.93 5.01 -7.85
C ALA A 90 13.14 4.08 -7.67
N LYS A 91 12.87 2.75 -7.62
CA LYS A 91 13.91 1.73 -7.49
C LYS A 91 14.55 1.37 -8.86
N GLY A 92 13.71 1.22 -9.90
CA GLY A 92 14.14 0.57 -11.16
C GLY A 92 14.13 1.51 -12.38
N ALA A 93 13.08 2.32 -12.52
CA ALA A 93 12.78 3.07 -13.75
C ALA A 93 13.51 4.44 -13.80
N LEU A 94 13.49 5.16 -12.68
CA LEU A 94 13.98 6.56 -12.60
C LEU A 94 15.52 6.59 -12.71
N GLU A 95 16.02 6.82 -13.94
CA GLU A 95 17.45 6.99 -14.23
C GLU A 95 17.66 8.01 -15.37
N HIS A 96 16.60 8.79 -15.68
CA HIS A 96 16.64 9.82 -16.73
C HIS A 96 17.65 10.91 -16.34
N HIS A 97 18.82 10.90 -17.01
CA HIS A 97 19.85 11.94 -16.85
C HIS A 97 19.34 13.25 -17.50
N HIS A 98 18.53 13.99 -16.74
CA HIS A 98 17.80 15.16 -17.22
C HIS A 98 17.78 16.22 -16.11
N HIS A 99 18.16 17.45 -16.46
CA HIS A 99 18.25 18.57 -15.51
C HIS A 99 16.84 19.13 -15.21
N HIS A 100 16.19 18.53 -14.19
CA HIS A 100 14.82 18.89 -13.75
C HIS A 100 14.92 19.72 -12.45
N HIS A 101 15.41 19.05 -11.38
CA HIS A 101 15.60 19.66 -10.06
C HIS A 101 16.58 18.77 -9.27
P24 PNS B . -2.90 1.30 15.40
O25 PNS B . -3.78 0.15 15.11
O26 PNS B . -3.05 2.65 14.78
O27 PNS B . -1.44 0.96 16.00
C28 PNS B . -0.53 1.92 16.58
C29 PNS B . -1.00 2.55 17.97
C30 PNS B . -2.13 3.60 17.74
C31 PNS B . 0.22 3.31 18.59
C32 PNS B . -1.52 1.44 18.98
O33 PNS B . -2.75 0.87 18.48
C34 PNS B . -0.51 0.30 19.23
O35 PNS B . -0.68 -0.81 18.71
N36 PNS B . 0.53 0.58 20.04
C37 PNS B . 1.58 -0.40 20.39
C38 PNS B . 1.10 -1.47 21.38
C39 PNS B . 0.69 -0.90 22.75
O40 PNS B . 1.37 -1.13 23.76
N41 PNS B . -0.41 -0.11 22.76
C42 PNS B . -0.94 0.51 23.99
C43 PNS B . -1.60 -0.50 24.95
S44 PNS B . -2.29 0.30 26.41
H282 PNS B . 0.42 1.40 16.74
H281 PNS B . -0.37 2.72 15.87
H303 PNS B . -3.00 3.10 17.33
H302 PNS B . -2.39 4.07 18.68
H301 PNS B . -1.78 4.35 17.04
H313 PNS B . 1.03 2.62 18.77
H312 PNS B . 0.56 4.09 17.91
H311 PNS B . -0.08 3.77 19.53
H32 PNS B . -1.75 1.90 19.92
H33 PNS B . -2.55 0.06 18.00
H36 PNS B . 0.59 1.48 20.44
H372 PNS B . 1.92 -0.88 19.48
H371 PNS B . 2.42 0.15 20.84
H382 PNS B . 0.24 -1.97 20.95
H381 PNS B . 1.90 -2.19 21.52
H41 PNS B . -0.90 0.04 21.93
H422 PNS B . -0.14 1.01 24.51
H421 PNS B . -1.69 1.24 23.71
H431 PNS B . -0.86 -1.22 25.29
H432 PNS B . -2.40 -1.00 24.45
H44 PNS B . -3.61 0.18 26.37
N MET A 1 -2.23 -5.20 -17.10
CA MET A 1 -2.76 -6.47 -16.56
C MET A 1 -1.94 -6.88 -15.33
N THR A 2 -2.64 -7.18 -14.22
CA THR A 2 -2.04 -7.51 -12.92
C THR A 2 -1.25 -6.30 -12.41
N SER A 3 -2.01 -5.28 -11.97
CA SER A 3 -1.46 -4.02 -11.46
C SER A 3 -0.97 -4.17 -10.01
N THR A 4 -0.39 -3.09 -9.47
CA THR A 4 -0.05 -3.00 -8.05
C THR A 4 -1.32 -3.19 -7.20
N PHE A 5 -2.44 -2.59 -7.65
CA PHE A 5 -3.76 -2.74 -7.01
C PHE A 5 -4.18 -4.21 -6.94
N ASP A 6 -4.08 -4.91 -8.08
CA ASP A 6 -4.52 -6.31 -8.22
C ASP A 6 -3.78 -7.25 -7.25
N ARG A 7 -2.45 -7.03 -7.17
CA ARG A 7 -1.56 -7.79 -6.26
C ARG A 7 -1.92 -7.53 -4.79
N VAL A 8 -1.98 -6.23 -4.41
CA VAL A 8 -2.28 -5.81 -3.02
C VAL A 8 -3.67 -6.29 -2.57
N ALA A 9 -4.63 -6.26 -3.51
CA ALA A 9 -6.02 -6.72 -3.28
C ALA A 9 -6.06 -8.21 -2.90
N THR A 10 -5.31 -9.02 -3.67
CA THR A 10 -5.12 -10.46 -3.40
C THR A 10 -4.43 -10.68 -2.05
N ILE A 11 -3.42 -9.83 -1.77
CA ILE A 11 -2.65 -9.85 -0.50
C ILE A 11 -3.57 -9.59 0.71
N ILE A 12 -4.50 -8.64 0.57
CA ILE A 12 -5.43 -8.26 1.65
C ILE A 12 -6.44 -9.39 1.93
N ALA A 13 -6.97 -9.96 0.84
CA ALA A 13 -7.90 -11.11 0.89
C ALA A 13 -7.30 -12.34 1.61
N GLU A 14 -6.01 -12.63 1.33
CA GLU A 14 -5.31 -13.80 1.87
C GLU A 14 -4.70 -13.54 3.28
N THR A 15 -4.27 -12.30 3.56
CA THR A 15 -3.58 -11.96 4.83
C THR A 15 -4.59 -11.73 5.98
N CYS A 16 -5.58 -10.85 5.74
CA CYS A 16 -6.52 -10.39 6.78
C CYS A 16 -7.89 -11.10 6.67
N ASP A 17 -8.06 -11.94 5.63
CA ASP A 17 -9.31 -12.69 5.35
C ASP A 17 -10.49 -11.73 5.08
N ILE A 18 -10.28 -10.81 4.12
CA ILE A 18 -11.32 -9.87 3.64
C ILE A 18 -11.83 -10.37 2.27
N PRO A 19 -13.18 -10.34 2.01
CA PRO A 19 -13.75 -10.77 0.71
C PRO A 19 -13.42 -9.78 -0.43
N ARG A 20 -12.95 -10.32 -1.57
CA ARG A 20 -12.56 -9.55 -2.77
C ARG A 20 -13.71 -8.65 -3.30
N GLU A 21 -14.97 -9.03 -3.03
CA GLU A 21 -16.18 -8.28 -3.45
C GLU A 21 -16.25 -6.88 -2.81
N THR A 22 -15.70 -6.76 -1.58
CA THR A 22 -15.65 -5.49 -0.83
C THR A 22 -14.33 -4.72 -1.10
N ILE A 23 -13.44 -5.36 -1.87
CA ILE A 23 -12.14 -4.79 -2.27
C ILE A 23 -12.33 -4.05 -3.61
N THR A 24 -12.46 -2.72 -3.51
CA THR A 24 -12.55 -1.81 -4.68
C THR A 24 -11.41 -0.75 -4.58
N PRO A 25 -11.06 -0.03 -5.70
CA PRO A 25 -10.06 1.07 -5.66
C PRO A 25 -10.40 2.19 -4.65
N GLU A 26 -11.72 2.34 -4.32
CA GLU A 26 -12.21 3.38 -3.39
C GLU A 26 -12.33 2.86 -1.95
N SER A 27 -11.86 1.62 -1.69
CA SER A 27 -11.91 1.00 -0.35
C SER A 27 -10.73 1.51 0.49
N HIS A 28 -11.03 1.97 1.70
CA HIS A 28 -10.02 2.39 2.67
C HIS A 28 -9.67 1.19 3.56
N ALA A 29 -8.39 0.84 3.66
CA ALA A 29 -7.90 -0.34 4.42
C ALA A 29 -8.42 -0.37 5.87
N ILE A 30 -8.48 0.79 6.53
CA ILE A 30 -8.76 0.87 7.97
C ILE A 30 -10.26 1.14 8.21
N ASP A 31 -10.80 2.10 7.46
CA ASP A 31 -12.16 2.64 7.66
C ASP A 31 -13.22 1.71 7.04
N ASP A 32 -12.90 1.15 5.86
CA ASP A 32 -13.87 0.38 5.04
C ASP A 32 -13.66 -1.13 5.19
N LEU A 33 -12.41 -1.58 4.96
CA LEU A 33 -12.04 -3.01 5.04
C LEU A 33 -11.93 -3.47 6.52
N GLY A 34 -11.89 -2.49 7.45
CA GLY A 34 -11.85 -2.75 8.90
C GLY A 34 -10.55 -3.41 9.36
N ILE A 35 -9.44 -3.03 8.72
CA ILE A 35 -8.10 -3.59 8.98
C ILE A 35 -7.27 -2.52 9.69
N ASP A 36 -6.80 -2.80 10.90
CA ASP A 36 -6.00 -1.84 11.68
C ASP A 36 -4.55 -1.85 11.16
N SER A 37 -3.79 -0.85 11.61
CA SER A 37 -2.33 -0.71 11.39
C SER A 37 -1.58 -2.04 11.67
N LEU A 38 -1.96 -2.68 12.80
CA LEU A 38 -1.36 -3.93 13.30
C LEU A 38 -1.46 -5.06 12.25
N ASP A 39 -2.66 -5.20 11.66
CA ASP A 39 -2.95 -6.23 10.63
C ASP A 39 -2.35 -5.81 9.28
N PHE A 40 -2.32 -4.49 9.06
CA PHE A 40 -1.82 -3.87 7.83
C PHE A 40 -0.27 -3.99 7.77
N LEU A 41 0.38 -4.21 8.94
CA LEU A 41 1.83 -4.52 9.00
C LEU A 41 2.10 -5.78 8.16
N ASP A 42 1.35 -6.86 8.45
CA ASP A 42 1.48 -8.16 7.76
C ASP A 42 1.13 -8.03 6.26
N ILE A 43 0.16 -7.14 5.94
CA ILE A 43 -0.16 -6.80 4.54
C ILE A 43 1.06 -6.13 3.87
N ALA A 44 1.68 -5.17 4.59
CA ALA A 44 2.76 -4.33 4.05
C ALA A 44 4.09 -5.11 3.94
N PHE A 45 4.23 -6.17 4.77
CA PHE A 45 5.37 -7.12 4.68
C PHE A 45 5.21 -8.01 3.44
N ALA A 46 3.96 -8.40 3.15
CA ALA A 46 3.64 -9.22 1.96
C ALA A 46 3.82 -8.41 0.67
N ILE A 47 3.51 -7.10 0.74
CA ILE A 47 3.72 -6.13 -0.36
C ILE A 47 5.24 -5.86 -0.56
N ASP A 48 5.93 -5.70 0.59
CA ASP A 48 7.38 -5.49 0.67
C ASP A 48 8.13 -6.59 -0.11
N LYS A 49 7.86 -7.83 0.28
CA LYS A 49 8.49 -9.05 -0.30
C LYS A 49 8.07 -9.26 -1.77
N ALA A 50 6.78 -9.04 -2.08
CA ALA A 50 6.25 -9.17 -3.46
C ALA A 50 6.95 -8.23 -4.45
N PHE A 51 6.84 -6.91 -4.23
CA PHE A 51 7.34 -5.88 -5.17
C PHE A 51 8.83 -5.57 -4.95
N GLY A 52 9.47 -6.24 -3.95
CA GLY A 52 10.90 -6.07 -3.68
C GLY A 52 11.27 -4.68 -3.16
N ILE A 53 10.25 -3.91 -2.72
CA ILE A 53 10.41 -2.54 -2.23
C ILE A 53 10.25 -2.52 -0.70
N LYS A 54 10.56 -1.37 -0.08
CA LYS A 54 10.29 -1.13 1.33
C LYS A 54 9.26 0.01 1.43
N LEU A 55 8.12 -0.24 2.09
CA LEU A 55 7.13 0.81 2.39
C LEU A 55 7.54 1.55 3.67
N PRO A 56 7.79 2.90 3.61
CA PRO A 56 7.98 3.75 4.82
C PRO A 56 6.66 3.97 5.60
N LEU A 57 6.03 2.85 6.03
CA LEU A 57 4.71 2.83 6.70
C LEU A 57 4.75 3.64 7.99
N GLU A 58 5.91 3.58 8.67
CA GLU A 58 6.11 4.24 9.96
C GLU A 58 5.95 5.76 9.81
N LYS A 59 6.55 6.31 8.73
CA LYS A 59 6.45 7.75 8.40
C LYS A 59 5.03 8.11 8.00
N TRP A 60 4.45 7.29 7.10
CA TRP A 60 3.10 7.50 6.52
C TRP A 60 2.04 7.61 7.63
N THR A 61 2.12 6.69 8.60
CA THR A 61 1.18 6.60 9.71
C THR A 61 1.41 7.74 10.73
N GLN A 62 2.65 8.25 10.84
CA GLN A 62 2.96 9.41 11.71
C GLN A 62 2.32 10.67 11.12
N GLU A 63 2.39 10.78 9.77
CA GLU A 63 1.82 11.90 9.00
C GLU A 63 0.28 11.94 9.13
N VAL A 64 -0.32 10.74 9.19
CA VAL A 64 -1.76 10.55 9.47
C VAL A 64 -2.12 11.16 10.85
N ASN A 65 -1.38 10.74 11.88
CA ASN A 65 -1.59 11.19 13.28
C ASN A 65 -1.34 12.70 13.49
N ASP A 66 -0.36 13.29 12.78
CA ASP A 66 0.02 14.71 12.96
C ASP A 66 -0.68 15.65 11.96
N GLY A 67 -1.64 15.11 11.18
CA GLY A 67 -2.39 15.90 10.19
C GLY A 67 -1.54 16.39 9.01
N LYS A 68 -0.32 15.84 8.88
CA LYS A 68 0.62 16.19 7.78
C LYS A 68 0.10 15.63 6.44
N ALA A 69 -0.51 14.45 6.53
CA ALA A 69 -1.13 13.75 5.42
C ALA A 69 -2.35 13.00 5.93
N THR A 70 -3.40 12.95 5.11
CA THR A 70 -4.68 12.29 5.46
C THR A 70 -4.53 10.78 5.30
N THR A 71 -5.36 10.03 6.04
CA THR A 71 -5.29 8.56 6.08
C THR A 71 -5.58 7.97 4.68
N GLU A 72 -6.66 8.48 4.07
CA GLU A 72 -7.05 8.18 2.66
C GLU A 72 -5.88 8.25 1.66
N GLN A 73 -5.04 9.28 1.84
CA GLN A 73 -3.89 9.57 0.94
C GLN A 73 -2.92 8.36 0.82
N TYR A 74 -2.91 7.48 1.83
CA TYR A 74 -2.08 6.25 1.83
C TYR A 74 -2.93 4.96 1.78
N PHE A 75 -4.06 4.92 2.50
CA PHE A 75 -4.77 3.65 2.81
C PHE A 75 -5.96 3.36 1.87
N VAL A 76 -6.28 4.25 0.93
CA VAL A 76 -7.33 3.97 -0.08
C VAL A 76 -6.65 3.19 -1.18
N LEU A 77 -7.18 2.02 -1.56
CA LEU A 77 -6.46 0.99 -2.34
C LEU A 77 -5.88 1.48 -3.68
N LYS A 78 -6.48 2.53 -4.28
CA LYS A 78 -5.91 3.18 -5.49
C LYS A 78 -4.70 4.09 -5.12
N ASN A 79 -4.81 4.78 -3.97
CA ASN A 79 -3.73 5.66 -3.43
C ASN A 79 -2.58 4.81 -2.88
N LEU A 80 -2.93 3.65 -2.30
CA LEU A 80 -1.99 2.68 -1.75
C LEU A 80 -1.18 2.09 -2.90
N ALA A 81 -1.91 1.65 -3.96
CA ALA A 81 -1.31 1.10 -5.18
C ALA A 81 -0.46 2.15 -5.89
N ALA A 82 -0.81 3.44 -5.72
CA ALA A 82 -0.05 4.56 -6.26
C ALA A 82 1.30 4.67 -5.53
N ARG A 83 1.26 4.77 -4.17
CA ARG A 83 2.46 4.97 -3.32
C ARG A 83 3.51 3.87 -3.56
N ILE A 84 3.04 2.61 -3.61
CA ILE A 84 3.89 1.41 -3.79
C ILE A 84 4.54 1.43 -5.18
N ASP A 85 3.71 1.74 -6.20
CA ASP A 85 4.14 1.81 -7.62
C ASP A 85 5.17 2.95 -7.83
N GLU A 86 5.05 4.03 -7.04
CA GLU A 86 5.98 5.18 -7.04
C GLU A 86 7.31 4.84 -6.34
N LEU A 87 7.28 3.84 -5.44
CA LEU A 87 8.52 3.28 -4.81
C LEU A 87 9.16 2.23 -5.75
N VAL A 88 8.33 1.60 -6.60
CA VAL A 88 8.79 0.71 -7.67
C VAL A 88 9.41 1.56 -8.80
N ALA A 89 8.84 2.78 -8.96
CA ALA A 89 9.36 3.80 -9.90
C ALA A 89 10.66 4.38 -9.34
N ALA A 90 10.73 4.50 -8.00
CA ALA A 90 11.96 4.91 -7.29
C ALA A 90 13.09 3.89 -7.49
N LYS A 91 12.70 2.63 -7.74
CA LYS A 91 13.65 1.54 -8.05
C LYS A 91 14.02 1.55 -9.55
N GLY A 92 13.06 1.97 -10.39
CA GLY A 92 13.17 1.82 -11.85
C GLY A 92 13.98 2.94 -12.51
N ALA A 93 13.75 4.17 -12.02
CA ALA A 93 14.35 5.39 -12.60
C ALA A 93 14.37 6.54 -11.58
N LEU A 94 13.20 6.84 -11.00
CA LEU A 94 12.98 8.01 -10.11
C LEU A 94 13.61 7.84 -8.72
N GLU A 95 13.28 8.79 -7.84
CA GLU A 95 13.59 8.78 -6.39
C GLU A 95 12.26 8.74 -5.60
N HIS A 96 11.28 9.49 -6.12
CA HIS A 96 9.87 9.49 -5.67
C HIS A 96 9.09 10.36 -6.67
N HIS A 97 7.90 9.90 -7.08
CA HIS A 97 7.07 10.61 -8.08
C HIS A 97 6.30 11.76 -7.39
N HIS A 98 5.46 11.39 -6.42
CA HIS A 98 4.80 12.33 -5.48
C HIS A 98 4.99 11.80 -4.06
N HIS A 99 4.83 12.70 -3.05
CA HIS A 99 5.10 12.42 -1.62
C HIS A 99 6.62 12.24 -1.37
N HIS A 100 7.13 12.82 -0.26
CA HIS A 100 8.59 12.93 0.03
C HIS A 100 9.32 11.56 -0.13
N HIS A 101 8.95 10.57 0.71
CA HIS A 101 9.32 9.14 0.53
C HIS A 101 8.75 8.33 1.72
P24 PNS B . -1.88 0.88 14.97
O25 PNS B . -2.86 -0.22 14.75
O26 PNS B . -2.18 2.30 14.65
O27 PNS B . -0.32 0.45 14.99
C28 PNS B . 0.67 0.92 15.95
C29 PNS B . 1.15 2.41 15.71
C30 PNS B . 1.25 2.65 14.16
C31 PNS B . 2.57 2.61 16.35
C32 PNS B . 0.10 3.42 16.35
O33 PNS B . 0.19 3.34 17.79
C34 PNS B . 0.30 4.88 15.91
O35 PNS B . -0.52 5.42 15.18
N36 PNS B . 1.38 5.51 16.43
C37 PNS B . 1.73 6.92 16.12
C38 PNS B . 2.17 7.10 14.65
C39 PNS B . 3.20 6.07 14.17
O40 PNS B . 3.03 5.47 13.10
N41 PNS B . 4.28 5.88 14.95
C42 PNS B . 5.33 4.92 14.61
C43 PNS B . 6.43 4.88 15.66
S44 PNS B . 5.84 4.37 17.27
H282 PNS B . 0.26 0.84 16.95
H281 PNS B . 1.53 0.26 15.88
H303 PNS B . 1.60 3.66 13.97
H302 PNS B . 1.96 1.96 13.73
H301 PNS B . 0.29 2.52 13.70
H313 PNS B . 3.27 1.91 15.92
H312 PNS B . 2.92 3.62 16.17
H311 PNS B . 2.51 2.44 17.42
H32 PNS B . -0.89 3.10 16.08
H33 PNS B . 0.34 4.22 18.13
H36 PNS B . 1.96 5.03 17.05
H372 PNS B . 0.87 7.54 16.31
H371 PNS B . 2.55 7.21 16.77
H382 PNS B . 1.30 7.06 14.01
H381 PNS B . 2.61 8.10 14.54
H41 PNS B . 4.38 6.39 15.77
H422 PNS B . 4.90 3.93 14.53
H421 PNS B . 5.76 5.19 13.65
H431 PNS B . 6.87 5.87 15.75
H432 PNS B . 7.20 4.18 15.34
H44 PNS B . 6.05 5.39 18.11
N MET A 1 -1.53 -7.26 -17.47
CA MET A 1 -2.80 -8.02 -17.28
C MET A 1 -3.40 -7.66 -15.91
N THR A 2 -2.61 -7.90 -14.86
CA THR A 2 -2.95 -7.50 -13.49
C THR A 2 -2.23 -6.18 -13.14
N SER A 3 -3.00 -5.15 -12.77
CA SER A 3 -2.45 -3.85 -12.34
C SER A 3 -1.82 -3.97 -10.94
N THR A 4 -1.21 -2.87 -10.45
CA THR A 4 -0.65 -2.82 -9.10
C THR A 4 -1.76 -3.05 -8.06
N PHE A 5 -2.95 -2.44 -8.30
CA PHE A 5 -4.14 -2.63 -7.43
C PHE A 5 -4.57 -4.11 -7.39
N ASP A 6 -4.54 -4.80 -8.55
CA ASP A 6 -4.92 -6.24 -8.64
C ASP A 6 -4.07 -7.08 -7.69
N ARG A 7 -2.75 -6.83 -7.75
CA ARG A 7 -1.75 -7.53 -6.92
C ARG A 7 -1.95 -7.23 -5.43
N VAL A 8 -1.99 -5.91 -5.09
CA VAL A 8 -2.20 -5.41 -3.71
C VAL A 8 -3.47 -6.02 -3.08
N ALA A 9 -4.56 -5.98 -3.84
CA ALA A 9 -5.89 -6.51 -3.44
C ALA A 9 -5.81 -8.00 -3.10
N THR A 10 -5.14 -8.76 -3.98
CA THR A 10 -4.95 -10.21 -3.80
C THR A 10 -4.12 -10.51 -2.55
N ILE A 11 -3.07 -9.70 -2.30
CA ILE A 11 -2.20 -9.85 -1.11
C ILE A 11 -2.99 -9.59 0.19
N ILE A 12 -3.86 -8.56 0.20
CA ILE A 12 -4.71 -8.23 1.38
C ILE A 12 -5.68 -9.39 1.66
N ALA A 13 -6.23 -9.94 0.56
CA ALA A 13 -7.08 -11.14 0.57
C ALA A 13 -6.37 -12.36 1.19
N GLU A 14 -5.12 -12.60 0.79
CA GLU A 14 -4.32 -13.74 1.29
C GLU A 14 -3.86 -13.50 2.75
N THR A 15 -3.74 -12.22 3.16
CA THR A 15 -3.30 -11.88 4.53
C THR A 15 -4.43 -12.11 5.56
N CYS A 16 -5.56 -11.40 5.41
CA CYS A 16 -6.62 -11.35 6.45
C CYS A 16 -7.92 -12.05 5.99
N ASP A 17 -7.81 -12.92 4.97
CA ASP A 17 -8.95 -13.64 4.35
C ASP A 17 -10.12 -12.68 4.02
N ILE A 18 -9.84 -11.71 3.15
CA ILE A 18 -10.84 -10.73 2.66
C ILE A 18 -11.22 -11.16 1.23
N PRO A 19 -12.56 -11.24 0.86
CA PRO A 19 -12.96 -11.56 -0.53
C PRO A 19 -12.37 -10.54 -1.52
N ARG A 20 -11.42 -11.01 -2.37
CA ARG A 20 -10.70 -10.15 -3.31
C ARG A 20 -11.64 -9.53 -4.36
N GLU A 21 -12.72 -10.27 -4.67
CA GLU A 21 -13.74 -9.86 -5.65
C GLU A 21 -14.53 -8.62 -5.13
N THR A 22 -14.67 -8.54 -3.79
CA THR A 22 -15.42 -7.44 -3.13
C THR A 22 -14.52 -6.23 -2.85
N ILE A 23 -13.18 -6.39 -3.02
CA ILE A 23 -12.20 -5.34 -2.72
C ILE A 23 -12.30 -4.24 -3.81
N THR A 24 -12.84 -3.09 -3.41
CA THR A 24 -12.99 -1.91 -4.28
C THR A 24 -11.77 -0.99 -4.10
N PRO A 25 -11.31 -0.27 -5.17
CA PRO A 25 -10.14 0.62 -5.08
C PRO A 25 -10.41 1.84 -4.19
N GLU A 26 -11.69 2.17 -3.98
CA GLU A 26 -12.11 3.37 -3.21
C GLU A 26 -12.48 2.99 -1.77
N SER A 27 -12.05 1.79 -1.34
CA SER A 27 -12.20 1.30 0.04
C SER A 27 -11.04 1.83 0.90
N HIS A 28 -11.36 2.25 2.13
CA HIS A 28 -10.38 2.73 3.10
C HIS A 28 -10.01 1.57 4.04
N ALA A 29 -8.71 1.22 4.11
CA ALA A 29 -8.18 0.12 4.93
C ALA A 29 -8.58 0.20 6.42
N ILE A 30 -8.66 1.42 6.96
CA ILE A 30 -8.91 1.65 8.39
C ILE A 30 -10.42 1.81 8.64
N ASP A 31 -11.05 2.65 7.80
CA ASP A 31 -12.46 3.06 7.98
C ASP A 31 -13.44 2.00 7.43
N ASP A 32 -13.29 1.62 6.15
CA ASP A 32 -14.25 0.72 5.46
C ASP A 32 -13.95 -0.76 5.75
N LEU A 33 -12.68 -1.16 5.61
CA LEU A 33 -12.24 -2.55 5.88
C LEU A 33 -12.12 -2.83 7.39
N GLY A 34 -12.05 -1.76 8.20
CA GLY A 34 -11.97 -1.89 9.66
C GLY A 34 -10.71 -2.59 10.14
N ILE A 35 -9.57 -2.21 9.58
CA ILE A 35 -8.24 -2.76 9.94
C ILE A 35 -7.39 -1.61 10.48
N ASP A 36 -6.85 -1.75 11.70
CA ASP A 36 -6.01 -0.70 12.32
C ASP A 36 -4.67 -0.65 11.59
N SER A 37 -4.07 0.53 11.51
CA SER A 37 -2.82 0.77 10.76
C SER A 37 -1.65 -0.11 11.26
N LEU A 38 -1.66 -0.41 12.57
CA LEU A 38 -0.61 -1.23 13.22
C LEU A 38 -0.78 -2.72 12.85
N ASP A 39 -2.04 -3.12 12.57
CA ASP A 39 -2.35 -4.45 11.99
C ASP A 39 -2.07 -4.45 10.48
N PHE A 40 -2.25 -3.27 9.86
CA PHE A 40 -2.08 -3.07 8.41
C PHE A 40 -0.57 -3.07 8.04
N LEU A 41 0.31 -2.83 9.05
CA LEU A 41 1.77 -2.97 8.90
C LEU A 41 2.14 -4.41 8.45
N ASP A 42 1.39 -5.40 8.99
CA ASP A 42 1.57 -6.84 8.65
C ASP A 42 1.11 -7.12 7.20
N ILE A 43 0.01 -6.48 6.80
CA ILE A 43 -0.55 -6.61 5.44
C ILE A 43 0.43 -6.03 4.41
N ALA A 44 0.99 -4.85 4.76
CA ALA A 44 1.94 -4.13 3.93
C ALA A 44 3.33 -4.78 3.97
N PHE A 45 3.59 -5.60 5.00
CA PHE A 45 4.82 -6.42 5.15
C PHE A 45 4.86 -7.51 4.07
N ALA A 46 3.66 -8.08 3.79
CA ALA A 46 3.46 -9.07 2.72
C ALA A 46 3.61 -8.41 1.33
N ILE A 47 3.04 -7.19 1.20
CA ILE A 47 3.15 -6.37 -0.04
C ILE A 47 4.62 -5.92 -0.27
N ASP A 48 5.31 -5.66 0.83
CA ASP A 48 6.73 -5.22 0.87
C ASP A 48 7.62 -6.24 0.13
N LYS A 49 7.50 -7.51 0.55
CA LYS A 49 8.20 -8.64 -0.08
C LYS A 49 7.81 -8.81 -1.56
N ALA A 50 6.49 -8.75 -1.83
CA ALA A 50 5.92 -9.03 -3.16
C ALA A 50 6.49 -8.12 -4.26
N PHE A 51 6.53 -6.81 -3.98
CA PHE A 51 7.03 -5.80 -4.93
C PHE A 51 8.53 -5.49 -4.71
N GLY A 52 9.16 -6.21 -3.74
CA GLY A 52 10.61 -6.09 -3.47
C GLY A 52 11.07 -4.68 -3.12
N ILE A 53 10.17 -3.93 -2.46
CA ILE A 53 10.40 -2.53 -2.07
C ILE A 53 10.06 -2.38 -0.58
N LYS A 54 10.84 -1.56 0.14
CA LYS A 54 10.53 -1.23 1.53
C LYS A 54 9.45 -0.14 1.55
N LEU A 55 8.24 -0.48 2.03
CA LEU A 55 7.18 0.50 2.26
C LEU A 55 7.48 1.28 3.54
N PRO A 56 7.58 2.65 3.49
CA PRO A 56 7.58 3.50 4.69
C PRO A 56 6.16 3.64 5.28
N LEU A 57 5.43 2.48 5.40
CA LEU A 57 4.00 2.44 5.82
C LEU A 57 3.91 2.97 7.26
N GLU A 58 4.90 2.57 8.06
CA GLU A 58 5.02 2.93 9.49
C GLU A 58 5.16 4.46 9.61
N LYS A 59 6.07 5.01 8.78
CA LYS A 59 6.41 6.44 8.74
C LYS A 59 5.21 7.27 8.25
N TRP A 60 4.48 6.71 7.25
CA TRP A 60 3.25 7.32 6.70
C TRP A 60 2.19 7.39 7.79
N THR A 61 2.08 6.30 8.57
CA THR A 61 1.11 6.18 9.69
C THR A 61 1.38 7.27 10.75
N GLN A 62 2.67 7.59 10.99
CA GLN A 62 3.06 8.57 12.03
C GLN A 62 2.67 9.97 11.55
N GLU A 63 3.01 10.27 10.29
CA GLU A 63 2.73 11.57 9.67
C GLU A 63 1.22 11.79 9.45
N VAL A 64 0.49 10.69 9.24
CA VAL A 64 -0.98 10.70 9.15
C VAL A 64 -1.59 11.24 10.46
N ASN A 65 -1.21 10.61 11.58
CA ASN A 65 -1.78 10.93 12.91
C ASN A 65 -1.11 12.18 13.51
N ASP A 66 0.04 12.62 12.96
CA ASP A 66 0.76 13.83 13.43
C ASP A 66 0.11 15.11 12.85
N GLY A 67 -0.82 14.94 11.88
CA GLY A 67 -1.43 16.06 11.16
C GLY A 67 -0.53 16.66 10.08
N LYS A 68 0.30 15.79 9.46
CA LYS A 68 1.14 16.15 8.29
C LYS A 68 0.44 15.74 6.99
N ALA A 69 -0.13 14.52 7.00
CA ALA A 69 -0.83 13.92 5.84
C ALA A 69 -2.15 13.30 6.31
N THR A 70 -3.08 13.07 5.37
CA THR A 70 -4.40 12.48 5.68
C THR A 70 -4.33 10.92 5.62
N THR A 71 -5.30 10.24 6.29
CA THR A 71 -5.41 8.77 6.30
C THR A 71 -5.56 8.22 4.87
N GLU A 72 -6.66 8.64 4.20
CA GLU A 72 -7.03 8.20 2.83
C GLU A 72 -5.90 8.30 1.79
N GLN A 73 -5.01 9.29 1.99
CA GLN A 73 -3.83 9.56 1.12
C GLN A 73 -2.95 8.30 0.94
N TYR A 74 -2.90 7.45 1.99
CA TYR A 74 -2.09 6.21 1.98
C TYR A 74 -2.95 4.95 2.17
N PHE A 75 -4.12 5.07 2.82
CA PHE A 75 -4.90 3.89 3.26
C PHE A 75 -6.08 3.56 2.31
N VAL A 76 -6.33 4.37 1.27
CA VAL A 76 -7.36 4.01 0.25
C VAL A 76 -6.67 3.16 -0.81
N LEU A 77 -7.24 2.00 -1.09
CA LEU A 77 -6.58 0.91 -1.85
C LEU A 77 -6.10 1.33 -3.27
N LYS A 78 -6.69 2.40 -3.86
CA LYS A 78 -6.22 2.98 -5.14
C LYS A 78 -5.01 3.93 -4.91
N ASN A 79 -5.08 4.73 -3.82
CA ASN A 79 -4.00 5.65 -3.41
C ASN A 79 -2.76 4.84 -2.99
N LEU A 80 -3.01 3.86 -2.10
CA LEU A 80 -2.03 2.86 -1.64
C LEU A 80 -1.34 2.16 -2.81
N ALA A 81 -2.15 1.68 -3.78
CA ALA A 81 -1.63 1.00 -5.00
C ALA A 81 -0.67 1.92 -5.76
N ALA A 82 -1.00 3.22 -5.80
CA ALA A 82 -0.19 4.25 -6.46
C ALA A 82 1.10 4.55 -5.65
N ARG A 83 1.02 4.48 -4.31
CA ARG A 83 2.19 4.68 -3.40
C ARG A 83 3.25 3.58 -3.65
N ILE A 84 2.76 2.35 -3.72
CA ILE A 84 3.58 1.16 -3.95
C ILE A 84 4.17 1.18 -5.38
N ASP A 85 3.32 1.58 -6.34
CA ASP A 85 3.64 1.65 -7.78
C ASP A 85 4.78 2.65 -8.07
N GLU A 86 4.74 3.83 -7.40
CA GLU A 86 5.76 4.89 -7.56
C GLU A 86 7.07 4.50 -6.85
N LEU A 87 6.97 3.63 -5.80
CA LEU A 87 8.16 3.04 -5.14
C LEU A 87 8.79 1.94 -6.03
N VAL A 88 7.96 1.26 -6.85
CA VAL A 88 8.44 0.29 -7.86
C VAL A 88 9.12 1.03 -9.02
N ALA A 89 8.60 2.24 -9.33
CA ALA A 89 9.17 3.13 -10.36
C ALA A 89 10.49 3.73 -9.87
N ALA A 90 10.56 4.00 -8.55
CA ALA A 90 11.81 4.43 -7.87
C ALA A 90 12.86 3.30 -7.86
N LYS A 91 12.35 2.06 -7.79
CA LYS A 91 13.16 0.82 -7.87
C LYS A 91 13.48 0.53 -9.36
N GLY A 92 12.72 1.16 -10.27
CA GLY A 92 12.94 1.07 -11.72
C GLY A 92 14.17 1.85 -12.18
N ALA A 93 14.59 2.82 -11.36
CA ALA A 93 15.90 3.51 -11.51
C ALA A 93 17.01 2.72 -10.75
N LEU A 94 16.61 1.56 -10.18
CA LEU A 94 17.45 0.61 -9.43
C LEU A 94 18.14 1.24 -8.21
N GLU A 95 17.64 0.87 -7.01
CA GLU A 95 18.25 1.23 -5.72
C GLU A 95 19.69 0.69 -5.64
N HIS A 96 20.65 1.63 -5.67
CA HIS A 96 22.09 1.31 -5.67
C HIS A 96 22.51 0.77 -4.31
N HIS A 97 22.35 -0.55 -4.14
CA HIS A 97 22.67 -1.28 -2.89
C HIS A 97 23.72 -2.38 -3.18
N HIS A 98 24.51 -2.16 -4.27
CA HIS A 98 25.54 -3.10 -4.77
C HIS A 98 24.89 -4.41 -5.27
N HIS A 99 24.47 -4.42 -6.54
CA HIS A 99 23.89 -5.62 -7.19
C HIS A 99 25.00 -6.43 -7.87
N HIS A 100 25.56 -7.40 -7.13
CA HIS A 100 26.51 -8.39 -7.67
C HIS A 100 25.84 -9.77 -7.58
N HIS A 101 25.53 -10.18 -6.32
CA HIS A 101 24.77 -11.39 -6.00
C HIS A 101 24.11 -11.16 -4.63
P24 PNS B . -3.45 3.79 12.75
O25 PNS B . -4.82 3.26 12.69
O26 PNS B . -3.17 4.99 11.94
O27 PNS B . -3.05 4.06 14.27
C28 PNS B . -1.72 4.43 14.63
C29 PNS B . -1.63 4.99 16.09
C30 PNS B . -2.20 3.92 17.08
C31 PNS B . -2.48 6.29 16.21
C32 PNS B . -0.13 5.31 16.49
O33 PNS B . 0.64 4.10 16.42
C34 PNS B . 0.57 6.42 15.63
O35 PNS B . 0.24 6.67 14.48
N36 PNS B . 1.64 7.06 16.18
C37 PNS B . 2.17 6.77 17.53
C38 PNS B . 3.36 7.65 17.89
C39 PNS B . 4.09 7.17 19.15
O40 PNS B . 4.24 7.91 20.14
N41 PNS B . 4.56 5.91 19.09
C42 PNS B . 5.28 5.24 20.18
C43 PNS B . 4.35 4.84 21.33
S44 PNS B . 5.23 4.02 22.69
H282 PNS B . -1.07 3.55 14.55
H281 PNS B . -1.35 5.20 13.94
H303 PNS B . -3.22 3.68 16.81
H302 PNS B . -1.61 3.01 17.03
H301 PNS B . -2.19 4.30 18.09
H313 PNS B . -3.51 6.09 15.93
H312 PNS B . -2.44 6.66 17.23
H311 PNS B . -2.07 7.05 15.55
H32 PNS B . -0.12 5.64 17.53
H33 PNS B . 1.04 4.04 15.54
H36 PNS B . 2.08 7.76 15.67
H372 PNS B . 1.38 6.93 18.26
H371 PNS B . 2.47 5.73 17.57
H382 PNS B . 4.07 7.65 17.06
H381 PNS B . 3.02 8.67 18.05
H41 PNS B . 4.40 5.39 18.26
H422 PNS B . 5.76 4.36 19.79
H421 PNS B . 6.05 5.91 20.57
H431 PNS B . 3.61 4.15 20.96
H432 PNS B . 3.87 5.72 21.73
H44 PNS B . 4.53 4.19 23.80
N MET A 1 -9.35 -6.07 -11.90
CA MET A 1 -8.25 -6.22 -12.86
C MET A 1 -7.41 -4.92 -12.95
N THR A 2 -7.40 -4.10 -11.87
CA THR A 2 -6.65 -2.82 -11.82
C THR A 2 -5.16 -3.09 -11.47
N SER A 3 -4.46 -3.78 -12.41
CA SER A 3 -3.02 -4.17 -12.36
C SER A 3 -2.37 -4.24 -10.94
N THR A 4 -1.78 -3.11 -10.47
CA THR A 4 -1.04 -3.05 -9.19
C THR A 4 -1.99 -3.21 -7.99
N PHE A 5 -3.11 -2.46 -8.02
CA PHE A 5 -4.17 -2.55 -6.99
C PHE A 5 -4.70 -4.00 -6.91
N ASP A 6 -4.87 -4.62 -8.07
CA ASP A 6 -5.46 -5.97 -8.20
C ASP A 6 -4.55 -7.01 -7.49
N ARG A 7 -3.22 -6.80 -7.60
CA ARG A 7 -2.21 -7.59 -6.86
C ARG A 7 -2.31 -7.35 -5.35
N VAL A 8 -2.40 -6.06 -4.97
CA VAL A 8 -2.53 -5.61 -3.56
C VAL A 8 -3.81 -6.17 -2.91
N ALA A 9 -4.87 -6.22 -3.71
CA ALA A 9 -6.19 -6.70 -3.30
C ALA A 9 -6.16 -8.20 -3.01
N THR A 10 -5.39 -8.94 -3.83
CA THR A 10 -5.10 -10.35 -3.61
C THR A 10 -4.35 -10.55 -2.28
N ILE A 11 -3.33 -9.70 -2.06
CA ILE A 11 -2.49 -9.75 -0.85
C ILE A 11 -3.33 -9.56 0.43
N ILE A 12 -4.26 -8.58 0.41
CA ILE A 12 -5.13 -8.28 1.57
C ILE A 12 -6.10 -9.45 1.83
N ALA A 13 -6.71 -9.95 0.74
CA ALA A 13 -7.64 -11.12 0.76
C ALA A 13 -7.00 -12.36 1.39
N GLU A 14 -5.77 -12.69 0.95
CA GLU A 14 -5.02 -13.86 1.43
C GLU A 14 -4.55 -13.71 2.88
N THR A 15 -4.26 -12.45 3.29
CA THR A 15 -3.76 -12.15 4.65
C THR A 15 -4.90 -12.18 5.68
N CYS A 16 -6.01 -11.50 5.34
CA CYS A 16 -7.02 -11.05 6.33
C CYS A 16 -8.35 -11.80 6.20
N ASP A 17 -8.49 -12.64 5.14
CA ASP A 17 -9.75 -13.40 4.85
C ASP A 17 -10.93 -12.44 4.51
N ILE A 18 -10.61 -11.31 3.84
CA ILE A 18 -11.62 -10.38 3.29
C ILE A 18 -11.79 -10.74 1.79
N PRO A 19 -13.04 -10.95 1.28
CA PRO A 19 -13.25 -11.40 -0.11
C PRO A 19 -12.79 -10.32 -1.13
N ARG A 20 -11.99 -10.77 -2.12
CA ARG A 20 -11.45 -9.96 -3.24
C ARG A 20 -12.53 -9.07 -3.91
N GLU A 21 -13.75 -9.63 -4.03
CA GLU A 21 -14.87 -8.98 -4.73
C GLU A 21 -15.34 -7.71 -3.99
N THR A 22 -15.22 -7.69 -2.65
CA THR A 22 -15.63 -6.53 -1.82
C THR A 22 -14.47 -5.53 -1.63
N ILE A 23 -13.32 -5.80 -2.25
CA ILE A 23 -12.14 -4.93 -2.18
C ILE A 23 -12.14 -4.02 -3.42
N THR A 24 -12.69 -2.80 -3.26
CA THR A 24 -12.72 -1.77 -4.32
C THR A 24 -11.47 -0.86 -4.21
N PRO A 25 -11.01 -0.19 -5.32
CA PRO A 25 -9.89 0.79 -5.26
C PRO A 25 -10.22 1.99 -4.35
N GLU A 26 -11.52 2.25 -4.15
CA GLU A 26 -12.00 3.39 -3.34
C GLU A 26 -12.23 2.95 -1.87
N SER A 27 -11.90 1.69 -1.56
CA SER A 27 -12.05 1.14 -0.21
C SER A 27 -10.93 1.67 0.69
N HIS A 28 -11.31 2.03 1.92
CA HIS A 28 -10.36 2.47 2.96
C HIS A 28 -10.02 1.26 3.85
N ALA A 29 -8.73 0.89 3.90
CA ALA A 29 -8.21 -0.24 4.70
C ALA A 29 -8.71 -0.22 6.16
N ILE A 30 -8.87 0.98 6.75
CA ILE A 30 -9.23 1.13 8.17
C ILE A 30 -10.76 1.22 8.30
N ASP A 31 -11.36 2.13 7.51
CA ASP A 31 -12.80 2.47 7.59
C ASP A 31 -13.69 1.33 7.06
N ASP A 32 -13.43 0.92 5.81
CA ASP A 32 -14.25 -0.08 5.10
C ASP A 32 -13.85 -1.50 5.54
N LEU A 33 -12.60 -1.88 5.21
CA LEU A 33 -12.09 -3.26 5.43
C LEU A 33 -11.98 -3.62 6.93
N GLY A 34 -11.92 -2.58 7.80
CA GLY A 34 -11.82 -2.78 9.25
C GLY A 34 -10.48 -3.34 9.70
N ILE A 35 -9.41 -2.78 9.13
CA ILE A 35 -8.02 -3.23 9.39
C ILE A 35 -7.21 -2.03 9.92
N ASP A 36 -6.63 -2.16 11.12
CA ASP A 36 -5.80 -1.09 11.73
C ASP A 36 -4.42 -1.09 11.08
N SER A 37 -3.65 -0.01 11.26
CA SER A 37 -2.26 0.10 10.75
C SER A 37 -1.34 -0.97 11.38
N LEU A 38 -1.63 -1.37 12.63
CA LEU A 38 -0.87 -2.42 13.35
C LEU A 38 -1.07 -3.81 12.69
N ASP A 39 -2.28 -4.06 12.16
CA ASP A 39 -2.59 -5.26 11.35
C ASP A 39 -2.00 -5.10 9.94
N PHE A 40 -2.08 -3.87 9.46
CA PHE A 40 -1.71 -3.49 8.10
C PHE A 40 -0.18 -3.59 7.91
N LEU A 41 0.58 -3.60 9.03
CA LEU A 41 2.04 -3.86 9.01
C LEU A 41 2.35 -5.17 8.27
N ASP A 42 1.71 -6.27 8.71
CA ASP A 42 1.91 -7.63 8.12
C ASP A 42 1.47 -7.65 6.64
N ILE A 43 0.37 -6.94 6.33
CA ILE A 43 -0.12 -6.78 4.95
C ILE A 43 0.92 -6.02 4.11
N ALA A 44 1.52 -4.98 4.71
CA ALA A 44 2.44 -4.06 4.03
C ALA A 44 3.82 -4.71 3.87
N PHE A 45 4.13 -5.70 4.73
CA PHE A 45 5.35 -6.53 4.63
C PHE A 45 5.16 -7.58 3.53
N ALA A 46 3.92 -8.05 3.32
CA ALA A 46 3.60 -8.95 2.21
C ALA A 46 3.69 -8.20 0.87
N ILE A 47 3.20 -6.96 0.85
CA ILE A 47 3.30 -6.06 -0.33
C ILE A 47 4.77 -5.68 -0.60
N ASP A 48 5.49 -5.38 0.50
CA ASP A 48 6.91 -5.00 0.52
C ASP A 48 7.75 -6.02 -0.26
N LYS A 49 7.66 -7.27 0.20
CA LYS A 49 8.48 -8.38 -0.30
C LYS A 49 7.99 -8.90 -1.66
N ALA A 50 6.65 -8.85 -1.90
CA ALA A 50 6.05 -9.22 -3.21
C ALA A 50 6.58 -8.32 -4.33
N PHE A 51 6.47 -6.99 -4.13
CA PHE A 51 6.90 -5.99 -5.11
C PHE A 51 8.42 -5.70 -4.99
N GLY A 52 9.13 -6.38 -4.05
CA GLY A 52 10.59 -6.26 -3.91
C GLY A 52 11.08 -4.85 -3.60
N ILE A 53 10.24 -4.09 -2.88
CA ILE A 53 10.49 -2.68 -2.53
C ILE A 53 10.41 -2.51 -1.00
N LYS A 54 10.60 -1.27 -0.52
CA LYS A 54 10.40 -0.95 0.92
C LYS A 54 9.31 0.12 1.07
N LEU A 55 8.22 -0.22 1.79
CA LEU A 55 7.16 0.74 2.15
C LEU A 55 7.53 1.46 3.46
N PRO A 56 7.78 2.81 3.46
CA PRO A 56 7.97 3.59 4.70
C PRO A 56 6.65 3.79 5.48
N LEU A 57 6.11 2.66 5.99
CA LEU A 57 4.80 2.58 6.68
C LEU A 57 4.84 3.41 7.98
N GLU A 58 6.01 3.34 8.67
CA GLU A 58 6.24 4.02 9.96
C GLU A 58 6.20 5.55 9.78
N LYS A 59 6.87 6.01 8.71
CA LYS A 59 6.92 7.41 8.30
C LYS A 59 5.51 7.94 7.95
N TRP A 60 4.77 7.11 7.18
CA TRP A 60 3.37 7.39 6.80
C TRP A 60 2.45 7.46 8.04
N THR A 61 2.71 6.57 9.03
CA THR A 61 1.96 6.50 10.29
C THR A 61 2.02 7.83 11.03
N GLN A 62 3.22 8.43 11.10
CA GLN A 62 3.43 9.67 11.85
C GLN A 62 2.76 10.85 11.13
N GLU A 63 2.84 10.86 9.77
CA GLU A 63 2.24 11.91 8.92
C GLU A 63 0.71 11.97 9.05
N VAL A 64 0.07 10.79 9.03
CA VAL A 64 -1.39 10.65 9.20
C VAL A 64 -1.81 11.20 10.57
N ASN A 65 -1.17 10.67 11.63
CA ASN A 65 -1.50 11.01 13.03
C ASN A 65 -1.13 12.46 13.40
N ASP A 66 -0.20 13.08 12.62
CA ASP A 66 0.23 14.49 12.83
C ASP A 66 -0.74 15.47 12.14
N GLY A 67 -1.54 14.96 11.18
CA GLY A 67 -2.34 15.82 10.30
C GLY A 67 -1.55 16.44 9.14
N LYS A 68 -0.33 15.91 8.88
CA LYS A 68 0.46 16.30 7.68
C LYS A 68 -0.24 15.79 6.42
N ALA A 69 -0.79 14.58 6.53
CA ALA A 69 -1.50 13.90 5.44
C ALA A 69 -2.75 13.22 6.01
N THR A 70 -3.80 13.12 5.19
CA THR A 70 -5.05 12.47 5.61
C THR A 70 -4.89 10.95 5.64
N THR A 71 -5.80 10.28 6.36
CA THR A 71 -5.88 8.82 6.43
C THR A 71 -6.06 8.24 5.00
N GLU A 72 -7.07 8.78 4.29
CA GLU A 72 -7.37 8.51 2.86
C GLU A 72 -6.11 8.38 1.99
N GLN A 73 -5.20 9.37 2.10
CA GLN A 73 -4.01 9.45 1.25
C GLN A 73 -3.12 8.20 1.41
N TYR A 74 -3.04 7.66 2.64
CA TYR A 74 -2.14 6.52 2.95
C TYR A 74 -2.90 5.22 3.28
N PHE A 75 -4.26 5.23 3.26
CA PHE A 75 -5.09 4.04 3.63
C PHE A 75 -6.24 3.79 2.64
N VAL A 76 -6.30 4.49 1.49
CA VAL A 76 -7.24 4.12 0.40
C VAL A 76 -6.44 3.36 -0.66
N LEU A 77 -6.97 2.20 -1.05
CA LEU A 77 -6.25 1.15 -1.80
C LEU A 77 -5.77 1.58 -3.21
N LYS A 78 -6.44 2.56 -3.84
CA LYS A 78 -5.99 3.14 -5.14
C LYS A 78 -4.73 4.01 -4.94
N ASN A 79 -4.76 4.79 -3.83
CA ASN A 79 -3.65 5.68 -3.43
C ASN A 79 -2.47 4.84 -2.94
N LEU A 80 -2.82 3.72 -2.27
CA LEU A 80 -1.87 2.74 -1.75
C LEU A 80 -1.07 2.14 -2.89
N ALA A 81 -1.78 1.56 -3.88
CA ALA A 81 -1.18 0.91 -5.04
C ALA A 81 -0.35 1.90 -5.88
N ALA A 82 -0.74 3.18 -5.85
CA ALA A 82 0.01 4.27 -6.50
C ALA A 82 1.38 4.46 -5.83
N ARG A 83 1.36 4.62 -4.48
CA ARG A 83 2.58 4.83 -3.64
C ARG A 83 3.56 3.65 -3.74
N ILE A 84 3.02 2.42 -3.79
CA ILE A 84 3.80 1.20 -3.98
C ILE A 84 4.52 1.24 -5.34
N ASP A 85 3.76 1.65 -6.38
CA ASP A 85 4.27 1.77 -7.75
C ASP A 85 5.27 2.93 -7.90
N GLU A 86 5.11 3.98 -7.06
CA GLU A 86 6.07 5.10 -6.97
C GLU A 86 7.42 4.58 -6.47
N LEU A 87 7.37 3.59 -5.55
CA LEU A 87 8.55 2.95 -4.97
C LEU A 87 9.11 1.85 -5.89
N VAL A 88 8.26 1.26 -6.76
CA VAL A 88 8.69 0.31 -7.82
C VAL A 88 9.50 1.06 -8.90
N ALA A 89 9.01 2.26 -9.25
CA ALA A 89 9.67 3.17 -10.18
C ALA A 89 10.94 3.76 -9.54
N ALA A 90 10.82 4.09 -8.23
CA ALA A 90 11.95 4.58 -7.42
C ALA A 90 12.99 3.48 -7.20
N LYS A 91 12.58 2.20 -7.25
CA LYS A 91 13.51 1.05 -7.20
C LYS A 91 14.28 0.96 -8.53
N GLY A 92 13.57 1.21 -9.65
CA GLY A 92 14.13 1.01 -10.98
C GLY A 92 15.05 2.13 -11.46
N ALA A 93 15.27 3.14 -10.60
CA ALA A 93 16.15 4.30 -10.91
C ALA A 93 16.93 4.76 -9.66
N LEU A 94 16.21 4.83 -8.52
CA LEU A 94 16.78 5.16 -7.18
C LEU A 94 17.25 6.64 -7.11
N GLU A 95 16.61 7.48 -7.94
CA GLU A 95 16.90 8.93 -8.03
C GLU A 95 16.46 9.66 -6.75
N HIS A 96 15.23 9.35 -6.31
CA HIS A 96 14.66 9.91 -5.06
C HIS A 96 14.54 8.79 -4.01
N HIS A 97 14.97 9.11 -2.79
CA HIS A 97 14.91 8.21 -1.62
C HIS A 97 14.70 9.06 -0.36
N HIS A 98 14.31 8.41 0.74
CA HIS A 98 14.11 9.06 2.04
C HIS A 98 14.53 8.10 3.16
N HIS A 99 15.76 8.32 3.68
CA HIS A 99 16.41 7.48 4.71
C HIS A 99 16.65 6.06 4.17
N HIS A 100 17.89 5.79 3.69
CA HIS A 100 18.32 4.45 3.21
C HIS A 100 18.87 3.62 4.39
N HIS A 101 18.15 3.70 5.54
CA HIS A 101 18.56 3.13 6.82
C HIS A 101 18.49 1.59 6.76
P24 PNS B . -1.06 2.91 13.20
O25 PNS B . -0.94 4.07 12.29
O26 PNS B . 0.18 2.20 13.62
O27 PNS B . -1.95 3.30 14.47
C28 PNS B . -2.29 2.37 15.49
C29 PNS B . -3.54 2.90 16.29
C30 PNS B . -3.24 4.38 16.72
C31 PNS B . -3.77 2.03 17.56
C32 PNS B . -4.80 2.84 15.33
O33 PNS B . -5.22 1.47 15.19
C34 PNS B . -5.98 3.68 15.83
O35 PNS B . -6.18 4.79 15.36
N36 PNS B . -6.74 3.17 16.83
C37 PNS B . -7.92 3.88 17.41
C38 PNS B . -9.25 3.66 16.65
C39 PNS B . -9.26 4.12 15.17
O40 PNS B . -9.44 3.30 14.26
N41 PNS B . -9.06 5.43 14.96
C42 PNS B . -9.03 6.05 13.61
C43 PNS B . -7.85 5.62 12.74
S44 PNS B . -7.84 6.44 11.14
H282 PNS B . -2.52 1.40 15.06
H281 PNS B . -1.44 2.27 16.16
H303 PNS B . -4.08 4.77 17.29
H302 PNS B . -2.35 4.42 17.34
H301 PNS B . -3.09 5.01 15.86
H313 PNS B . -3.96 1.00 17.27
H312 PNS B . -2.89 2.06 18.20
H311 PNS B . -4.62 2.40 18.10
H32 PNS B . -4.50 3.20 14.34
H33 PNS B . -6.07 1.45 14.73
H36 PNS B . -6.51 2.27 17.20
H372 PNS B . -8.04 3.54 18.43
H371 PNS B . -7.71 4.95 17.43
H382 PNS B . -9.47 2.59 16.67
H381 PNS B . -10.04 4.18 17.17
H41 PNS B . -8.92 6.02 15.72
H422 PNS B . -9.95 5.80 13.09
H421 PNS B . -9.00 7.12 13.73
H431 PNS B . -7.89 4.55 12.59
H432 PNS B . -6.93 5.87 13.25
H44 PNS B . -6.92 7.40 11.19
N MET A 1 -2.71 -9.25 -16.65
CA MET A 1 -2.72 -7.80 -16.33
C MET A 1 -1.60 -7.47 -15.34
N THR A 2 -1.54 -8.24 -14.23
CA THR A 2 -0.42 -8.21 -13.24
C THR A 2 -0.33 -6.84 -12.49
N SER A 3 -1.43 -6.06 -12.53
CA SER A 3 -1.50 -4.69 -11.97
C SER A 3 -1.37 -4.68 -10.44
N THR A 4 -0.95 -3.51 -9.92
CA THR A 4 -0.60 -3.33 -8.50
C THR A 4 -1.82 -3.53 -7.58
N PHE A 5 -2.98 -2.92 -7.93
CA PHE A 5 -4.21 -3.03 -7.12
C PHE A 5 -4.63 -4.51 -6.95
N ASP A 6 -4.68 -5.24 -8.06
CA ASP A 6 -5.16 -6.65 -8.08
C ASP A 6 -4.23 -7.58 -7.27
N ARG A 7 -2.91 -7.30 -7.33
CA ARG A 7 -1.91 -7.97 -6.47
C ARG A 7 -2.21 -7.71 -4.99
N VAL A 8 -2.43 -6.43 -4.65
CA VAL A 8 -2.72 -5.99 -3.26
C VAL A 8 -4.06 -6.55 -2.76
N ALA A 9 -5.06 -6.65 -3.65
CA ALA A 9 -6.40 -7.15 -3.35
C ALA A 9 -6.35 -8.66 -3.00
N THR A 10 -5.50 -9.40 -3.76
CA THR A 10 -5.17 -10.81 -3.45
C THR A 10 -4.51 -10.90 -2.06
N ILE A 11 -3.47 -10.05 -1.87
CA ILE A 11 -2.67 -9.99 -0.62
C ILE A 11 -3.55 -9.78 0.62
N ILE A 12 -4.48 -8.81 0.57
CA ILE A 12 -5.36 -8.46 1.70
C ILE A 12 -6.29 -9.63 2.03
N ALA A 13 -6.91 -10.19 0.97
CA ALA A 13 -7.79 -11.36 1.05
C ALA A 13 -7.10 -12.56 1.72
N GLU A 14 -5.83 -12.82 1.34
CA GLU A 14 -5.06 -13.97 1.83
C GLU A 14 -4.52 -13.75 3.26
N THR A 15 -4.08 -12.51 3.55
CA THR A 15 -3.41 -12.19 4.81
C THR A 15 -4.39 -12.23 6.01
N CYS A 16 -5.47 -11.43 5.92
CA CYS A 16 -6.38 -11.17 7.05
C CYS A 16 -7.81 -11.71 6.78
N ASP A 17 -7.99 -12.47 5.67
CA ASP A 17 -9.28 -13.04 5.25
C ASP A 17 -10.39 -11.94 5.10
N ILE A 18 -10.27 -11.13 4.03
CA ILE A 18 -11.32 -10.18 3.62
C ILE A 18 -11.85 -10.64 2.24
N PRO A 19 -13.21 -10.75 2.03
CA PRO A 19 -13.79 -11.15 0.74
C PRO A 19 -13.32 -10.22 -0.41
N ARG A 20 -12.68 -10.84 -1.43
CA ARG A 20 -12.17 -10.16 -2.65
C ARG A 20 -13.25 -9.27 -3.32
N GLU A 21 -14.51 -9.72 -3.22
CA GLU A 21 -15.69 -9.03 -3.78
C GLU A 21 -15.91 -7.66 -3.13
N THR A 22 -15.61 -7.54 -1.81
CA THR A 22 -15.82 -6.30 -1.03
C THR A 22 -14.59 -5.36 -1.11
N ILE A 23 -13.50 -5.85 -1.73
CA ILE A 23 -12.26 -5.09 -1.88
C ILE A 23 -12.34 -4.28 -3.20
N THR A 24 -12.80 -3.01 -3.10
CA THR A 24 -12.89 -2.09 -4.26
C THR A 24 -11.77 -1.04 -4.17
N PRO A 25 -11.28 -0.45 -5.31
CA PRO A 25 -10.12 0.48 -5.32
C PRO A 25 -10.33 1.74 -4.46
N GLU A 26 -11.60 2.13 -4.21
CA GLU A 26 -11.94 3.36 -3.47
C GLU A 26 -12.28 3.03 -1.99
N SER A 27 -11.92 1.80 -1.56
CA SER A 27 -12.09 1.36 -0.16
C SER A 27 -10.91 1.82 0.68
N HIS A 28 -11.19 2.28 1.90
CA HIS A 28 -10.17 2.64 2.88
C HIS A 28 -9.88 1.39 3.72
N ALA A 29 -8.67 0.85 3.64
CA ALA A 29 -8.23 -0.34 4.38
C ALA A 29 -8.61 -0.31 5.87
N ILE A 30 -8.46 0.84 6.54
CA ILE A 30 -8.59 0.92 8.02
C ILE A 30 -10.03 1.27 8.43
N ASP A 31 -10.66 2.20 7.69
CA ASP A 31 -11.97 2.79 8.06
C ASP A 31 -13.12 1.99 7.42
N ASP A 32 -13.00 1.70 6.12
CA ASP A 32 -14.05 1.04 5.32
C ASP A 32 -13.97 -0.50 5.43
N LEU A 33 -12.78 -1.06 5.16
CA LEU A 33 -12.55 -2.53 5.23
C LEU A 33 -12.35 -3.00 6.68
N GLY A 34 -12.16 -2.03 7.60
CA GLY A 34 -12.03 -2.30 9.04
C GLY A 34 -10.79 -3.10 9.42
N ILE A 35 -9.70 -2.89 8.68
CA ILE A 35 -8.41 -3.56 8.89
C ILE A 35 -7.54 -2.64 9.76
N ASP A 36 -7.18 -3.09 10.97
CA ASP A 36 -6.38 -2.29 11.91
C ASP A 36 -4.90 -2.33 11.47
N SER A 37 -4.12 -1.39 12.01
CA SER A 37 -2.66 -1.29 11.79
C SER A 37 -1.96 -2.65 11.98
N LEU A 38 -2.28 -3.32 13.09
CA LEU A 38 -1.66 -4.62 13.48
C LEU A 38 -1.93 -5.75 12.46
N ASP A 39 -3.03 -5.62 11.68
CA ASP A 39 -3.36 -6.55 10.58
C ASP A 39 -2.64 -6.11 9.30
N PHE A 40 -2.60 -4.78 9.11
CA PHE A 40 -2.06 -4.14 7.90
C PHE A 40 -0.53 -4.28 7.81
N LEU A 41 0.13 -4.56 8.96
CA LEU A 41 1.60 -4.77 9.02
C LEU A 41 2.02 -5.92 8.06
N ASP A 42 1.41 -7.10 8.24
CA ASP A 42 1.73 -8.32 7.42
C ASP A 42 1.24 -8.15 5.98
N ILE A 43 0.15 -7.37 5.78
CA ILE A 43 -0.32 -6.96 4.44
C ILE A 43 0.79 -6.17 3.72
N ALA A 44 1.48 -5.29 4.47
CA ALA A 44 2.53 -4.42 3.92
C ALA A 44 3.78 -5.24 3.59
N PHE A 45 4.12 -6.24 4.45
CA PHE A 45 5.26 -7.17 4.22
C PHE A 45 5.09 -7.96 2.90
N ALA A 46 3.85 -8.39 2.63
CA ALA A 46 3.52 -9.16 1.42
C ALA A 46 3.62 -8.28 0.17
N ILE A 47 3.21 -7.00 0.31
CA ILE A 47 3.35 -5.99 -0.76
C ILE A 47 4.85 -5.75 -1.07
N ASP A 48 5.64 -5.58 0.00
CA ASP A 48 7.10 -5.35 -0.06
C ASP A 48 7.82 -6.44 -0.85
N LYS A 49 7.56 -7.68 -0.43
CA LYS A 49 8.25 -8.86 -0.96
C LYS A 49 7.72 -9.26 -2.35
N ALA A 50 6.47 -8.88 -2.67
CA ALA A 50 5.89 -9.04 -4.02
C ALA A 50 6.57 -8.12 -5.06
N PHE A 51 6.60 -6.80 -4.75
CA PHE A 51 7.06 -5.76 -5.70
C PHE A 51 8.56 -5.44 -5.52
N GLY A 52 9.21 -6.07 -4.52
CA GLY A 52 10.65 -5.87 -4.25
C GLY A 52 10.97 -4.51 -3.61
N ILE A 53 9.92 -3.84 -3.10
CA ILE A 53 10.02 -2.49 -2.49
C ILE A 53 9.91 -2.60 -0.96
N LYS A 54 9.79 -1.45 -0.29
CA LYS A 54 9.41 -1.36 1.12
C LYS A 54 8.48 -0.16 1.30
N LEU A 55 7.30 -0.37 1.91
CA LEU A 55 6.41 0.73 2.30
C LEU A 55 6.99 1.35 3.60
N PRO A 56 7.41 2.65 3.60
CA PRO A 56 7.79 3.34 4.84
C PRO A 56 6.53 3.62 5.69
N LEU A 57 6.07 2.56 6.36
CA LEU A 57 4.74 2.50 7.00
C LEU A 57 4.70 3.47 8.20
N GLU A 58 5.76 3.45 9.02
CA GLU A 58 5.88 4.32 10.21
C GLU A 58 5.93 5.81 9.79
N LYS A 59 6.69 6.10 8.72
CA LYS A 59 6.78 7.44 8.10
C LYS A 59 5.39 7.98 7.74
N TRP A 60 4.63 7.15 6.98
CA TRP A 60 3.27 7.47 6.51
C TRP A 60 2.33 7.71 7.69
N THR A 61 2.47 6.84 8.69
CA THR A 61 1.69 6.89 9.94
C THR A 61 1.92 8.23 10.68
N GLN A 62 3.17 8.73 10.66
CA GLN A 62 3.56 9.96 11.35
C GLN A 62 3.01 11.18 10.59
N GLU A 63 3.12 11.15 9.25
CA GLU A 63 2.61 12.24 8.38
C GLU A 63 1.09 12.44 8.55
N VAL A 64 0.39 11.31 8.76
CA VAL A 64 -1.04 11.27 9.11
C VAL A 64 -1.27 11.89 10.50
N ASN A 65 -0.46 11.46 11.49
CA ASN A 65 -0.50 11.97 12.88
C ASN A 65 -0.17 13.48 12.98
N ASP A 66 0.65 13.99 12.03
CA ASP A 66 1.03 15.43 11.97
C ASP A 66 0.01 16.26 11.17
N GLY A 67 -1.00 15.59 10.58
CA GLY A 67 -1.98 16.26 9.69
C GLY A 67 -1.40 16.78 8.37
N LYS A 68 -0.15 16.38 8.07
CA LYS A 68 0.54 16.78 6.81
C LYS A 68 -0.04 16.01 5.62
N ALA A 69 -0.48 14.78 5.91
CA ALA A 69 -1.04 13.86 4.92
C ALA A 69 -2.33 13.27 5.47
N THR A 70 -3.33 13.09 4.59
CA THR A 70 -4.61 12.44 4.91
C THR A 70 -4.39 10.92 5.12
N THR A 71 -5.26 10.27 5.94
CA THR A 71 -5.25 8.81 6.11
C THR A 71 -5.42 8.12 4.75
N GLU A 72 -6.47 8.53 4.03
CA GLU A 72 -6.82 8.06 2.67
C GLU A 72 -5.65 8.07 1.67
N GLN A 73 -4.78 9.08 1.78
CA GLN A 73 -3.62 9.29 0.87
C GLN A 73 -2.70 8.04 0.82
N TYR A 74 -2.71 7.25 1.90
CA TYR A 74 -1.94 6.00 1.99
C TYR A 74 -2.86 4.77 2.05
N PHE A 75 -3.94 4.87 2.85
CA PHE A 75 -4.74 3.70 3.27
C PHE A 75 -5.99 3.48 2.41
N VAL A 76 -6.14 4.18 1.27
CA VAL A 76 -7.19 3.85 0.26
C VAL A 76 -6.49 3.12 -0.88
N LEU A 77 -7.05 1.96 -1.26
CA LEU A 77 -6.39 0.94 -2.11
C LEU A 77 -5.85 1.47 -3.47
N LYS A 78 -6.52 2.50 -4.04
CA LYS A 78 -6.07 3.14 -5.31
C LYS A 78 -4.85 4.05 -5.04
N ASN A 79 -4.88 4.75 -3.89
CA ASN A 79 -3.79 5.64 -3.42
C ASN A 79 -2.61 4.80 -2.92
N LEU A 80 -2.92 3.66 -2.30
CA LEU A 80 -1.93 2.70 -1.77
C LEU A 80 -1.13 2.11 -2.92
N ALA A 81 -1.87 1.67 -3.97
CA ALA A 81 -1.27 1.12 -5.20
C ALA A 81 -0.37 2.16 -5.89
N ALA A 82 -0.79 3.43 -5.83
CA ALA A 82 -0.01 4.57 -6.34
C ALA A 82 1.26 4.81 -5.49
N ARG A 83 1.15 4.64 -4.14
CA ARG A 83 2.29 4.81 -3.20
C ARG A 83 3.36 3.75 -3.47
N ILE A 84 2.92 2.51 -3.67
CA ILE A 84 3.79 1.37 -4.04
C ILE A 84 4.55 1.69 -5.33
N ASP A 85 3.80 2.22 -6.32
CA ASP A 85 4.35 2.62 -7.62
C ASP A 85 5.39 3.76 -7.48
N GLU A 86 5.13 4.71 -6.56
CA GLU A 86 6.07 5.80 -6.21
C GLU A 86 7.40 5.21 -5.73
N LEU A 87 7.30 4.17 -4.88
CA LEU A 87 8.46 3.49 -4.28
C LEU A 87 9.18 2.58 -5.29
N VAL A 88 8.44 2.09 -6.30
CA VAL A 88 9.01 1.30 -7.43
C VAL A 88 9.93 2.20 -8.28
N ALA A 89 9.42 3.40 -8.64
CA ALA A 89 10.16 4.40 -9.44
C ALA A 89 11.33 4.98 -8.63
N ALA A 90 11.07 5.21 -7.33
CA ALA A 90 12.09 5.69 -6.37
C ALA A 90 13.24 4.70 -6.22
N LYS A 91 12.89 3.40 -6.17
CA LYS A 91 13.84 2.27 -6.07
C LYS A 91 14.73 2.18 -7.33
N GLY A 92 14.19 2.61 -8.49
CA GLY A 92 14.94 2.61 -9.75
C GLY A 92 15.62 3.95 -10.07
N ALA A 93 15.29 5.01 -9.29
CA ALA A 93 15.73 6.40 -9.59
C ALA A 93 15.29 7.35 -8.47
N LEU A 94 16.25 7.82 -7.66
CA LEU A 94 16.01 8.89 -6.67
C LEU A 94 16.61 10.22 -7.18
N GLU A 95 16.14 11.34 -6.58
CA GLU A 95 16.68 12.69 -6.85
C GLU A 95 18.21 12.72 -6.55
N HIS A 96 19.00 12.94 -7.62
CA HIS A 96 20.48 12.90 -7.64
C HIS A 96 21.00 11.45 -7.51
N HIS A 97 20.77 10.85 -6.33
CA HIS A 97 21.14 9.46 -6.00
C HIS A 97 20.55 9.08 -4.63
N HIS A 98 20.92 7.88 -4.09
CA HIS A 98 20.63 7.51 -2.69
C HIS A 98 21.42 8.45 -1.75
N HIS A 99 20.84 9.63 -1.48
CA HIS A 99 21.52 10.73 -0.75
C HIS A 99 21.23 10.62 0.76
N HIS A 100 22.05 9.82 1.45
CA HIS A 100 22.06 9.77 2.92
C HIS A 100 22.90 10.96 3.39
N HIS A 101 22.21 12.09 3.71
CA HIS A 101 22.79 13.44 3.89
C HIS A 101 23.06 14.10 2.50
P24 PNS B . -0.02 1.24 12.04
O25 PNS B . -0.65 1.51 10.72
O26 PNS B . 1.45 1.08 12.08
O27 PNS B . -0.49 2.34 13.12
C28 PNS B . 0.00 2.32 14.47
C29 PNS B . -0.75 3.39 15.37
C30 PNS B . -2.19 2.89 15.69
C31 PNS B . -0.86 4.72 14.57
C32 PNS B . 0.05 3.59 16.72
O33 PNS B . 1.42 3.92 16.43
C34 PNS B . -0.56 4.69 17.62
O35 PNS B . -1.26 4.40 18.60
N36 PNS B . -0.29 5.95 17.24
C37 PNS B . -0.79 7.15 17.92
C38 PNS B . -0.10 7.42 19.28
C39 PNS B . 0.23 8.90 19.49
O40 PNS B . -0.33 9.57 20.36
N41 PNS B . 1.14 9.39 18.63
C42 PNS B . 1.59 10.79 18.64
C43 PNS B . 2.88 10.96 17.83
S44 PNS B . 2.79 10.16 16.23
H282 PNS B . -0.14 1.34 14.89
H281 PNS B . 1.06 2.56 14.44
H303 PNS B . -2.74 2.73 14.77
H302 PNS B . -2.14 1.96 16.23
H301 PNS B . -2.70 3.63 16.29
H313 PNS B . -1.32 4.55 13.61
H312 PNS B . -1.44 5.43 15.13
H311 PNS B . 0.14 5.12 14.42
H32 PNS B . 0.05 2.65 17.28
H33 PNS B . 1.71 4.63 17.01
H36 PNS B . 0.28 6.08 16.44
H372 PNS B . -0.61 8.00 17.25
H371 PNS B . -1.85 7.06 18.08
H382 PNS B . -0.75 7.09 20.08
H381 PNS B . 0.83 6.85 19.33
H41 PNS B . 1.51 8.79 17.94
H422 PNS B . 0.82 11.41 18.22
H421 PNS B . 1.78 11.10 19.66
H431 PNS B . 3.70 10.51 18.39
H432 PNS B . 3.07 12.00 17.69
H44 PNS B . 3.17 11.05 15.31
N MET A 1 -7.62 -4.53 -12.53
CA MET A 1 -7.38 -4.91 -13.94
C MET A 1 -5.98 -5.52 -14.10
N THR A 2 -5.67 -6.51 -13.22
CA THR A 2 -4.36 -7.21 -13.18
C THR A 2 -3.20 -6.19 -13.06
N SER A 3 -3.32 -5.30 -12.05
CA SER A 3 -2.38 -4.19 -11.80
C SER A 3 -1.77 -4.33 -10.38
N THR A 4 -1.03 -3.29 -9.95
CA THR A 4 -0.48 -3.18 -8.59
C THR A 4 -1.61 -3.30 -7.54
N PHE A 5 -2.74 -2.63 -7.82
CA PHE A 5 -3.98 -2.69 -7.00
C PHE A 5 -4.42 -4.15 -6.76
N ASP A 6 -4.46 -4.94 -7.85
CA ASP A 6 -4.96 -6.33 -7.83
C ASP A 6 -4.04 -7.25 -7.02
N ARG A 7 -2.72 -6.99 -7.12
CA ARG A 7 -1.69 -7.66 -6.31
C ARG A 7 -1.91 -7.39 -4.81
N VAL A 8 -2.07 -6.10 -4.48
CA VAL A 8 -2.31 -5.62 -3.11
C VAL A 8 -3.61 -6.18 -2.54
N ALA A 9 -4.64 -6.23 -3.39
CA ALA A 9 -5.98 -6.75 -3.06
C ALA A 9 -5.91 -8.25 -2.71
N THR A 10 -5.10 -8.99 -3.49
CA THR A 10 -4.78 -10.41 -3.23
C THR A 10 -4.07 -10.55 -1.86
N ILE A 11 -3.13 -9.64 -1.59
CA ILE A 11 -2.36 -9.61 -0.33
C ILE A 11 -3.27 -9.35 0.89
N ILE A 12 -4.27 -8.46 0.74
CA ILE A 12 -5.23 -8.13 1.83
C ILE A 12 -6.14 -9.35 2.09
N ALA A 13 -6.55 -10.00 1.00
CA ALA A 13 -7.30 -11.26 1.02
C ALA A 13 -6.53 -12.39 1.77
N GLU A 14 -5.21 -12.46 1.56
CA GLU A 14 -4.34 -13.48 2.22
C GLU A 14 -4.13 -13.16 3.72
N THR A 15 -3.91 -11.88 4.04
CA THR A 15 -3.50 -11.45 5.39
C THR A 15 -4.70 -11.36 6.35
N CYS A 16 -5.77 -10.73 5.88
CA CYS A 16 -6.89 -10.26 6.73
C CYS A 16 -8.20 -10.97 6.36
N ASP A 17 -8.13 -11.91 5.38
CA ASP A 17 -9.29 -12.67 4.84
C ASP A 17 -10.45 -11.73 4.43
N ILE A 18 -10.18 -10.90 3.41
CA ILE A 18 -11.17 -9.94 2.86
C ILE A 18 -11.51 -10.37 1.41
N PRO A 19 -12.83 -10.61 1.07
CA PRO A 19 -13.24 -11.05 -0.30
C PRO A 19 -12.77 -10.06 -1.39
N ARG A 20 -12.10 -10.59 -2.43
CA ARG A 20 -11.58 -9.80 -3.57
C ARG A 20 -12.71 -9.01 -4.27
N GLU A 21 -13.93 -9.59 -4.29
CA GLU A 21 -15.12 -8.98 -4.92
C GLU A 21 -15.52 -7.69 -4.17
N THR A 22 -15.31 -7.69 -2.84
CA THR A 22 -15.63 -6.55 -1.95
C THR A 22 -14.39 -5.68 -1.69
N ILE A 23 -13.38 -5.76 -2.60
CA ILE A 23 -12.21 -4.89 -2.57
C ILE A 23 -12.26 -3.96 -3.80
N THR A 24 -12.72 -2.72 -3.58
CA THR A 24 -12.77 -1.67 -4.61
C THR A 24 -11.52 -0.77 -4.50
N PRO A 25 -11.12 -0.03 -5.60
CA PRO A 25 -10.01 0.95 -5.54
C PRO A 25 -10.31 2.13 -4.58
N GLU A 26 -11.62 2.38 -4.32
CA GLU A 26 -12.06 3.50 -3.47
C GLU A 26 -12.30 3.02 -2.03
N SER A 27 -11.93 1.75 -1.75
CA SER A 27 -12.08 1.15 -0.42
C SER A 27 -10.98 1.67 0.52
N HIS A 28 -11.36 2.03 1.75
CA HIS A 28 -10.42 2.47 2.77
C HIS A 28 -10.12 1.29 3.71
N ALA A 29 -8.82 0.97 3.91
CA ALA A 29 -8.37 -0.13 4.78
C ALA A 29 -8.98 -0.06 6.20
N ILE A 30 -9.00 1.13 6.81
CA ILE A 30 -9.31 1.27 8.25
C ILE A 30 -10.83 1.54 8.43
N ASP A 31 -11.38 2.41 7.57
CA ASP A 31 -12.74 2.97 7.73
C ASP A 31 -13.80 2.22 6.92
N ASP A 32 -13.37 1.26 6.09
CA ASP A 32 -14.30 0.44 5.27
C ASP A 32 -14.04 -1.05 5.54
N LEU A 33 -12.79 -1.50 5.25
CA LEU A 33 -12.38 -2.90 5.45
C LEU A 33 -12.19 -3.23 6.94
N GLY A 34 -12.13 -2.18 7.79
CA GLY A 34 -12.02 -2.34 9.25
C GLY A 34 -10.71 -2.97 9.69
N ILE A 35 -9.61 -2.49 9.10
CA ILE A 35 -8.24 -2.98 9.33
C ILE A 35 -7.48 -1.94 10.14
N ASP A 36 -6.95 -2.32 11.33
CA ASP A 36 -6.11 -1.42 12.13
C ASP A 36 -4.68 -1.42 11.56
N SER A 37 -3.88 -0.41 11.94
CA SER A 37 -2.51 -0.22 11.42
C SER A 37 -1.62 -1.44 11.72
N LEU A 38 -1.90 -2.12 12.85
CA LEU A 38 -1.19 -3.34 13.27
C LEU A 38 -1.42 -4.51 12.28
N ASP A 39 -2.66 -4.68 11.82
CA ASP A 39 -3.01 -5.72 10.82
C ASP A 39 -2.51 -5.31 9.44
N PHE A 40 -2.43 -3.99 9.23
CA PHE A 40 -1.99 -3.40 7.96
C PHE A 40 -0.46 -3.49 7.83
N LEU A 41 0.26 -3.67 8.97
CA LEU A 41 1.71 -3.94 8.98
C LEU A 41 2.01 -5.23 8.20
N ASP A 42 1.26 -6.29 8.54
CA ASP A 42 1.38 -7.63 7.91
C ASP A 42 1.04 -7.56 6.41
N ILE A 43 0.01 -6.75 6.08
CA ILE A 43 -0.36 -6.48 4.67
C ILE A 43 0.82 -5.81 3.95
N ALA A 44 1.43 -4.81 4.58
CA ALA A 44 2.48 -3.97 3.98
C ALA A 44 3.82 -4.75 3.87
N PHE A 45 4.07 -5.69 4.81
CA PHE A 45 5.25 -6.59 4.78
C PHE A 45 5.20 -7.51 3.56
N ALA A 46 3.99 -8.05 3.30
CA ALA A 46 3.74 -8.94 2.16
C ALA A 46 3.82 -8.16 0.83
N ILE A 47 3.44 -6.87 0.86
CA ILE A 47 3.60 -5.94 -0.29
C ILE A 47 5.10 -5.71 -0.58
N ASP A 48 5.84 -5.31 0.47
CA ASP A 48 7.28 -4.98 0.39
C ASP A 48 8.08 -6.11 -0.25
N LYS A 49 7.95 -7.30 0.33
CA LYS A 49 8.72 -8.48 -0.08
C LYS A 49 8.28 -8.98 -1.49
N ALA A 50 6.97 -8.84 -1.81
CA ALA A 50 6.42 -9.20 -3.14
C ALA A 50 7.05 -8.35 -4.27
N PHE A 51 6.91 -7.02 -4.15
CA PHE A 51 7.36 -6.06 -5.17
C PHE A 51 8.87 -5.77 -5.04
N GLY A 52 9.52 -6.34 -4.00
CA GLY A 52 10.96 -6.14 -3.74
C GLY A 52 11.32 -4.71 -3.32
N ILE A 53 10.30 -3.95 -2.86
CA ILE A 53 10.46 -2.56 -2.40
C ILE A 53 10.27 -2.52 -0.88
N LYS A 54 10.27 -1.30 -0.32
CA LYS A 54 9.82 -1.05 1.06
C LYS A 54 9.00 0.22 1.10
N LEU A 55 7.76 0.11 1.57
CA LEU A 55 6.92 1.26 1.88
C LEU A 55 7.47 1.91 3.16
N PRO A 56 7.65 3.27 3.21
CA PRO A 56 7.89 3.97 4.48
C PRO A 56 6.58 4.06 5.29
N LEU A 57 6.01 2.88 5.60
CA LEU A 57 4.68 2.71 6.23
C LEU A 57 4.72 3.32 7.64
N GLU A 58 5.85 3.12 8.33
CA GLU A 58 6.11 3.66 9.68
C GLU A 58 5.96 5.20 9.65
N LYS A 59 6.61 5.80 8.64
CA LYS A 59 6.65 7.25 8.45
C LYS A 59 5.27 7.79 8.05
N TRP A 60 4.62 7.07 7.09
CA TRP A 60 3.27 7.40 6.57
C TRP A 60 2.26 7.49 7.71
N THR A 61 2.31 6.49 8.60
CA THR A 61 1.37 6.37 9.72
C THR A 61 1.63 7.50 10.74
N GLN A 62 2.91 7.91 10.91
CA GLN A 62 3.25 9.00 11.86
C GLN A 62 2.77 10.35 11.29
N GLU A 63 2.89 10.52 9.96
CA GLU A 63 2.40 11.71 9.23
C GLU A 63 0.88 11.87 9.40
N VAL A 64 0.19 10.74 9.25
CA VAL A 64 -1.27 10.65 9.41
C VAL A 64 -1.69 11.08 10.84
N ASN A 65 -1.06 10.47 11.85
CA ASN A 65 -1.32 10.79 13.29
C ASN A 65 -0.75 12.18 13.69
N ASP A 66 0.09 12.81 12.84
CA ASP A 66 0.61 14.18 13.09
C ASP A 66 -0.25 15.26 12.37
N GLY A 67 -1.18 14.81 11.50
CA GLY A 67 -1.96 15.74 10.65
C GLY A 67 -1.20 16.26 9.43
N LYS A 68 -0.02 15.68 9.12
CA LYS A 68 0.71 15.93 7.85
C LYS A 68 -0.08 15.35 6.65
N ALA A 69 -0.83 14.28 6.93
CA ALA A 69 -1.68 13.59 5.94
C ALA A 69 -2.92 13.01 6.63
N THR A 70 -3.87 12.57 5.82
CA THR A 70 -5.06 11.82 6.28
C THR A 70 -4.82 10.31 6.11
N THR A 71 -5.60 9.47 6.83
CA THR A 71 -5.58 8.01 6.64
C THR A 71 -5.85 7.69 5.15
N GLU A 72 -6.90 8.34 4.60
CA GLU A 72 -7.31 8.24 3.17
C GLU A 72 -6.13 8.26 2.19
N GLN A 73 -5.24 9.23 2.39
CA GLN A 73 -4.11 9.52 1.47
C GLN A 73 -3.20 8.29 1.22
N TYR A 74 -3.07 7.40 2.22
CA TYR A 74 -2.20 6.19 2.13
C TYR A 74 -3.00 4.87 2.23
N PHE A 75 -4.19 4.90 2.83
CA PHE A 75 -4.96 3.66 3.18
C PHE A 75 -6.14 3.44 2.22
N VAL A 76 -6.34 4.31 1.20
CA VAL A 76 -7.35 4.05 0.15
C VAL A 76 -6.61 3.28 -0.95
N LEU A 77 -7.14 2.11 -1.30
CA LEU A 77 -6.39 1.06 -2.04
C LEU A 77 -5.88 1.49 -3.43
N LYS A 78 -6.48 2.52 -4.05
CA LYS A 78 -5.96 3.11 -5.31
C LYS A 78 -4.73 4.01 -5.01
N ASN A 79 -4.81 4.77 -3.92
CA ASN A 79 -3.75 5.70 -3.47
C ASN A 79 -2.54 4.91 -2.99
N LEU A 80 -2.84 3.86 -2.20
CA LEU A 80 -1.85 2.89 -1.70
C LEU A 80 -1.10 2.26 -2.89
N ALA A 81 -1.89 1.72 -3.85
CA ALA A 81 -1.36 1.01 -5.04
C ALA A 81 -0.47 1.92 -5.89
N ALA A 82 -0.84 3.21 -5.95
CA ALA A 82 -0.09 4.22 -6.69
C ALA A 82 1.26 4.48 -6.00
N ARG A 83 1.22 4.72 -4.67
CA ARG A 83 2.42 4.96 -3.83
C ARG A 83 3.44 3.82 -3.96
N ILE A 84 2.93 2.58 -3.96
CA ILE A 84 3.74 1.35 -4.10
C ILE A 84 4.42 1.32 -5.48
N ASP A 85 3.59 1.53 -6.54
CA ASP A 85 4.06 1.50 -7.95
C ASP A 85 5.08 2.63 -8.23
N GLU A 86 4.93 3.76 -7.53
CA GLU A 86 5.86 4.91 -7.60
C GLU A 86 7.21 4.56 -6.95
N LEU A 87 7.18 3.69 -5.92
CA LEU A 87 8.39 3.19 -5.24
C LEU A 87 9.05 2.05 -6.04
N VAL A 88 8.24 1.31 -6.82
CA VAL A 88 8.76 0.26 -7.73
C VAL A 88 9.43 0.93 -8.96
N ALA A 89 8.84 2.07 -9.36
CA ALA A 89 9.38 2.93 -10.44
C ALA A 89 10.66 3.65 -9.96
N ALA A 90 10.63 4.06 -8.67
CA ALA A 90 11.80 4.64 -7.98
C ALA A 90 12.92 3.61 -7.80
N LYS A 91 12.51 2.32 -7.71
CA LYS A 91 13.43 1.18 -7.63
C LYS A 91 14.00 0.84 -9.02
N GLY A 92 13.30 1.30 -10.09
CA GLY A 92 13.77 1.18 -11.46
C GLY A 92 15.04 2.00 -11.70
N ALA A 93 15.14 3.14 -10.99
CA ALA A 93 16.40 3.90 -10.83
C ALA A 93 16.98 3.63 -9.42
N LEU A 94 18.02 4.41 -9.03
CA LEU A 94 18.67 4.31 -7.67
C LEU A 94 19.36 2.94 -7.48
N GLU A 95 19.70 2.28 -8.61
CA GLU A 95 20.17 0.89 -8.63
C GLU A 95 21.64 0.79 -8.14
N HIS A 96 21.77 0.67 -6.81
CA HIS A 96 23.05 0.54 -6.08
C HIS A 96 23.36 -0.96 -5.80
N HIS A 97 22.93 -1.83 -6.75
CA HIS A 97 23.12 -3.31 -6.70
C HIS A 97 22.29 -3.99 -5.59
N HIS A 98 21.36 -3.22 -4.98
CA HIS A 98 20.38 -3.74 -4.01
C HIS A 98 19.33 -4.53 -4.81
N HIS A 99 19.48 -5.86 -4.82
CA HIS A 99 18.76 -6.78 -5.73
C HIS A 99 19.14 -6.47 -7.19
N HIS A 100 20.24 -7.09 -7.63
CA HIS A 100 20.77 -6.97 -8.99
C HIS A 100 20.20 -8.13 -9.85
N HIS A 101 19.20 -7.81 -10.71
CA HIS A 101 18.48 -8.79 -11.54
C HIS A 101 17.62 -9.75 -10.65
P24 PNS B . -1.31 2.34 14.25
O25 PNS B . -2.21 3.45 13.91
O26 PNS B . 0.11 2.45 13.86
O27 PNS B . -1.42 1.99 15.82
C28 PNS B . -2.65 1.65 16.47
C29 PNS B . -2.49 1.72 18.03
C30 PNS B . -2.21 3.20 18.46
C31 PNS B . -1.30 0.82 18.46
C32 PNS B . -3.80 1.21 18.76
O33 PNS B . -3.59 1.21 20.19
C34 PNS B . -5.06 2.06 18.44
O35 PNS B . -5.45 2.91 19.24
N36 PNS B . -5.68 1.78 17.28
C37 PNS B . -6.89 2.50 16.81
C38 PNS B . -8.15 2.21 17.65
C39 PNS B . -8.58 0.73 17.64
O40 PNS B . -9.67 0.39 17.15
N41 PNS B . -7.71 -0.14 18.19
C42 PNS B . -7.95 -1.60 18.27
C43 PNS B . -8.01 -2.30 16.91
S44 PNS B . -8.32 -4.05 17.06
H282 PNS B . -3.42 2.35 16.17
H281 PNS B . -2.95 0.65 16.19
H303 PNS B . -3.03 3.83 18.14
H302 PNS B . -2.11 3.26 19.53
H301 PNS B . -1.30 3.55 17.98
H313 PNS B . -1.50 -0.21 18.18
H312 PNS B . -0.39 1.15 17.96
H311 PNS B . -1.15 0.87 19.53
H32 PNS B . -3.98 0.18 18.47
H33 PNS B . -4.39 1.54 20.63
H36 PNS B . -5.33 1.06 16.70
H372 PNS B . -6.70 3.57 16.84
H371 PNS B . -7.08 2.21 15.79
H382 PNS B . -7.95 2.50 18.68
H381 PNS B . -8.96 2.82 17.27
H41 PNS B . -6.86 0.20 18.56
H422 PNS B . -7.15 -2.05 18.84
H421 PNS B . -8.87 -1.77 18.80
H431 PNS B . -7.07 -2.14 16.38
H432 PNS B . -8.82 -1.86 16.33
H44 PNS B . -9.08 -4.24 18.12
N MET A 1 -1.81 -6.19 -16.43
CA MET A 1 -1.43 -7.61 -16.21
C MET A 1 -0.35 -7.68 -15.12
N THR A 2 -0.62 -8.47 -14.04
CA THR A 2 0.24 -8.54 -12.83
C THR A 2 0.34 -7.12 -12.18
N SER A 3 -0.73 -6.35 -12.36
CA SER A 3 -0.80 -4.92 -12.02
C SER A 3 -0.79 -4.71 -10.50
N THR A 4 -0.32 -3.53 -10.07
CA THR A 4 -0.05 -3.23 -8.65
C THR A 4 -1.26 -3.46 -7.75
N PHE A 5 -2.43 -2.90 -8.13
CA PHE A 5 -3.65 -3.02 -7.32
C PHE A 5 -4.13 -4.49 -7.24
N ASP A 6 -4.02 -5.24 -8.34
CA ASP A 6 -4.46 -6.65 -8.41
C ASP A 6 -3.64 -7.51 -7.44
N ARG A 7 -2.33 -7.26 -7.44
CA ARG A 7 -1.36 -7.87 -6.53
C ARG A 7 -1.74 -7.56 -5.07
N VAL A 8 -1.98 -6.27 -4.78
CA VAL A 8 -2.35 -5.77 -3.43
C VAL A 8 -3.68 -6.40 -2.95
N ALA A 9 -4.67 -6.51 -3.86
CA ALA A 9 -6.00 -7.06 -3.57
C ALA A 9 -5.89 -8.54 -3.13
N THR A 10 -5.04 -9.28 -3.85
CA THR A 10 -4.70 -10.68 -3.52
C THR A 10 -4.03 -10.75 -2.14
N ILE A 11 -3.07 -9.84 -1.89
CA ILE A 11 -2.29 -9.76 -0.63
C ILE A 11 -3.20 -9.48 0.60
N ILE A 12 -4.19 -8.58 0.45
CA ILE A 12 -5.12 -8.21 1.54
C ILE A 12 -5.97 -9.44 1.92
N ALA A 13 -6.43 -10.14 0.87
CA ALA A 13 -7.18 -11.39 0.98
C ALA A 13 -6.40 -12.47 1.76
N GLU A 14 -5.13 -12.65 1.40
CA GLU A 14 -4.26 -13.71 1.96
C GLU A 14 -3.78 -13.39 3.39
N THR A 15 -3.63 -12.08 3.71
CA THR A 15 -3.16 -11.66 5.04
C THR A 15 -4.31 -11.70 6.08
N CYS A 16 -5.36 -10.88 5.85
CA CYS A 16 -6.37 -10.56 6.86
C CYS A 16 -7.72 -11.28 6.60
N ASP A 17 -7.72 -12.21 5.62
CA ASP A 17 -8.92 -12.95 5.15
C ASP A 17 -10.07 -11.99 4.79
N ILE A 18 -9.89 -11.28 3.66
CA ILE A 18 -10.86 -10.33 3.09
C ILE A 18 -11.28 -10.81 1.69
N PRO A 19 -12.60 -10.79 1.30
CA PRO A 19 -13.03 -11.18 -0.06
C PRO A 19 -12.37 -10.28 -1.13
N ARG A 20 -11.51 -10.90 -1.96
CA ARG A 20 -10.71 -10.21 -3.00
C ARG A 20 -11.62 -9.44 -3.99
N GLU A 21 -12.82 -10.00 -4.26
CA GLU A 21 -13.79 -9.41 -5.20
C GLU A 21 -14.51 -8.17 -4.60
N THR A 22 -14.51 -8.05 -3.26
CA THR A 22 -15.11 -6.88 -2.55
C THR A 22 -14.04 -5.79 -2.27
N ILE A 23 -12.81 -6.00 -2.78
CA ILE A 23 -11.70 -5.07 -2.61
C ILE A 23 -11.65 -4.13 -3.85
N THR A 24 -12.19 -2.91 -3.69
CA THR A 24 -12.19 -1.87 -4.74
C THR A 24 -11.09 -0.84 -4.48
N PRO A 25 -10.60 -0.09 -5.52
CA PRO A 25 -9.56 0.95 -5.33
C PRO A 25 -10.05 2.13 -4.46
N GLU A 26 -11.38 2.29 -4.31
CA GLU A 26 -11.98 3.39 -3.53
C GLU A 26 -12.07 3.01 -2.03
N SER A 27 -11.65 1.79 -1.68
CA SER A 27 -11.77 1.25 -0.33
C SER A 27 -10.68 1.85 0.59
N HIS A 28 -11.10 2.29 1.77
CA HIS A 28 -10.18 2.69 2.85
C HIS A 28 -9.96 1.44 3.72
N ALA A 29 -8.69 1.04 3.91
CA ALA A 29 -8.32 -0.16 4.70
C ALA A 29 -9.00 -0.24 6.09
N ILE A 30 -9.20 0.92 6.73
CA ILE A 30 -9.66 0.99 8.13
C ILE A 30 -11.17 1.32 8.17
N ASP A 31 -11.54 2.38 7.43
CA ASP A 31 -12.89 2.97 7.46
C ASP A 31 -13.89 2.15 6.63
N ASP A 32 -13.42 1.52 5.55
CA ASP A 32 -14.29 0.75 4.61
C ASP A 32 -14.13 -0.77 4.82
N LEU A 33 -12.89 -1.27 4.78
CA LEU A 33 -12.59 -2.73 4.87
C LEU A 33 -12.62 -3.25 6.33
N GLY A 34 -12.59 -2.32 7.32
CA GLY A 34 -12.65 -2.70 8.75
C GLY A 34 -11.40 -3.43 9.25
N ILE A 35 -10.26 -3.14 8.61
CA ILE A 35 -8.95 -3.70 8.98
C ILE A 35 -8.25 -2.68 9.90
N ASP A 36 -7.82 -3.11 11.08
CA ASP A 36 -7.08 -2.25 12.04
C ASP A 36 -5.67 -1.96 11.51
N SER A 37 -5.05 -0.83 11.93
CA SER A 37 -3.78 -0.35 11.37
C SER A 37 -2.65 -1.38 11.58
N LEU A 38 -2.69 -2.12 12.70
CA LEU A 38 -1.69 -3.18 13.00
C LEU A 38 -1.76 -4.30 11.94
N ASP A 39 -2.99 -4.71 11.60
CA ASP A 39 -3.26 -5.74 10.59
C ASP A 39 -2.93 -5.22 9.17
N PHE A 40 -3.06 -3.89 8.99
CA PHE A 40 -2.67 -3.20 7.75
C PHE A 40 -1.13 -3.25 7.58
N LEU A 41 -0.39 -3.19 8.72
CA LEU A 41 1.08 -3.30 8.73
C LEU A 41 1.50 -4.69 8.23
N ASP A 42 0.75 -5.73 8.68
CA ASP A 42 0.94 -7.13 8.21
C ASP A 42 0.71 -7.22 6.69
N ILE A 43 -0.35 -6.53 6.20
CA ILE A 43 -0.64 -6.43 4.76
C ILE A 43 0.49 -5.70 4.02
N ALA A 44 1.01 -4.63 4.64
CA ALA A 44 1.91 -3.66 3.98
C ALA A 44 3.35 -4.19 3.94
N PHE A 45 3.68 -5.09 4.90
CA PHE A 45 4.95 -5.86 4.91
C PHE A 45 4.85 -7.00 3.90
N ALA A 46 3.65 -7.59 3.77
CA ALA A 46 3.37 -8.63 2.75
C ALA A 46 3.51 -8.02 1.33
N ILE A 47 3.09 -6.75 1.18
CA ILE A 47 3.26 -5.96 -0.05
C ILE A 47 4.75 -5.63 -0.27
N ASP A 48 5.37 -5.11 0.79
CA ASP A 48 6.78 -4.66 0.82
C ASP A 48 7.71 -5.74 0.21
N LYS A 49 7.56 -6.97 0.74
CA LYS A 49 8.33 -8.15 0.33
C LYS A 49 7.95 -8.60 -1.10
N ALA A 50 6.64 -8.71 -1.40
CA ALA A 50 6.11 -9.26 -2.68
C ALA A 50 6.57 -8.45 -3.92
N PHE A 51 6.50 -7.11 -3.80
CA PHE A 51 6.91 -6.17 -4.87
C PHE A 51 8.43 -5.89 -4.85
N GLY A 52 9.13 -6.37 -3.78
CA GLY A 52 10.57 -6.14 -3.61
C GLY A 52 10.94 -4.66 -3.50
N ILE A 53 10.08 -3.90 -2.81
CA ILE A 53 10.25 -2.46 -2.53
C ILE A 53 10.19 -2.24 -1.02
N LYS A 54 10.44 -1.00 -0.56
CA LYS A 54 10.32 -0.65 0.87
C LYS A 54 9.31 0.48 1.05
N LEU A 55 8.11 0.16 1.57
CA LEU A 55 7.11 1.16 1.93
C LEU A 55 7.51 1.81 3.28
N PRO A 56 7.73 3.16 3.35
CA PRO A 56 8.06 3.85 4.61
C PRO A 56 6.81 4.02 5.52
N LEU A 57 6.31 2.90 6.07
CA LEU A 57 5.06 2.83 6.85
C LEU A 57 5.13 3.67 8.12
N GLU A 58 6.29 3.61 8.80
CA GLU A 58 6.50 4.32 10.07
C GLU A 58 6.38 5.84 9.84
N LYS A 59 6.94 6.30 8.71
CA LYS A 59 6.87 7.71 8.30
C LYS A 59 5.43 8.09 7.91
N TRP A 60 4.76 7.20 7.13
CA TRP A 60 3.36 7.39 6.71
C TRP A 60 2.44 7.54 7.93
N THR A 61 2.72 6.72 8.95
CA THR A 61 1.97 6.65 10.20
C THR A 61 2.16 7.90 11.05
N GLN A 62 3.42 8.39 11.15
CA GLN A 62 3.75 9.53 12.03
C GLN A 62 3.16 10.82 11.42
N GLU A 63 3.09 10.85 10.06
CA GLU A 63 2.44 11.94 9.31
C GLU A 63 0.93 11.99 9.61
N VAL A 64 0.28 10.80 9.56
CA VAL A 64 -1.16 10.66 9.83
C VAL A 64 -1.53 11.21 11.23
N ASN A 65 -0.91 10.62 12.28
CA ASN A 65 -1.20 10.96 13.68
C ASN A 65 -0.77 12.40 14.06
N ASP A 66 0.20 13.00 13.32
CA ASP A 66 0.67 14.40 13.57
C ASP A 66 -0.11 15.42 12.71
N GLY A 67 -0.99 14.93 11.81
CA GLY A 67 -1.73 15.80 10.88
C GLY A 67 -0.92 16.33 9.70
N LYS A 68 0.32 15.83 9.53
CA LYS A 68 1.17 16.14 8.34
C LYS A 68 0.53 15.56 7.06
N ALA A 69 -0.17 14.43 7.23
CA ALA A 69 -0.93 13.75 6.17
C ALA A 69 -2.24 13.23 6.76
N THR A 70 -3.19 12.90 5.87
CA THR A 70 -4.47 12.31 6.26
C THR A 70 -4.36 10.78 6.25
N THR A 71 -5.36 10.12 6.89
CA THR A 71 -5.44 8.65 6.95
C THR A 71 -5.56 8.08 5.53
N GLU A 72 -6.63 8.51 4.84
CA GLU A 72 -6.98 8.08 3.47
C GLU A 72 -5.84 8.27 2.44
N GLN A 73 -4.95 9.25 2.70
CA GLN A 73 -3.83 9.57 1.79
C GLN A 73 -2.90 8.34 1.55
N TYR A 74 -2.84 7.44 2.55
CA TYR A 74 -2.00 6.21 2.47
C TYR A 74 -2.85 4.93 2.62
N PHE A 75 -4.02 5.01 3.28
CA PHE A 75 -4.81 3.81 3.62
C PHE A 75 -5.90 3.49 2.57
N VAL A 76 -6.12 4.39 1.59
CA VAL A 76 -7.09 4.12 0.49
C VAL A 76 -6.34 3.40 -0.60
N LEU A 77 -6.88 2.29 -1.08
CA LEU A 77 -6.16 1.31 -1.90
C LEU A 77 -5.73 1.85 -3.29
N LYS A 78 -6.38 2.90 -3.82
CA LYS A 78 -5.93 3.54 -5.08
C LYS A 78 -4.71 4.45 -4.79
N ASN A 79 -4.73 5.11 -3.61
CA ASN A 79 -3.64 5.97 -3.12
C ASN A 79 -2.43 5.09 -2.71
N LEU A 80 -2.75 3.98 -2.02
CA LEU A 80 -1.78 3.03 -1.47
C LEU A 80 -1.05 2.35 -2.61
N ALA A 81 -1.81 1.75 -3.53
CA ALA A 81 -1.26 1.01 -4.67
C ALA A 81 -0.61 1.98 -5.68
N ALA A 82 -0.97 3.28 -5.63
CA ALA A 82 -0.26 4.33 -6.39
C ALA A 82 1.12 4.61 -5.77
N ARG A 83 1.20 4.59 -4.42
CA ARG A 83 2.46 4.79 -3.67
C ARG A 83 3.42 3.61 -3.89
N ILE A 84 2.86 2.40 -3.93
CA ILE A 84 3.61 1.15 -4.14
C ILE A 84 4.14 1.12 -5.58
N ASP A 85 3.22 1.44 -6.53
CA ASP A 85 3.52 1.55 -7.97
C ASP A 85 4.65 2.58 -8.24
N GLU A 86 4.56 3.70 -7.50
CA GLU A 86 5.53 4.80 -7.55
C GLU A 86 6.93 4.33 -7.11
N LEU A 87 6.97 3.47 -6.08
CA LEU A 87 8.25 2.92 -5.56
C LEU A 87 8.76 1.76 -6.45
N VAL A 88 7.86 1.11 -7.21
CA VAL A 88 8.23 0.08 -8.22
C VAL A 88 8.70 0.80 -9.50
N ALA A 89 8.21 2.04 -9.70
CA ALA A 89 8.68 2.95 -10.76
C ALA A 89 10.08 3.50 -10.40
N ALA A 90 10.29 3.78 -9.10
CA ALA A 90 11.61 4.16 -8.56
C ALA A 90 12.59 2.96 -8.63
N LYS A 91 12.01 1.75 -8.56
CA LYS A 91 12.76 0.49 -8.67
C LYS A 91 13.00 0.18 -10.18
N GLY A 92 12.14 0.78 -11.05
CA GLY A 92 12.29 0.71 -12.51
C GLY A 92 13.36 1.66 -13.02
N ALA A 93 13.70 2.67 -12.18
CA ALA A 93 14.81 3.61 -12.42
C ALA A 93 16.17 3.02 -11.96
N LEU A 94 16.20 1.69 -11.73
CA LEU A 94 17.41 0.93 -11.37
C LEU A 94 17.75 0.02 -12.56
N GLU A 95 19.05 -0.13 -12.88
CA GLU A 95 19.52 -0.96 -14.02
C GLU A 95 19.15 -2.44 -13.81
N HIS A 96 17.98 -2.84 -14.33
CA HIS A 96 17.46 -4.23 -14.25
C HIS A 96 17.31 -4.84 -15.65
N HIS A 97 16.69 -4.03 -16.55
CA HIS A 97 16.31 -4.44 -17.93
C HIS A 97 15.19 -5.50 -17.92
N HIS A 98 14.03 -5.17 -18.54
CA HIS A 98 12.89 -6.10 -18.69
C HIS A 98 13.31 -7.27 -19.58
N HIS A 99 13.81 -8.34 -18.93
CA HIS A 99 14.48 -9.48 -19.59
C HIS A 99 13.57 -10.17 -20.62
N HIS A 100 14.21 -10.78 -21.64
CA HIS A 100 13.52 -11.46 -22.75
C HIS A 100 12.54 -12.53 -22.23
N HIS A 101 11.31 -12.51 -22.79
CA HIS A 101 10.27 -13.48 -22.47
C HIS A 101 10.55 -14.78 -23.27
P24 PNS B . -0.98 2.08 12.32
O25 PNS B . -1.61 3.35 12.68
O26 PNS B . 0.25 2.08 11.51
O27 PNS B . -0.84 1.09 13.59
C28 PNS B . 0.16 1.21 14.64
C29 PNS B . -0.08 2.39 15.68
C30 PNS B . 0.28 3.76 15.05
C31 PNS B . 0.87 2.16 16.90
C32 PNS B . -1.59 2.39 16.16
O33 PNS B . -1.83 1.28 17.03
C34 PNS B . -1.98 3.69 16.91
O35 PNS B . -2.76 4.50 16.39
N36 PNS B . -1.44 3.87 18.12
C37 PNS B . -1.69 5.06 18.95
C38 PNS B . -0.98 4.97 20.30
C39 PNS B . -1.56 3.87 21.20
O40 PNS B . -0.88 2.89 21.53
N41 PNS B . -2.83 4.08 21.60
C42 PNS B . -3.56 3.14 22.47
C43 PNS B . -4.97 3.65 22.79
S44 PNS B . -5.87 2.54 23.89
H282 PNS B . 0.18 0.27 15.18
H281 PNS B . 1.13 1.34 14.16
H303 PNS B . -0.41 3.98 14.24
H302 PNS B . 0.20 4.53 15.80
H301 PNS B . 1.29 3.73 14.67
H313 PNS B . 0.65 1.21 17.36
H312 PNS B . 1.91 2.15 16.56
H311 PNS B . 0.74 2.95 17.62
H32 PNS B . -2.23 2.27 15.28
H33 PNS B . -2.53 1.51 17.64
H36 PNS B . -0.85 3.17 18.48
H372 PNS B . -1.33 5.93 18.41
H371 PNS B . -2.75 5.16 19.10
H382 PNS B . 0.07 4.76 20.12
H381 PNS B . -1.07 5.91 20.80
H41 PNS B . -3.31 4.88 21.28
H422 PNS B . -3.64 2.18 21.97
H421 PNS B . -3.01 3.02 23.40
H431 PNS B . -5.54 3.74 21.87
H432 PNS B . -4.89 4.61 23.27
H44 PNS B . -6.85 1.97 23.20
N MET A 1 -3.82 -7.37 -17.07
CA MET A 1 -4.83 -7.93 -16.13
C MET A 1 -4.48 -7.56 -14.68
N THR A 2 -3.18 -7.58 -14.36
CA THR A 2 -2.67 -7.34 -13.00
C THR A 2 -2.14 -5.91 -12.86
N SER A 3 -2.96 -5.04 -12.25
CA SER A 3 -2.50 -3.72 -11.78
C SER A 3 -1.83 -3.89 -10.40
N THR A 4 -1.18 -2.82 -9.91
CA THR A 4 -0.61 -2.81 -8.56
C THR A 4 -1.73 -2.99 -7.52
N PHE A 5 -2.90 -2.38 -7.80
CA PHE A 5 -4.13 -2.55 -7.00
C PHE A 5 -4.53 -4.03 -6.88
N ASP A 6 -4.61 -4.73 -8.02
CA ASP A 6 -5.08 -6.15 -8.08
C ASP A 6 -4.22 -7.07 -7.23
N ARG A 7 -2.90 -6.86 -7.29
CA ARG A 7 -1.91 -7.62 -6.51
C ARG A 7 -2.04 -7.32 -5.01
N VAL A 8 -2.21 -6.04 -4.65
CA VAL A 8 -2.45 -5.60 -3.25
C VAL A 8 -3.75 -6.21 -2.70
N ALA A 9 -4.77 -6.23 -3.56
CA ALA A 9 -6.12 -6.73 -3.25
C ALA A 9 -6.09 -8.24 -2.93
N THR A 10 -5.32 -8.98 -3.76
CA THR A 10 -5.09 -10.42 -3.57
C THR A 10 -4.33 -10.67 -2.25
N ILE A 11 -3.30 -9.85 -1.99
CA ILE A 11 -2.51 -9.91 -0.74
C ILE A 11 -3.41 -9.69 0.49
N ILE A 12 -4.30 -8.69 0.41
CA ILE A 12 -5.17 -8.28 1.53
C ILE A 12 -6.18 -9.40 1.85
N ALA A 13 -6.74 -9.99 0.79
CA ALA A 13 -7.65 -11.15 0.87
C ALA A 13 -7.00 -12.34 1.60
N GLU A 14 -5.78 -12.71 1.17
CA GLU A 14 -5.06 -13.89 1.71
C GLU A 14 -4.48 -13.62 3.12
N THR A 15 -4.19 -12.35 3.43
CA THR A 15 -3.56 -11.97 4.72
C THR A 15 -4.59 -11.84 5.86
N CYS A 16 -5.64 -11.03 5.65
CA CYS A 16 -6.60 -10.64 6.71
C CYS A 16 -8.02 -11.18 6.44
N ASP A 17 -8.15 -12.10 5.44
CA ASP A 17 -9.43 -12.77 5.10
C ASP A 17 -10.52 -11.72 4.75
N ILE A 18 -10.16 -10.81 3.82
CA ILE A 18 -11.07 -9.74 3.35
C ILE A 18 -11.70 -10.15 2.01
N PRO A 19 -13.07 -10.22 1.91
CA PRO A 19 -13.77 -10.60 0.66
C PRO A 19 -13.43 -9.66 -0.51
N ARG A 20 -13.03 -10.22 -1.66
CA ARG A 20 -12.67 -9.44 -2.87
C ARG A 20 -13.87 -8.59 -3.38
N GLU A 21 -15.10 -9.04 -3.08
CA GLU A 21 -16.34 -8.32 -3.46
C GLU A 21 -16.47 -6.97 -2.71
N THR A 22 -15.93 -6.91 -1.47
CA THR A 22 -15.92 -5.67 -0.66
C THR A 22 -14.64 -4.85 -0.95
N ILE A 23 -13.68 -5.47 -1.67
CA ILE A 23 -12.42 -4.84 -2.09
C ILE A 23 -12.63 -4.12 -3.45
N THR A 24 -12.53 -2.78 -3.43
CA THR A 24 -12.64 -1.91 -4.61
C THR A 24 -11.46 -0.89 -4.58
N PRO A 25 -11.10 -0.22 -5.74
CA PRO A 25 -10.06 0.84 -5.75
C PRO A 25 -10.24 1.92 -4.65
N GLU A 26 -11.50 2.30 -4.38
CA GLU A 26 -11.84 3.38 -3.43
C GLU A 26 -12.07 2.84 -2.00
N SER A 27 -11.72 1.56 -1.77
CA SER A 27 -11.87 0.93 -0.43
C SER A 27 -10.75 1.44 0.47
N HIS A 28 -11.13 1.88 1.66
CA HIS A 28 -10.20 2.26 2.69
C HIS A 28 -9.85 0.99 3.48
N ALA A 29 -8.58 0.55 3.44
CA ALA A 29 -8.11 -0.66 4.14
C ALA A 29 -8.56 -0.70 5.61
N ILE A 30 -8.54 0.45 6.30
CA ILE A 30 -8.74 0.49 7.75
C ILE A 30 -10.23 0.74 8.10
N ASP A 31 -10.86 1.65 7.36
CA ASP A 31 -12.23 2.13 7.65
C ASP A 31 -13.31 1.27 6.94
N ASP A 32 -13.06 0.92 5.68
CA ASP A 32 -14.03 0.18 4.84
C ASP A 32 -13.84 -1.35 5.00
N LEU A 33 -12.59 -1.80 4.84
CA LEU A 33 -12.22 -3.24 4.92
C LEU A 33 -12.04 -3.70 6.39
N GLY A 34 -12.01 -2.73 7.33
CA GLY A 34 -11.92 -3.01 8.77
C GLY A 34 -10.61 -3.67 9.22
N ILE A 35 -9.52 -3.30 8.54
CA ILE A 35 -8.17 -3.81 8.83
C ILE A 35 -7.45 -2.82 9.73
N ASP A 36 -7.13 -3.21 10.96
CA ASP A 36 -6.50 -2.30 11.94
C ASP A 36 -4.97 -2.36 11.83
N SER A 37 -4.30 -1.67 12.77
CA SER A 37 -2.85 -1.40 12.74
C SER A 37 -1.98 -2.65 12.46
N LEU A 38 -1.93 -3.59 13.43
CA LEU A 38 -1.07 -4.80 13.37
C LEU A 38 -1.34 -5.64 12.11
N ASP A 39 -2.62 -5.71 11.74
CA ASP A 39 -3.10 -6.45 10.56
C ASP A 39 -2.55 -5.82 9.28
N PHE A 40 -2.59 -4.47 9.21
CA PHE A 40 -2.18 -3.72 8.01
C PHE A 40 -0.64 -3.62 7.92
N LEU A 41 0.05 -3.64 9.09
CA LEU A 41 1.52 -3.70 9.15
C LEU A 41 2.01 -5.00 8.49
N ASP A 42 1.29 -6.09 8.81
CA ASP A 42 1.54 -7.44 8.28
C ASP A 42 1.27 -7.48 6.76
N ILE A 43 0.19 -6.80 6.32
CA ILE A 43 -0.13 -6.62 4.88
C ILE A 43 0.97 -5.83 4.17
N ALA A 44 1.50 -4.80 4.85
CA ALA A 44 2.46 -3.86 4.27
C ALA A 44 3.83 -4.54 4.10
N PHE A 45 4.15 -5.47 5.02
CA PHE A 45 5.37 -6.31 4.95
C PHE A 45 5.22 -7.35 3.83
N ALA A 46 3.98 -7.81 3.61
CA ALA A 46 3.66 -8.77 2.53
C ALA A 46 3.79 -8.11 1.14
N ILE A 47 3.41 -6.82 1.07
CA ILE A 47 3.53 -5.99 -0.15
C ILE A 47 5.00 -5.59 -0.40
N ASP A 48 5.67 -5.22 0.70
CA ASP A 48 7.09 -4.79 0.73
C ASP A 48 7.98 -5.84 0.05
N LYS A 49 7.73 -7.09 0.42
CA LYS A 49 8.46 -8.26 -0.08
C LYS A 49 7.99 -8.69 -1.47
N ALA A 50 6.65 -8.62 -1.72
CA ALA A 50 6.04 -8.96 -3.03
C ALA A 50 6.64 -8.15 -4.20
N PHE A 51 6.53 -6.82 -4.12
CA PHE A 51 7.02 -5.90 -5.18
C PHE A 51 8.52 -5.60 -5.02
N GLY A 52 9.14 -6.10 -3.92
CA GLY A 52 10.56 -5.88 -3.65
C GLY A 52 10.93 -4.42 -3.41
N ILE A 53 10.02 -3.69 -2.75
CA ILE A 53 10.19 -2.24 -2.46
C ILE A 53 10.10 -1.96 -0.97
N LYS A 54 10.77 -0.91 -0.51
CA LYS A 54 10.73 -0.47 0.89
C LYS A 54 9.57 0.51 1.05
N LEU A 55 8.43 0.07 1.63
CA LEU A 55 7.33 0.98 1.99
C LEU A 55 7.76 1.84 3.19
N PRO A 56 7.76 3.20 3.08
CA PRO A 56 7.91 4.08 4.25
C PRO A 56 6.56 4.19 5.00
N LEU A 57 6.04 3.02 5.42
CA LEU A 57 4.71 2.84 6.03
C LEU A 57 4.66 3.61 7.36
N GLU A 58 5.74 3.49 8.15
CA GLU A 58 5.85 4.13 9.48
C GLU A 58 5.90 5.66 9.33
N LYS A 59 6.57 6.15 8.27
CA LYS A 59 6.59 7.59 7.94
C LYS A 59 5.16 8.07 7.64
N TRP A 60 4.45 7.29 6.78
CA TRP A 60 3.06 7.57 6.39
C TRP A 60 2.15 7.62 7.62
N THR A 61 2.41 6.71 8.57
CA THR A 61 1.66 6.59 9.83
C THR A 61 1.87 7.87 10.68
N GLN A 62 3.10 8.42 10.68
CA GLN A 62 3.44 9.61 11.46
C GLN A 62 2.83 10.86 10.80
N GLU A 63 2.78 10.87 9.45
CA GLU A 63 2.19 11.97 8.66
C GLU A 63 0.67 12.06 8.90
N VAL A 64 0.01 10.89 8.89
CA VAL A 64 -1.44 10.78 9.14
C VAL A 64 -1.78 11.36 10.54
N ASN A 65 -1.13 10.84 11.57
CA ASN A 65 -1.40 11.23 12.97
C ASN A 65 -0.95 12.68 13.28
N ASP A 66 0.08 13.19 12.59
CA ASP A 66 0.58 14.58 12.79
C ASP A 66 -0.28 15.61 12.03
N GLY A 67 -1.22 15.12 11.20
CA GLY A 67 -2.03 15.99 10.33
C GLY A 67 -1.29 16.49 9.08
N LYS A 68 -0.07 15.97 8.83
CA LYS A 68 0.69 16.23 7.57
C LYS A 68 -0.08 15.66 6.37
N ALA A 69 -0.80 14.57 6.65
CA ALA A 69 -1.67 13.88 5.70
C ALA A 69 -2.88 13.30 6.47
N THR A 70 -3.85 12.80 5.73
CA THR A 70 -5.01 12.10 6.29
C THR A 70 -4.88 10.60 6.02
N THR A 71 -5.76 9.80 6.65
CA THR A 71 -5.73 8.32 6.56
C THR A 71 -5.84 7.86 5.09
N GLU A 72 -6.95 8.22 4.44
CA GLU A 72 -7.28 7.83 3.05
C GLU A 72 -6.19 8.15 1.99
N GLN A 73 -5.37 9.20 2.27
CA GLN A 73 -4.19 9.58 1.42
C GLN A 73 -3.26 8.38 1.14
N TYR A 74 -3.12 7.48 2.12
CA TYR A 74 -2.25 6.29 2.01
C TYR A 74 -3.05 4.99 2.13
N PHE A 75 -4.15 5.01 2.89
CA PHE A 75 -4.87 3.79 3.29
C PHE A 75 -6.11 3.52 2.41
N VAL A 76 -6.24 4.22 1.27
CA VAL A 76 -7.18 3.81 0.20
C VAL A 76 -6.38 3.00 -0.83
N LEU A 77 -6.93 1.85 -1.26
CA LEU A 77 -6.21 0.84 -2.04
C LEU A 77 -5.56 1.37 -3.33
N LYS A 78 -6.24 2.29 -4.05
CA LYS A 78 -5.70 2.90 -5.29
C LYS A 78 -4.57 3.92 -4.96
N ASN A 79 -4.71 4.63 -3.82
CA ASN A 79 -3.70 5.61 -3.34
C ASN A 79 -2.43 4.88 -2.87
N LEU A 80 -2.65 3.79 -2.13
CA LEU A 80 -1.61 2.88 -1.66
C LEU A 80 -0.86 2.28 -2.85
N ALA A 81 -1.63 1.82 -3.86
CA ALA A 81 -1.10 1.21 -5.09
C ALA A 81 -0.23 2.21 -5.88
N ALA A 82 -0.63 3.49 -5.85
CA ALA A 82 0.11 4.58 -6.50
C ALA A 82 1.46 4.80 -5.79
N ARG A 83 1.44 4.72 -4.45
CA ARG A 83 2.64 4.88 -3.59
C ARG A 83 3.66 3.74 -3.81
N ILE A 84 3.13 2.52 -3.93
CA ILE A 84 3.95 1.30 -4.17
C ILE A 84 4.62 1.39 -5.55
N ASP A 85 3.82 1.76 -6.57
CA ASP A 85 4.27 1.91 -7.96
C ASP A 85 5.31 3.05 -8.09
N GLU A 86 5.14 4.09 -7.26
CA GLU A 86 6.09 5.21 -7.14
C GLU A 86 7.45 4.71 -6.62
N LEU A 87 7.41 3.79 -5.64
CA LEU A 87 8.61 3.16 -5.06
C LEU A 87 9.27 2.19 -6.04
N VAL A 88 8.45 1.52 -6.91
CA VAL A 88 8.97 0.58 -7.94
C VAL A 88 9.68 1.37 -9.05
N ALA A 89 9.18 2.60 -9.32
CA ALA A 89 9.83 3.54 -10.25
C ALA A 89 11.20 3.97 -9.70
N ALA A 90 11.23 4.35 -8.42
CA ALA A 90 12.46 4.73 -7.70
C ALA A 90 13.44 3.54 -7.57
N LYS A 91 12.87 2.33 -7.45
CA LYS A 91 13.63 1.07 -7.27
C LYS A 91 14.45 0.74 -8.53
N GLY A 92 13.84 0.99 -9.71
CA GLY A 92 14.44 0.67 -11.02
C GLY A 92 15.83 1.25 -11.28
N ALA A 93 16.20 2.28 -10.51
CA ALA A 93 17.53 2.92 -10.58
C ALA A 93 18.10 3.19 -9.16
N LEU A 94 17.35 2.77 -8.11
CA LEU A 94 17.73 2.95 -6.68
C LEU A 94 17.97 4.43 -6.35
N GLU A 95 17.08 5.27 -6.90
CA GLU A 95 17.11 6.73 -6.76
C GLU A 95 16.68 7.15 -5.35
N HIS A 96 17.64 7.65 -4.57
CA HIS A 96 17.36 8.29 -3.29
C HIS A 96 16.77 9.70 -3.59
N HIS A 97 15.43 9.73 -3.72
CA HIS A 97 14.67 10.93 -4.15
C HIS A 97 14.78 12.10 -3.14
N HIS A 98 15.12 11.78 -1.87
CA HIS A 98 15.35 12.79 -0.81
C HIS A 98 16.82 13.25 -0.87
N HIS A 99 17.19 13.90 -1.99
CA HIS A 99 18.57 14.39 -2.25
C HIS A 99 18.54 15.33 -3.47
N HIS A 100 18.19 16.60 -3.22
CA HIS A 100 18.14 17.65 -4.24
C HIS A 100 19.47 18.42 -4.25
N HIS A 101 20.00 18.72 -5.44
CA HIS A 101 21.20 19.57 -5.59
C HIS A 101 20.77 20.97 -6.10
P24 PNS B . -0.59 1.13 14.26
O25 PNS B . -0.82 1.75 12.94
O26 PNS B . 0.79 1.14 14.75
O27 PNS B . -1.58 1.80 15.36
C28 PNS B . -1.75 1.27 16.69
C29 PNS B . -3.00 1.90 17.40
C30 PNS B . -3.33 1.10 18.70
C31 PNS B . -4.22 1.81 16.43
C32 PNS B . -2.70 3.43 17.72
O33 PNS B . -3.87 4.03 18.32
C34 PNS B . -1.50 3.58 18.69
O35 PNS B . -0.36 3.77 18.23
N36 PNS B . -1.75 3.46 20.01
C37 PNS B . -0.71 3.58 21.07
C38 PNS B . -0.49 5.03 21.59
C39 PNS B . 0.36 5.94 20.68
O40 PNS B . 1.48 6.32 21.03
N41 PNS B . -0.19 6.28 19.50
C42 PNS B . 0.49 7.14 18.49
C43 PNS B . -0.22 7.08 17.15
S44 PNS B . -1.99 7.41 17.29
H282 PNS B . -1.87 0.20 16.63
H281 PNS B . -0.85 1.50 17.26
H303 PNS B . -3.54 0.06 18.44
H302 PNS B . -2.50 1.13 19.37
H301 PNS B . -4.21 1.52 19.18
H313 PNS B . -4.01 2.39 15.53
H312 PNS B . -4.40 0.79 16.15
H311 PNS B . -5.10 2.23 16.91
H32 PNS B . -2.49 3.94 16.80
H33 PNS B . -3.62 4.50 19.12
H36 PNS B . -2.67 3.27 20.29
H372 PNS B . -1.03 2.97 21.91
H371 PNS B . 0.24 3.20 20.70
H382 PNS B . -1.46 5.50 21.72
H381 PNS B . -0.01 4.97 22.56
H41 PNS B . -1.10 5.97 19.28
H422 PNS B . 0.49 8.16 18.86
H421 PNS B . 1.51 6.81 18.37
H431 PNS B . -0.11 6.09 16.72
H432 PNS B . 0.19 7.81 16.48
H44 PNS B . -2.22 8.64 16.88
#